data_1MLV
#
_entry.id   1MLV
#
_cell.length_a   132.160
_cell.length_b   156.680
_cell.length_c   268.440
_cell.angle_alpha   90.00
_cell.angle_beta   90.00
_cell.angle_gamma   90.00
#
_symmetry.space_group_name_H-M   'I 2 2 2'
#
loop_
_entity.id
_entity.type
_entity.pdbx_description
1 polymer 'Ribulose-1,5 biphosphate carboxylase/oxygenase large subunit N-methyltransferase'
2 non-polymer S-ADENOSYL-L-HOMOCYSTEINE
3 non-polymer '4-(2-HYDROXYETHYL)-1-PIPERAZINE ETHANESULFONIC ACID'
4 water water
#
_entity_poly.entity_id   1
_entity_poly.type   'polypeptide(L)'
_entity_poly.pdbx_seq_one_letter_code
;MTEPSLSPAVQTFWKWLQEEGVITAKTPVKASVVTEGLGLVALKDISRNDVILQVPKRLWINPDAVAASEIGRVCSELKP
WLSVILFLIRERSREDSVWKHYFGILPQETDSTIYWSEEELQELQGSQLLKTTVSVKEYVKNECLKLEQEIILPNKRLFP
DPVTLDDFFWAFGILRSRAFSRLRNENLVVVPMADLINHSAGVTTEDHAYEVKGAAGLFSWDYLFSLKSPLSVKAGEQVY
IQYDLNKSNAELALDYGFIEPNENRHAYTLTLEISESDPFFDDKLDVAESNGFAQTAYFDIFYNRTLPPGLLPYLRLVAL
GGTDAFLLESLFRDTIWGHLELSVSRDNEELLCKAVREACKSALAGYHTTIEQDRELKEGNLDSRLAIAVGIREGEKMVL
QQIDGIFEQKELELDQLEYYQERRLKDLGLCGENGDILENLYFQ
;
_entity_poly.pdbx_strand_id   A,B,C
#
# COMPACT_ATOMS: atom_id res chain seq x y z
N LEU A 6 54.05 -38.79 37.24
CA LEU A 6 53.33 -38.10 36.13
C LEU A 6 52.50 -39.11 35.34
N SER A 7 53.03 -39.56 34.20
CA SER A 7 52.34 -40.54 33.36
C SER A 7 53.30 -41.16 32.33
N PRO A 8 53.24 -42.50 32.16
CA PRO A 8 54.08 -43.23 31.21
C PRO A 8 54.16 -42.57 29.83
N ALA A 9 53.05 -42.60 29.10
CA ALA A 9 52.97 -42.03 27.77
C ALA A 9 53.62 -40.64 27.69
N VAL A 10 53.40 -39.83 28.71
CA VAL A 10 53.98 -38.48 28.73
C VAL A 10 55.49 -38.56 28.60
N GLN A 11 56.11 -39.47 29.35
CA GLN A 11 57.56 -39.62 29.32
C GLN A 11 58.04 -40.25 28.00
N THR A 12 57.29 -41.24 27.51
CA THR A 12 57.63 -41.91 26.25
C THR A 12 57.55 -40.89 25.10
N PHE A 13 56.87 -39.78 25.36
CA PHE A 13 56.72 -38.72 24.37
C PHE A 13 57.74 -37.61 24.66
N TRP A 14 57.94 -37.31 25.94
CA TRP A 14 58.89 -36.26 26.30
C TRP A 14 60.27 -36.69 25.83
N LYS A 15 60.68 -37.89 26.23
CA LYS A 15 61.99 -38.40 25.84
C LYS A 15 62.15 -38.37 24.32
N TRP A 16 61.18 -38.94 23.62
CA TRP A 16 61.21 -38.98 22.16
C TRP A 16 61.48 -37.61 21.54
N LEU A 17 61.32 -36.55 22.35
CA LEU A 17 61.55 -35.19 21.88
C LEU A 17 63.00 -34.77 22.12
N GLN A 18 63.60 -35.34 23.16
CA GLN A 18 65.00 -35.09 23.45
C GLN A 18 65.84 -35.90 22.48
N GLU A 19 65.31 -37.08 22.13
CA GLU A 19 65.96 -38.03 21.22
C GLU A 19 65.77 -37.68 19.77
N GLU A 20 65.11 -36.56 19.54
CA GLU A 20 64.88 -36.05 18.20
C GLU A 20 65.67 -34.75 18.10
N GLY A 21 66.18 -34.28 19.23
CA GLY A 21 66.98 -33.07 19.20
C GLY A 21 66.14 -31.87 19.57
N VAL A 22 64.84 -32.06 19.48
CA VAL A 22 63.89 -30.99 19.77
C VAL A 22 64.08 -30.27 21.09
N ILE A 23 63.59 -30.85 22.17
CA ILE A 23 63.69 -30.23 23.48
C ILE A 23 65.13 -30.27 23.95
N THR A 24 65.76 -29.10 24.00
CA THR A 24 67.14 -29.02 24.42
C THR A 24 67.28 -29.13 25.93
N ALA A 25 68.38 -28.63 26.47
CA ALA A 25 68.61 -28.68 27.90
C ALA A 25 68.11 -27.38 28.52
N LYS A 26 68.11 -26.31 27.74
CA LYS A 26 67.65 -25.01 28.22
C LYS A 26 66.31 -24.59 27.62
N THR A 27 65.27 -25.36 27.93
CA THR A 27 63.91 -25.08 27.49
C THR A 27 63.07 -25.05 28.76
N PRO A 28 62.82 -23.84 29.30
CA PRO A 28 62.04 -23.64 30.52
C PRO A 28 60.57 -23.96 30.33
N VAL A 29 60.24 -25.23 30.42
CA VAL A 29 58.87 -25.63 30.23
C VAL A 29 58.70 -27.14 30.26
N LYS A 30 58.14 -27.66 31.34
CA LYS A 30 57.92 -29.09 31.45
C LYS A 30 56.47 -29.34 31.05
N ALA A 31 56.10 -30.60 30.93
CA ALA A 31 54.74 -30.94 30.57
C ALA A 31 54.12 -31.62 31.76
N SER A 32 53.16 -30.95 32.40
CA SER A 32 52.50 -31.53 33.57
C SER A 32 50.99 -31.60 33.39
N VAL A 33 50.32 -32.23 34.35
CA VAL A 33 48.88 -32.38 34.31
C VAL A 33 48.21 -31.18 34.97
N VAL A 34 47.38 -30.50 34.21
CA VAL A 34 46.66 -29.33 34.68
C VAL A 34 45.15 -29.56 34.58
N THR A 35 44.37 -28.70 35.22
CA THR A 35 42.92 -28.83 35.20
C THR A 35 42.42 -29.04 33.77
N GLU A 36 43.13 -28.47 32.80
CA GLU A 36 42.75 -28.60 31.41
C GLU A 36 43.46 -29.75 30.68
N GLY A 37 43.85 -30.78 31.42
CA GLY A 37 44.52 -31.93 30.82
C GLY A 37 46.03 -31.89 30.89
N LEU A 38 46.66 -31.75 29.73
CA LEU A 38 48.11 -31.68 29.64
C LEU A 38 48.46 -30.24 29.32
N GLY A 39 49.55 -29.76 29.89
CA GLY A 39 49.94 -28.39 29.62
C GLY A 39 51.42 -28.13 29.84
N LEU A 40 51.85 -26.93 29.49
CA LEU A 40 53.25 -26.54 29.64
C LEU A 40 53.42 -25.64 30.85
N VAL A 41 54.17 -26.12 31.84
CA VAL A 41 54.44 -25.36 33.06
C VAL A 41 55.88 -24.86 33.05
N ALA A 42 56.05 -23.55 33.11
CA ALA A 42 57.37 -22.93 33.10
C ALA A 42 58.31 -23.53 34.13
N LEU A 43 59.43 -24.07 33.65
CA LEU A 43 60.43 -24.69 34.51
C LEU A 43 61.15 -23.62 35.30
N LYS A 44 60.98 -22.38 34.86
CA LYS A 44 61.58 -21.25 35.53
C LYS A 44 60.94 -19.97 35.00
N ASP A 45 61.18 -18.86 35.69
CA ASP A 45 60.62 -17.59 35.27
C ASP A 45 60.83 -17.33 33.78
N ILE A 46 59.73 -17.09 33.08
CA ILE A 46 59.77 -16.80 31.66
C ILE A 46 59.29 -15.37 31.52
N SER A 47 59.50 -14.77 30.37
CA SER A 47 59.06 -13.40 30.19
C SER A 47 58.47 -13.15 28.81
N ARG A 48 57.69 -12.08 28.70
CA ARG A 48 57.04 -11.72 27.45
C ARG A 48 57.94 -11.91 26.23
N ASN A 49 57.41 -12.63 25.24
CA ASN A 49 58.10 -12.92 23.98
C ASN A 49 59.25 -13.92 24.03
N ASP A 50 59.45 -14.57 25.17
CA ASP A 50 60.52 -15.57 25.29
C ASP A 50 60.18 -16.81 24.49
N VAL A 51 61.17 -17.38 23.81
CA VAL A 51 60.93 -18.59 23.03
C VAL A 51 60.80 -19.77 23.98
N ILE A 52 59.64 -20.44 23.91
CA ILE A 52 59.34 -21.58 24.77
C ILE A 52 59.90 -22.88 24.22
N LEU A 53 59.76 -23.07 22.91
CA LEU A 53 60.22 -24.30 22.28
C LEU A 53 60.24 -24.14 20.76
N GLN A 54 60.84 -25.12 20.07
CA GLN A 54 60.92 -25.10 18.61
C GLN A 54 60.90 -26.52 18.06
N VAL A 55 60.25 -26.70 16.92
CA VAL A 55 60.10 -28.02 16.29
C VAL A 55 60.40 -27.97 14.79
N PRO A 56 61.08 -29.01 14.26
CA PRO A 56 61.49 -29.20 12.85
C PRO A 56 60.37 -29.52 11.88
N LYS A 57 60.34 -28.83 10.73
CA LYS A 57 59.30 -29.08 9.72
C LYS A 57 59.22 -30.58 9.44
N ARG A 58 60.28 -31.27 9.80
CA ARG A 58 60.39 -32.71 9.65
C ARG A 58 59.24 -33.38 10.43
N LEU A 59 58.76 -32.67 11.45
CA LEU A 59 57.70 -33.17 12.31
C LEU A 59 56.27 -32.65 12.09
N TRP A 60 56.07 -31.74 11.13
CA TRP A 60 54.73 -31.23 10.84
C TRP A 60 53.83 -32.41 10.46
N ILE A 61 52.62 -32.08 10.01
CA ILE A 61 51.64 -33.04 9.52
C ILE A 61 50.67 -32.17 8.73
N ASN A 62 51.12 -31.72 7.56
CA ASN A 62 50.32 -30.84 6.71
C ASN A 62 50.06 -31.45 5.34
N PRO A 63 49.23 -30.77 4.51
CA PRO A 63 48.91 -31.25 3.17
C PRO A 63 50.15 -31.67 2.34
N ASP A 64 51.31 -31.15 2.72
CA ASP A 64 52.55 -31.50 2.04
C ASP A 64 53.04 -32.84 2.53
N ALA A 65 52.83 -33.11 3.81
CA ALA A 65 53.25 -34.39 4.37
C ALA A 65 52.46 -35.54 3.74
N VAL A 66 51.16 -35.33 3.51
CA VAL A 66 50.32 -36.37 2.91
C VAL A 66 50.62 -36.50 1.42
N ALA A 67 50.95 -35.39 0.77
CA ALA A 67 51.27 -35.41 -0.66
C ALA A 67 52.61 -36.12 -0.86
N ALA A 68 53.55 -35.86 0.05
CA ALA A 68 54.88 -36.47 0.00
C ALA A 68 54.90 -37.80 0.73
N SER A 69 53.79 -38.51 0.72
CA SER A 69 53.72 -39.80 1.38
C SER A 69 53.11 -40.81 0.43
N GLU A 70 53.02 -42.04 0.90
CA GLU A 70 52.48 -43.13 0.10
C GLU A 70 51.07 -42.91 -0.44
N ILE A 71 50.26 -42.11 0.26
CA ILE A 71 48.89 -41.86 -0.18
C ILE A 71 48.67 -40.51 -0.86
N GLY A 72 49.75 -39.76 -1.05
CA GLY A 72 49.61 -38.46 -1.68
C GLY A 72 49.02 -38.53 -3.07
N ARG A 73 49.36 -39.58 -3.79
CA ARG A 73 48.89 -39.78 -5.16
C ARG A 73 47.36 -39.87 -5.19
N VAL A 74 46.81 -40.79 -4.39
CA VAL A 74 45.35 -41.01 -4.33
C VAL A 74 44.56 -39.84 -3.72
N CYS A 75 45.22 -39.01 -2.92
CA CYS A 75 44.57 -37.86 -2.29
C CYS A 75 44.88 -36.56 -3.03
N SER A 76 45.54 -36.72 -4.17
CA SER A 76 45.93 -35.59 -5.00
C SER A 76 44.79 -34.62 -5.27
N GLU A 77 43.57 -35.13 -5.35
CA GLU A 77 42.41 -34.28 -5.64
C GLU A 77 41.61 -33.81 -4.44
N LEU A 78 41.60 -34.60 -3.36
CA LEU A 78 40.85 -34.25 -2.17
C LEU A 78 41.17 -32.87 -1.60
N LYS A 79 40.22 -32.31 -0.86
CA LYS A 79 40.44 -31.02 -0.22
C LYS A 79 41.49 -31.30 0.88
N PRO A 80 42.24 -30.26 1.29
CA PRO A 80 43.28 -30.43 2.32
C PRO A 80 42.88 -31.09 3.66
N TRP A 81 41.73 -30.71 4.23
CA TRP A 81 41.32 -31.30 5.50
C TRP A 81 40.92 -32.76 5.37
N LEU A 82 40.39 -33.15 4.22
CA LEU A 82 40.02 -34.54 3.97
C LEU A 82 41.31 -35.34 3.82
N SER A 83 42.30 -34.74 3.18
CA SER A 83 43.58 -35.40 2.97
C SER A 83 44.25 -35.70 4.31
N VAL A 84 44.30 -34.68 5.17
CA VAL A 84 44.95 -34.83 6.46
C VAL A 84 44.32 -35.89 7.38
N ILE A 85 42.99 -35.95 7.36
CA ILE A 85 42.26 -36.92 8.17
C ILE A 85 42.75 -38.33 7.81
N LEU A 86 42.70 -38.67 6.52
CA LEU A 86 43.14 -39.98 6.01
C LEU A 86 44.59 -40.32 6.40
N PHE A 87 45.46 -39.31 6.36
CA PHE A 87 46.86 -39.48 6.72
C PHE A 87 46.93 -39.80 8.21
N LEU A 88 46.18 -39.05 9.01
CA LEU A 88 46.15 -39.22 10.46
C LEU A 88 45.64 -40.60 10.86
N ILE A 89 44.49 -40.98 10.29
CA ILE A 89 43.88 -42.27 10.58
C ILE A 89 44.89 -43.37 10.25
N ARG A 90 45.45 -43.30 9.03
CA ARG A 90 46.41 -44.28 8.54
C ARG A 90 47.72 -44.32 9.35
N GLU A 91 48.29 -43.15 9.62
CA GLU A 91 49.52 -43.09 10.38
C GLU A 91 49.31 -43.71 11.75
N ARG A 92 48.10 -43.54 12.27
CA ARG A 92 47.73 -44.06 13.58
C ARG A 92 47.79 -45.59 13.61
N SER A 93 47.39 -46.21 12.51
CA SER A 93 47.39 -47.67 12.41
C SER A 93 48.79 -48.27 12.31
N ARG A 94 49.66 -47.62 11.55
CA ARG A 94 51.04 -48.08 11.37
C ARG A 94 51.86 -47.98 12.66
N GLU A 95 52.18 -49.13 13.24
CA GLU A 95 52.97 -49.17 14.48
C GLU A 95 54.44 -48.94 14.18
N ASP A 96 54.69 -48.17 13.13
CA ASP A 96 56.05 -47.82 12.71
C ASP A 96 56.02 -46.40 12.15
N SER A 97 55.00 -45.65 12.55
CA SER A 97 54.85 -44.26 12.11
C SER A 97 55.75 -43.32 12.89
N VAL A 98 56.17 -42.24 12.23
CA VAL A 98 57.02 -41.24 12.84
C VAL A 98 56.41 -40.76 14.16
N TRP A 99 55.09 -40.63 14.18
CA TRP A 99 54.35 -40.15 15.35
C TRP A 99 53.65 -41.26 16.13
N LYS A 100 54.37 -42.34 16.39
CA LYS A 100 53.83 -43.47 17.13
C LYS A 100 53.59 -43.03 18.58
N HIS A 101 54.55 -42.28 19.12
CA HIS A 101 54.50 -41.79 20.50
C HIS A 101 53.64 -40.53 20.64
N TYR A 102 53.51 -39.78 19.55
CA TYR A 102 52.68 -38.59 19.56
C TYR A 102 51.23 -39.04 19.59
N PHE A 103 50.93 -40.12 18.86
CA PHE A 103 49.56 -40.68 18.85
C PHE A 103 49.24 -41.31 20.20
N GLY A 104 50.30 -41.67 20.94
CA GLY A 104 50.11 -42.29 22.24
C GLY A 104 49.75 -41.29 23.32
N ILE A 105 49.82 -40.00 22.98
CA ILE A 105 49.50 -38.92 23.93
C ILE A 105 48.18 -38.22 23.60
N LEU A 106 47.81 -38.21 22.32
CA LEU A 106 46.57 -37.58 21.92
C LEU A 106 45.37 -38.17 22.66
N PRO A 107 44.51 -37.31 23.21
CA PRO A 107 43.30 -37.72 23.94
C PRO A 107 42.38 -38.42 22.96
N GLN A 108 41.71 -39.47 23.41
CA GLN A 108 40.82 -40.19 22.51
C GLN A 108 39.60 -39.34 22.20
N GLU A 109 39.38 -38.30 23.00
CA GLU A 109 38.24 -37.41 22.81
C GLU A 109 38.42 -36.04 23.49
N THR A 110 37.60 -35.07 23.11
CA THR A 110 37.64 -33.75 23.74
C THR A 110 36.20 -33.51 24.16
N ASP A 111 35.87 -32.29 24.56
CA ASP A 111 34.49 -32.02 24.94
C ASP A 111 33.73 -31.34 23.83
N SER A 112 34.33 -31.36 22.63
CA SER A 112 33.72 -30.78 21.45
C SER A 112 32.39 -31.49 21.21
N THR A 113 31.36 -30.70 20.92
CA THR A 113 30.03 -31.25 20.70
C THR A 113 29.96 -32.39 19.68
N ILE A 114 31.02 -32.59 18.91
CA ILE A 114 31.00 -33.66 17.92
C ILE A 114 31.12 -35.04 18.56
N TYR A 115 31.39 -35.09 19.87
CA TYR A 115 31.51 -36.37 20.55
C TYR A 115 30.39 -36.64 21.56
N TRP A 116 29.59 -35.61 21.81
CA TRP A 116 28.49 -35.70 22.76
C TRP A 116 27.51 -36.81 22.43
N SER A 117 27.07 -37.51 23.46
CA SER A 117 26.09 -38.57 23.32
C SER A 117 24.76 -37.92 23.01
N GLU A 118 23.74 -38.74 22.75
CA GLU A 118 22.43 -38.20 22.44
C GLU A 118 21.83 -37.47 23.64
N GLU A 119 22.12 -37.95 24.85
CA GLU A 119 21.58 -37.31 26.06
C GLU A 119 22.23 -35.95 26.25
N GLU A 120 23.55 -35.92 26.15
CA GLU A 120 24.31 -34.69 26.32
C GLU A 120 23.87 -33.63 25.31
N LEU A 121 23.59 -34.07 24.08
CA LEU A 121 23.17 -33.15 23.05
C LEU A 121 21.76 -32.61 23.26
N GLN A 122 20.94 -33.33 24.03
CA GLN A 122 19.58 -32.86 24.26
C GLN A 122 19.61 -31.63 25.14
N GLU A 123 20.77 -31.39 25.75
CA GLU A 123 20.94 -30.25 26.62
C GLU A 123 21.07 -28.97 25.79
N LEU A 124 21.25 -29.15 24.48
CA LEU A 124 21.38 -28.04 23.54
C LEU A 124 20.15 -27.90 22.64
N GLN A 125 19.06 -28.55 23.01
CA GLN A 125 17.83 -28.51 22.25
C GLN A 125 17.41 -27.09 21.89
N GLY A 126 17.22 -26.83 20.60
CA GLY A 126 16.80 -25.52 20.16
C GLY A 126 17.93 -24.54 19.93
N SER A 127 19.13 -24.91 20.34
CA SER A 127 20.28 -24.02 20.18
C SER A 127 20.79 -24.02 18.75
N GLN A 128 21.45 -22.94 18.35
CA GLN A 128 22.02 -22.86 17.01
C GLN A 128 23.29 -23.70 17.00
N LEU A 129 23.87 -23.95 18.17
CA LEU A 129 25.08 -24.74 18.21
C LEU A 129 24.73 -26.17 17.84
N LEU A 130 23.56 -26.65 18.25
CA LEU A 130 23.15 -28.02 17.93
C LEU A 130 22.96 -28.13 16.42
N LYS A 131 22.19 -27.20 15.86
CA LYS A 131 21.96 -27.18 14.43
C LYS A 131 23.31 -27.22 13.73
N THR A 132 24.21 -26.35 14.15
CA THR A 132 25.53 -26.30 13.55
C THR A 132 26.33 -27.58 13.73
N THR A 133 26.23 -28.20 14.89
CA THR A 133 26.98 -29.43 15.15
C THR A 133 26.40 -30.62 14.37
N VAL A 134 25.07 -30.67 14.32
CA VAL A 134 24.38 -31.74 13.60
C VAL A 134 24.75 -31.62 12.13
N SER A 135 24.57 -30.42 11.60
CA SER A 135 24.88 -30.10 10.20
C SER A 135 26.34 -30.42 9.83
N VAL A 136 27.26 -30.12 10.73
CA VAL A 136 28.67 -30.38 10.47
C VAL A 136 28.94 -31.86 10.54
N LYS A 137 28.34 -32.52 11.53
CA LYS A 137 28.56 -33.95 11.71
C LYS A 137 28.14 -34.72 10.48
N GLU A 138 26.92 -34.43 10.01
CA GLU A 138 26.38 -35.11 8.84
C GLU A 138 27.27 -34.88 7.62
N TYR A 139 27.66 -33.62 7.39
CA TYR A 139 28.51 -33.28 6.24
C TYR A 139 29.89 -33.98 6.28
N VAL A 140 30.50 -34.08 7.45
CA VAL A 140 31.78 -34.74 7.53
C VAL A 140 31.54 -36.23 7.27
N LYS A 141 30.34 -36.69 7.63
CA LYS A 141 30.00 -38.09 7.42
C LYS A 141 29.87 -38.42 5.93
N ASN A 142 29.02 -37.68 5.22
CA ASN A 142 28.85 -37.93 3.80
C ASN A 142 30.20 -37.85 3.10
N GLU A 143 31.00 -36.87 3.48
CA GLU A 143 32.33 -36.70 2.89
C GLU A 143 33.26 -37.86 3.19
N CYS A 144 33.14 -38.44 4.38
CA CYS A 144 34.01 -39.53 4.75
C CYS A 144 33.54 -40.90 4.24
N LEU A 145 32.27 -40.99 3.87
CA LEU A 145 31.72 -42.24 3.33
C LEU A 145 32.05 -42.28 1.85
N LYS A 146 32.26 -41.09 1.30
CA LYS A 146 32.59 -40.90 -0.09
C LYS A 146 34.08 -41.22 -0.24
N LEU A 147 34.87 -40.88 0.78
CA LEU A 147 36.30 -41.14 0.78
C LEU A 147 36.53 -42.62 0.90
N GLU A 148 35.60 -43.30 1.56
CA GLU A 148 35.70 -44.74 1.77
C GLU A 148 35.57 -45.56 0.47
N GLN A 149 34.59 -45.19 -0.35
CA GLN A 149 34.34 -45.88 -1.61
C GLN A 149 35.16 -45.39 -2.78
N GLU A 150 35.68 -44.17 -2.66
CA GLU A 150 36.49 -43.59 -3.73
C GLU A 150 38.00 -43.75 -3.55
N ILE A 151 38.46 -43.89 -2.31
CA ILE A 151 39.91 -44.03 -2.08
C ILE A 151 40.28 -45.17 -1.16
N ILE A 152 39.58 -45.27 -0.03
CA ILE A 152 39.84 -46.29 0.99
C ILE A 152 39.61 -47.73 0.56
N LEU A 153 38.51 -47.96 -0.15
CA LEU A 153 38.17 -49.31 -0.61
C LEU A 153 38.94 -49.71 -1.87
N PRO A 154 38.95 -48.84 -2.90
CA PRO A 154 39.68 -49.16 -4.14
C PRO A 154 41.20 -49.22 -3.95
N ASN A 155 41.66 -49.12 -2.70
CA ASN A 155 43.08 -49.17 -2.41
C ASN A 155 43.39 -49.91 -1.11
N LYS A 156 42.70 -51.03 -0.84
CA LYS A 156 42.89 -51.76 0.40
C LYS A 156 44.38 -52.09 0.70
N ARG A 157 45.26 -51.82 -0.26
CA ARG A 157 46.70 -52.11 -0.04
C ARG A 157 47.26 -51.06 0.89
N LEU A 158 46.97 -49.80 0.56
CA LEU A 158 47.46 -48.67 1.34
C LEU A 158 46.68 -48.54 2.66
N PHE A 159 45.38 -48.83 2.61
CA PHE A 159 44.52 -48.76 3.79
C PHE A 159 44.16 -50.20 4.20
N PRO A 160 45.05 -50.86 4.95
CA PRO A 160 44.85 -52.24 5.40
C PRO A 160 43.59 -52.43 6.27
N ASP A 161 43.66 -51.94 7.51
CA ASP A 161 42.57 -52.04 8.48
C ASP A 161 41.35 -51.23 8.07
N PRO A 162 40.15 -51.66 8.50
CA PRO A 162 38.91 -50.95 8.16
C PRO A 162 38.88 -49.56 8.81
N VAL A 163 38.00 -48.70 8.31
CA VAL A 163 37.87 -47.36 8.86
C VAL A 163 36.40 -47.06 9.14
N THR A 164 36.11 -46.80 10.42
CA THR A 164 34.77 -46.51 10.92
C THR A 164 34.53 -45.00 11.04
N LEU A 165 33.28 -44.60 11.24
CA LEU A 165 32.96 -43.19 11.39
C LEU A 165 33.71 -42.66 12.59
N ASP A 166 33.92 -43.50 13.60
CA ASP A 166 34.65 -43.09 14.79
C ASP A 166 36.06 -42.71 14.39
N ASP A 167 36.65 -43.51 13.52
CA ASP A 167 38.01 -43.25 13.06
C ASP A 167 38.11 -41.87 12.45
N PHE A 168 37.19 -41.56 11.54
CA PHE A 168 37.18 -40.25 10.91
C PHE A 168 37.03 -39.13 11.97
N PHE A 169 35.89 -39.11 12.67
CA PHE A 169 35.61 -38.10 13.70
C PHE A 169 36.76 -37.87 14.68
N TRP A 170 37.45 -38.94 15.05
CA TRP A 170 38.59 -38.81 15.94
C TRP A 170 39.60 -37.84 15.30
N ALA A 171 39.87 -38.06 14.02
CA ALA A 171 40.82 -37.24 13.27
C ALA A 171 40.33 -35.82 13.03
N PHE A 172 39.11 -35.69 12.52
CA PHE A 172 38.51 -34.37 12.25
C PHE A 172 38.62 -33.49 13.48
N GLY A 173 38.51 -34.12 14.64
CA GLY A 173 38.59 -33.41 15.90
C GLY A 173 40.02 -33.00 16.20
N ILE A 174 40.92 -33.97 16.14
CA ILE A 174 42.32 -33.66 16.42
C ILE A 174 42.84 -32.54 15.54
N LEU A 175 42.24 -32.42 14.36
CA LEU A 175 42.66 -31.41 13.41
C LEU A 175 42.06 -30.05 13.80
N ARG A 176 40.78 -30.06 14.19
CA ARG A 176 40.07 -28.84 14.56
C ARG A 176 40.43 -28.24 15.92
N SER A 177 40.97 -29.03 16.82
CA SER A 177 41.32 -28.52 18.13
C SER A 177 42.82 -28.42 18.40
N ARG A 178 43.65 -28.70 17.40
CA ARG A 178 45.10 -28.62 17.60
C ARG A 178 45.92 -27.91 16.52
N ALA A 179 45.54 -28.11 15.26
CA ALA A 179 46.25 -27.50 14.14
C ALA A 179 46.41 -25.98 14.21
N PHE A 180 47.63 -25.50 13.94
CA PHE A 180 47.90 -24.06 13.94
C PHE A 180 47.54 -23.52 12.56
N SER A 181 46.52 -22.67 12.50
CA SER A 181 46.04 -22.08 11.25
C SER A 181 46.96 -20.98 10.73
N ARG A 182 46.81 -19.80 11.32
CA ARG A 182 47.59 -18.62 10.95
C ARG A 182 49.10 -18.91 10.86
N LEU A 183 49.64 -18.76 9.65
CA LEU A 183 51.06 -18.98 9.38
C LEU A 183 51.55 -17.99 8.32
N ASN A 187 46.87 -24.38 5.48
CA ASN A 187 46.76 -23.67 6.75
C ASN A 187 46.47 -24.61 7.91
N LEU A 188 46.98 -25.83 7.81
CA LEU A 188 46.77 -26.82 8.86
C LEU A 188 48.11 -27.46 9.18
N VAL A 189 48.65 -27.14 10.36
CA VAL A 189 49.93 -27.68 10.77
C VAL A 189 49.91 -28.24 12.20
N VAL A 190 50.52 -29.40 12.41
CA VAL A 190 50.58 -30.01 13.73
C VAL A 190 52.00 -29.98 14.26
N VAL A 191 52.16 -29.73 15.57
CA VAL A 191 53.50 -29.65 16.14
C VAL A 191 53.61 -30.28 17.53
N PRO A 192 53.66 -31.62 17.59
CA PRO A 192 53.77 -32.46 18.79
C PRO A 192 54.29 -31.84 20.10
N MET A 193 55.20 -30.88 20.01
CA MET A 193 55.72 -30.25 21.23
C MET A 193 54.88 -29.04 21.62
N ALA A 194 54.84 -28.04 20.74
CA ALA A 194 54.08 -26.81 21.00
C ALA A 194 52.59 -27.08 20.95
N ASP A 195 52.24 -28.31 20.59
CA ASP A 195 50.86 -28.69 20.50
C ASP A 195 50.37 -29.13 21.87
N LEU A 196 50.74 -28.34 22.88
CA LEU A 196 50.35 -28.63 24.25
C LEU A 196 49.81 -27.42 25.01
N ILE A 197 50.29 -26.21 24.69
CA ILE A 197 49.82 -25.01 25.39
C ILE A 197 48.30 -24.93 25.35
N ASN A 198 47.74 -24.44 26.45
CA ASN A 198 46.31 -24.29 26.54
C ASN A 198 45.90 -22.84 26.36
N HIS A 199 44.60 -22.61 26.24
CA HIS A 199 44.05 -21.28 26.05
C HIS A 199 43.80 -20.59 27.39
N SER A 200 43.91 -19.26 27.42
CA SER A 200 43.65 -18.49 28.63
C SER A 200 43.07 -17.12 28.27
N ALA A 201 42.01 -16.72 28.96
CA ALA A 201 41.39 -15.42 28.67
C ALA A 201 42.37 -14.30 29.04
N GLY A 202 43.39 -14.67 29.82
CA GLY A 202 44.40 -13.72 30.24
C GLY A 202 45.20 -13.18 29.07
N VAL A 203 45.50 -14.03 28.10
CA VAL A 203 46.24 -13.60 26.94
C VAL A 203 45.29 -12.80 26.06
N THR A 204 45.75 -11.64 25.58
CA THR A 204 44.93 -10.79 24.74
C THR A 204 45.71 -10.23 23.55
N THR A 205 46.86 -10.83 23.27
CA THR A 205 47.72 -10.37 22.18
C THR A 205 47.57 -11.16 20.88
N GLU A 206 47.79 -12.47 20.96
CA GLU A 206 47.71 -13.36 19.80
C GLU A 206 48.86 -13.02 18.83
N ASP A 207 50.07 -13.30 19.29
CA ASP A 207 51.29 -13.05 18.53
C ASP A 207 52.16 -14.32 18.51
N HIS A 208 51.86 -15.24 19.42
CA HIS A 208 52.57 -16.52 19.57
C HIS A 208 53.09 -17.16 18.29
N ALA A 209 52.30 -17.08 17.20
CA ALA A 209 52.67 -17.66 15.91
C ALA A 209 53.99 -17.12 15.39
N TYR A 210 54.88 -18.01 14.99
CA TYR A 210 56.20 -17.62 14.50
C TYR A 210 56.99 -18.85 14.05
N GLU A 211 57.81 -18.71 13.01
CA GLU A 211 58.61 -19.82 12.52
C GLU A 211 59.86 -19.35 11.79
N VAL A 212 61.01 -19.85 12.22
CA VAL A 212 62.29 -19.50 11.61
C VAL A 212 62.54 -20.33 10.35
N TYR A 223 62.87 -26.10 7.90
CA TYR A 223 62.14 -25.11 8.67
C TYR A 223 62.20 -25.38 10.17
N LEU A 224 61.50 -24.56 10.94
CA LEU A 224 61.46 -24.70 12.38
C LEU A 224 60.30 -23.92 13.00
N PHE A 225 59.43 -24.61 13.73
CA PHE A 225 58.28 -23.98 14.37
C PHE A 225 58.76 -23.39 15.70
N SER A 226 58.60 -22.08 15.86
CA SER A 226 59.02 -21.40 17.07
C SER A 226 57.83 -20.80 17.83
N LEU A 227 57.59 -21.31 19.04
CA LEU A 227 56.51 -20.83 19.88
C LEU A 227 57.05 -19.99 21.03
N LYS A 228 56.52 -18.79 21.18
CA LYS A 228 56.96 -17.90 22.23
C LYS A 228 55.83 -17.50 23.19
N SER A 229 56.16 -17.41 24.47
CA SER A 229 55.19 -17.05 25.51
C SER A 229 54.81 -15.59 25.46
N PRO A 230 53.51 -15.31 25.24
CA PRO A 230 53.01 -13.93 25.17
C PRO A 230 52.93 -13.21 26.52
N LEU A 231 52.98 -13.95 27.61
CA LEU A 231 52.91 -13.34 28.94
C LEU A 231 54.11 -13.74 29.78
N SER A 232 54.35 -12.98 30.84
CA SER A 232 55.45 -13.25 31.76
C SER A 232 54.95 -14.28 32.77
N VAL A 233 55.56 -15.46 32.76
CA VAL A 233 55.15 -16.52 33.67
C VAL A 233 56.23 -16.86 34.70
N LYS A 234 55.85 -16.84 35.98
CA LYS A 234 56.78 -17.17 37.05
C LYS A 234 56.92 -18.70 37.09
N ALA A 235 57.92 -19.19 37.81
CA ALA A 235 58.16 -20.63 37.91
C ALA A 235 57.03 -21.39 38.60
N GLY A 236 56.62 -22.50 38.01
CA GLY A 236 55.57 -23.31 38.57
C GLY A 236 54.23 -23.06 37.91
N GLU A 237 54.09 -21.88 37.31
CA GLU A 237 52.85 -21.50 36.65
C GLU A 237 52.74 -22.04 35.23
N GLN A 238 51.54 -21.99 34.66
CA GLN A 238 51.32 -22.50 33.31
C GLN A 238 51.49 -21.42 32.25
N VAL A 239 52.07 -21.80 31.12
CA VAL A 239 52.27 -20.87 30.00
C VAL A 239 51.03 -21.02 29.11
N TYR A 240 50.37 -19.90 28.81
CA TYR A 240 49.15 -19.93 28.00
C TYR A 240 49.21 -19.09 26.73
N ILE A 241 48.15 -19.20 25.93
CA ILE A 241 48.00 -18.42 24.70
C ILE A 241 46.52 -18.21 24.40
N GLN A 242 46.25 -17.21 23.56
CA GLN A 242 44.88 -16.91 23.18
C GLN A 242 44.57 -17.63 21.88
N TYR A 243 43.80 -18.70 21.95
CA TYR A 243 43.45 -19.45 20.74
C TYR A 243 42.87 -18.55 19.66
N ASP A 244 41.89 -17.72 20.01
CA ASP A 244 41.29 -16.83 19.03
C ASP A 244 40.40 -15.75 19.63
N LEU A 245 40.76 -14.50 19.41
CA LEU A 245 40.02 -13.36 19.96
C LEU A 245 38.68 -13.14 19.29
N ASN A 246 38.46 -13.73 18.13
CA ASN A 246 37.21 -13.50 17.42
C ASN A 246 36.17 -14.58 17.40
N LYS A 247 36.56 -15.82 17.68
CA LYS A 247 35.60 -16.90 17.68
C LYS A 247 34.49 -16.64 18.69
N SER A 248 33.27 -17.03 18.35
CA SER A 248 32.15 -16.85 19.26
C SER A 248 32.27 -17.98 20.28
N ASN A 249 31.40 -18.00 21.28
CA ASN A 249 31.48 -19.07 22.26
C ASN A 249 31.09 -20.38 21.58
N ALA A 250 30.09 -20.30 20.68
CA ALA A 250 29.63 -21.48 19.95
C ALA A 250 30.79 -22.07 19.15
N GLU A 251 31.63 -21.21 18.60
CA GLU A 251 32.77 -21.69 17.83
C GLU A 251 33.80 -22.38 18.72
N LEU A 252 34.05 -21.82 19.89
CA LEU A 252 35.03 -22.41 20.82
C LEU A 252 34.56 -23.75 21.32
N ALA A 253 33.24 -23.87 21.48
CA ALA A 253 32.61 -25.08 21.97
C ALA A 253 32.81 -26.27 21.03
N LEU A 254 32.69 -26.02 19.73
CA LEU A 254 32.84 -27.07 18.74
C LEU A 254 34.29 -27.28 18.29
N ASP A 255 35.04 -26.20 18.12
CA ASP A 255 36.43 -26.31 17.70
C ASP A 255 37.30 -27.00 18.76
N TYR A 256 37.18 -26.55 20.01
CA TYR A 256 37.92 -27.16 21.12
C TYR A 256 36.78 -27.55 22.05
N GLY A 257 37.08 -28.08 23.21
CA GLY A 257 35.97 -28.44 24.08
C GLY A 257 35.79 -27.48 25.23
N PHE A 258 35.59 -26.19 24.96
CA PHE A 258 35.44 -25.21 26.04
C PHE A 258 34.85 -23.88 25.60
N ILE A 259 34.33 -23.13 26.58
CA ILE A 259 33.77 -21.80 26.32
C ILE A 259 34.25 -20.80 27.40
N GLU A 260 33.95 -19.52 27.24
CA GLU A 260 34.35 -18.53 28.23
C GLU A 260 33.13 -17.91 28.84
N PRO A 261 33.22 -17.45 30.09
CA PRO A 261 32.08 -16.83 30.76
C PRO A 261 31.79 -15.44 30.18
N ASN A 262 32.79 -14.87 29.53
CA ASN A 262 32.66 -13.55 28.95
C ASN A 262 31.46 -13.39 28.00
N GLU A 263 30.45 -12.68 28.44
CA GLU A 263 29.25 -12.53 27.63
C GLU A 263 29.49 -11.90 26.26
N ASN A 264 30.69 -11.37 26.04
CA ASN A 264 30.97 -10.75 24.73
C ASN A 264 31.39 -11.77 23.70
N ARG A 265 31.38 -13.03 24.10
CA ARG A 265 31.73 -14.14 23.23
C ARG A 265 30.44 -14.79 22.73
N HIS A 266 29.30 -14.40 23.29
CA HIS A 266 28.03 -14.97 22.88
C HIS A 266 27.57 -14.40 21.56
N ALA A 267 27.32 -15.26 20.59
CA ALA A 267 26.86 -14.78 19.30
C ALA A 267 25.78 -15.69 18.73
N TYR A 268 25.01 -15.15 17.79
CA TYR A 268 23.97 -15.90 17.12
C TYR A 268 24.00 -15.38 15.68
N THR A 269 24.22 -16.28 14.74
CA THR A 269 24.30 -15.87 13.35
C THR A 269 22.98 -16.02 12.59
N LEU A 270 22.54 -14.93 11.97
CA LEU A 270 21.30 -14.89 11.21
C LEU A 270 21.59 -15.16 9.74
N THR A 271 20.78 -15.99 9.12
CA THR A 271 20.98 -16.32 7.72
C THR A 271 19.90 -15.71 6.83
N LEU A 272 20.34 -14.87 5.89
CA LEU A 272 19.44 -14.18 4.97
C LEU A 272 19.61 -14.63 3.51
N GLU A 273 18.53 -14.57 2.74
CA GLU A 273 18.65 -14.94 1.34
C GLU A 273 17.52 -14.37 0.51
N ILE A 274 17.81 -14.15 -0.76
CA ILE A 274 16.81 -13.65 -1.68
C ILE A 274 16.15 -14.86 -2.33
N SER A 275 14.99 -15.25 -1.83
CA SER A 275 14.29 -16.41 -2.36
C SER A 275 14.08 -16.33 -3.86
N GLU A 276 14.16 -17.47 -4.53
CA GLU A 276 13.96 -17.50 -5.98
C GLU A 276 12.50 -17.36 -6.37
N SER A 277 11.61 -17.58 -5.40
CA SER A 277 10.18 -17.46 -5.64
C SER A 277 9.76 -16.00 -5.53
N ASP A 278 10.70 -15.13 -5.19
CA ASP A 278 10.45 -13.70 -5.08
C ASP A 278 10.24 -13.17 -6.50
N PRO A 279 9.09 -12.54 -6.75
CA PRO A 279 8.82 -12.00 -8.09
C PRO A 279 9.88 -11.05 -8.64
N PHE A 280 10.78 -10.54 -7.79
CA PHE A 280 11.81 -9.64 -8.26
C PHE A 280 13.20 -10.20 -8.04
N PHE A 281 13.27 -11.52 -7.92
CA PHE A 281 14.54 -12.18 -7.68
C PHE A 281 15.73 -11.66 -8.48
N ASP A 282 15.64 -11.80 -9.78
CA ASP A 282 16.72 -11.37 -10.68
C ASP A 282 17.24 -9.99 -10.41
N ASP A 283 16.34 -9.02 -10.27
CA ASP A 283 16.77 -7.65 -10.01
C ASP A 283 17.39 -7.51 -8.62
N LYS A 284 16.74 -8.10 -7.62
CA LYS A 284 17.24 -8.05 -6.25
C LYS A 284 18.63 -8.66 -6.13
N LEU A 285 18.80 -9.83 -6.73
CA LEU A 285 20.08 -10.50 -6.69
C LEU A 285 21.16 -9.63 -7.30
N ASP A 286 20.82 -8.93 -8.38
CA ASP A 286 21.76 -8.06 -9.09
C ASP A 286 22.20 -6.91 -8.17
N VAL A 287 21.25 -6.40 -7.40
CA VAL A 287 21.53 -5.31 -6.45
C VAL A 287 22.45 -5.80 -5.33
N ALA A 288 22.12 -6.96 -4.75
CA ALA A 288 22.91 -7.51 -3.66
C ALA A 288 24.36 -7.81 -4.05
N GLU A 289 24.55 -8.54 -5.15
CA GLU A 289 25.89 -8.90 -5.60
C GLU A 289 26.67 -7.66 -6.00
N SER A 290 25.96 -6.72 -6.61
CA SER A 290 26.55 -5.47 -7.05
C SER A 290 27.10 -4.68 -5.88
N ASN A 291 26.79 -5.14 -4.66
CA ASN A 291 27.22 -4.48 -3.45
C ASN A 291 27.90 -5.42 -2.44
N GLY A 292 28.33 -6.59 -2.90
CA GLY A 292 29.04 -7.48 -2.00
C GLY A 292 28.30 -8.59 -1.29
N PHE A 293 27.04 -8.81 -1.65
CA PHE A 293 26.30 -9.86 -0.99
C PHE A 293 25.81 -10.92 -1.95
N ALA A 294 25.83 -12.17 -1.51
CA ALA A 294 25.40 -13.26 -2.36
C ALA A 294 23.93 -13.52 -2.20
N GLN A 295 23.42 -14.50 -2.95
CA GLN A 295 22.03 -14.87 -2.91
C GLN A 295 21.71 -15.26 -1.46
N THR A 296 22.74 -15.73 -0.77
CA THR A 296 22.63 -16.10 0.63
C THR A 296 23.73 -15.40 1.42
N ALA A 297 23.36 -14.80 2.54
CA ALA A 297 24.32 -14.07 3.37
C ALA A 297 24.17 -14.39 4.85
N TYR A 298 25.30 -14.54 5.54
CA TYR A 298 25.27 -14.84 6.97
C TYR A 298 25.73 -13.65 7.78
N PHE A 299 24.90 -13.24 8.75
CA PHE A 299 25.24 -12.12 9.63
C PHE A 299 25.39 -12.55 11.08
N ASP A 300 26.62 -12.47 11.60
CA ASP A 300 26.91 -12.83 13.00
C ASP A 300 26.56 -11.70 13.96
N ILE A 301 25.69 -11.99 14.92
CA ILE A 301 25.28 -10.99 15.89
C ILE A 301 25.82 -11.31 17.28
N PHE A 302 26.78 -10.50 17.72
CA PHE A 302 27.39 -10.66 19.03
C PHE A 302 26.70 -9.85 20.10
N TYR A 303 26.67 -10.39 21.32
CA TYR A 303 26.03 -9.72 22.43
C TYR A 303 26.65 -8.35 22.67
N ASN A 304 25.81 -7.37 22.96
CA ASN A 304 26.25 -6.01 23.22
C ASN A 304 26.98 -5.31 22.08
N ARG A 305 26.96 -5.89 20.89
CA ARG A 305 27.57 -5.23 19.74
C ARG A 305 26.47 -4.60 18.89
N THR A 306 26.84 -3.65 18.04
CA THR A 306 25.87 -3.01 17.17
C THR A 306 25.65 -3.89 15.97
N LEU A 307 24.43 -3.89 15.43
CA LEU A 307 24.12 -4.70 14.28
C LEU A 307 25.16 -4.56 13.19
N PRO A 308 25.47 -5.67 12.51
CA PRO A 308 26.45 -5.70 11.44
C PRO A 308 26.07 -4.78 10.29
N PRO A 309 27.05 -4.15 9.67
CA PRO A 309 26.74 -3.26 8.55
C PRO A 309 26.17 -4.15 7.44
N GLY A 310 25.14 -3.68 6.74
CA GLY A 310 24.60 -4.50 5.68
C GLY A 310 23.40 -5.34 6.04
N LEU A 311 23.22 -5.64 7.33
CA LEU A 311 22.08 -6.45 7.77
C LEU A 311 20.75 -5.73 7.48
N LEU A 312 20.60 -4.51 7.96
CA LEU A 312 19.36 -3.79 7.72
C LEU A 312 19.10 -3.59 6.23
N PRO A 313 20.08 -3.09 5.48
CA PRO A 313 19.79 -2.91 4.06
C PRO A 313 19.39 -4.21 3.35
N TYR A 314 20.02 -5.32 3.71
CA TYR A 314 19.72 -6.59 3.09
C TYR A 314 18.33 -7.06 3.55
N LEU A 315 17.97 -6.75 4.78
CA LEU A 315 16.64 -7.12 5.29
C LEU A 315 15.60 -6.35 4.50
N ARG A 316 15.91 -5.09 4.22
CA ARG A 316 15.00 -4.23 3.47
C ARG A 316 14.86 -4.70 2.03
N LEU A 317 15.96 -5.19 1.46
CA LEU A 317 15.94 -5.67 0.09
C LEU A 317 15.06 -6.92 0.00
N VAL A 318 15.17 -7.78 1.00
CA VAL A 318 14.38 -8.99 1.02
C VAL A 318 12.90 -8.67 1.13
N ALA A 319 12.55 -7.77 2.02
CA ALA A 319 11.16 -7.44 2.21
C ALA A 319 10.66 -6.41 1.23
N LEU A 320 11.44 -6.09 0.19
CA LEU A 320 11.06 -5.03 -0.73
C LEU A 320 9.59 -4.88 -1.09
N GLY A 321 9.08 -5.76 -1.95
CA GLY A 321 7.68 -5.66 -2.30
C GLY A 321 7.29 -4.76 -3.47
N GLY A 322 6.18 -5.12 -4.11
CA GLY A 322 5.68 -4.40 -5.28
C GLY A 322 5.66 -2.88 -5.24
N THR A 323 5.07 -2.33 -4.18
CA THR A 323 4.98 -0.89 -4.02
C THR A 323 6.30 -0.14 -4.21
N ASP A 324 7.37 -0.67 -3.64
CA ASP A 324 8.66 0.00 -3.73
C ASP A 324 9.57 -0.59 -4.78
N ALA A 325 9.06 -1.59 -5.50
CA ALA A 325 9.83 -2.27 -6.53
C ALA A 325 10.45 -1.31 -7.55
N PHE A 326 9.87 -0.12 -7.67
CA PHE A 326 10.35 0.89 -8.61
C PHE A 326 11.82 1.26 -8.33
N LEU A 327 12.30 0.98 -7.13
CA LEU A 327 13.68 1.28 -6.78
C LEU A 327 14.68 0.32 -7.39
N LEU A 328 14.19 -0.68 -8.08
CA LEU A 328 15.07 -1.66 -8.72
C LEU A 328 15.36 -1.33 -10.18
N GLU A 329 14.83 -0.20 -10.66
CA GLU A 329 15.04 0.22 -12.05
C GLU A 329 16.45 0.74 -12.25
N SER A 330 16.92 0.71 -13.50
CA SER A 330 18.28 1.16 -13.84
C SER A 330 18.57 2.55 -13.32
N LEU A 331 17.51 3.32 -13.10
CA LEU A 331 17.65 4.68 -12.60
C LEU A 331 18.41 4.78 -11.28
N PHE A 332 18.10 3.87 -10.35
CA PHE A 332 18.75 3.89 -9.04
C PHE A 332 19.86 2.85 -8.91
N ARG A 333 20.22 2.18 -10.00
CA ARG A 333 21.25 1.16 -9.87
C ARG A 333 22.58 1.70 -9.37
N ASP A 334 22.59 2.94 -8.93
CA ASP A 334 23.83 3.54 -8.43
C ASP A 334 23.68 4.19 -7.07
N THR A 335 22.45 4.17 -6.55
CA THR A 335 22.17 4.74 -5.25
C THR A 335 21.26 3.84 -4.44
N ILE A 336 20.68 2.84 -5.09
CA ILE A 336 19.77 1.89 -4.45
C ILE A 336 20.28 1.39 -3.09
N TRP A 337 21.58 1.10 -2.99
CA TRP A 337 22.11 0.60 -1.74
C TRP A 337 22.14 1.71 -0.67
N GLY A 338 22.35 2.95 -1.09
CA GLY A 338 22.37 4.06 -0.15
C GLY A 338 20.97 4.25 0.41
N HIS A 339 19.99 4.10 -0.47
CA HIS A 339 18.59 4.20 -0.06
C HIS A 339 18.26 3.05 0.87
N LEU A 340 18.64 1.83 0.49
CA LEU A 340 18.37 0.69 1.36
C LEU A 340 18.98 0.95 2.72
N GLU A 341 20.12 1.63 2.72
CA GLU A 341 20.84 1.95 3.95
C GLU A 341 20.06 2.93 4.81
N LEU A 342 19.43 3.93 4.17
CA LEU A 342 18.65 4.92 4.90
C LEU A 342 17.30 4.40 5.34
N SER A 343 16.60 3.73 4.42
CA SER A 343 15.27 3.13 4.64
C SER A 343 14.43 3.35 3.41
N VAL A 344 13.50 2.43 3.16
CA VAL A 344 12.64 2.49 1.99
C VAL A 344 11.28 3.12 2.23
N SER A 345 10.51 2.50 3.13
CA SER A 345 9.17 2.98 3.46
C SER A 345 8.67 2.31 4.74
N ARG A 346 7.72 2.94 5.40
CA ARG A 346 7.18 2.41 6.64
C ARG A 346 6.67 0.98 6.49
N ASP A 347 6.05 0.68 5.35
CA ASP A 347 5.53 -0.66 5.13
C ASP A 347 6.67 -1.66 5.04
N ASN A 348 7.73 -1.29 4.33
CA ASN A 348 8.89 -2.15 4.22
C ASN A 348 9.50 -2.36 5.60
N GLU A 349 9.73 -1.27 6.31
CA GLU A 349 10.33 -1.33 7.64
C GLU A 349 9.50 -2.17 8.60
N GLU A 350 8.20 -1.92 8.61
CA GLU A 350 7.30 -2.64 9.49
C GLU A 350 7.28 -4.13 9.23
N LEU A 351 7.35 -4.48 7.96
CA LEU A 351 7.32 -5.87 7.54
C LEU A 351 8.54 -6.62 8.08
N LEU A 352 9.73 -6.11 7.77
CA LEU A 352 10.97 -6.77 8.20
C LEU A 352 11.09 -6.85 9.72
N CYS A 353 10.61 -5.83 10.42
CA CYS A 353 10.68 -5.86 11.87
C CYS A 353 9.89 -7.04 12.42
N LYS A 354 8.69 -7.25 11.89
CA LYS A 354 7.86 -8.34 12.36
C LYS A 354 8.51 -9.67 12.01
N ALA A 355 9.02 -9.77 10.79
CA ALA A 355 9.69 -11.00 10.37
C ALA A 355 10.79 -11.40 11.37
N VAL A 356 11.65 -10.45 11.72
CA VAL A 356 12.73 -10.72 12.64
C VAL A 356 12.18 -11.08 14.03
N ARG A 357 11.31 -10.25 14.55
CA ARG A 357 10.76 -10.50 15.88
C ARG A 357 10.11 -11.88 15.97
N GLU A 358 9.36 -12.25 14.96
CA GLU A 358 8.72 -13.57 14.99
C GLU A 358 9.79 -14.66 15.02
N ALA A 359 10.82 -14.50 14.20
CA ALA A 359 11.91 -15.46 14.15
C ALA A 359 12.55 -15.63 15.53
N CYS A 360 12.79 -14.52 16.22
CA CYS A 360 13.39 -14.61 17.54
C CYS A 360 12.50 -15.39 18.49
N LYS A 361 11.26 -14.95 18.62
CA LYS A 361 10.30 -15.61 19.51
C LYS A 361 10.17 -17.07 19.13
N SER A 362 10.06 -17.34 17.84
CA SER A 362 9.94 -18.70 17.37
C SER A 362 11.13 -19.49 17.89
N ALA A 363 12.32 -18.92 17.68
CA ALA A 363 13.57 -19.56 18.11
C ALA A 363 13.64 -19.75 19.61
N LEU A 364 13.44 -18.66 20.36
CA LEU A 364 13.49 -18.71 21.80
C LEU A 364 12.63 -19.83 22.36
N ALA A 365 11.45 -20.03 21.77
CA ALA A 365 10.55 -21.07 22.22
C ALA A 365 11.05 -22.48 21.92
N GLY A 366 12.16 -22.60 21.22
CA GLY A 366 12.68 -23.92 20.90
C GLY A 366 13.58 -24.52 21.97
N TYR A 367 13.86 -23.73 23.00
CA TYR A 367 14.72 -24.18 24.10
C TYR A 367 13.87 -24.79 25.21
N HIS A 368 14.45 -25.72 25.96
CA HIS A 368 13.72 -26.38 27.04
C HIS A 368 13.99 -25.84 28.45
N THR A 369 14.75 -24.76 28.55
CA THR A 369 15.02 -24.18 29.84
C THR A 369 14.98 -22.66 29.71
N THR A 370 14.67 -22.00 30.82
CA THR A 370 14.59 -20.54 30.84
C THR A 370 15.99 -20.02 31.18
N ILE A 371 16.25 -18.74 30.93
CA ILE A 371 17.56 -18.20 31.26
C ILE A 371 17.79 -18.30 32.78
N GLU A 372 16.74 -18.07 33.55
CA GLU A 372 16.84 -18.15 35.01
C GLU A 372 17.30 -19.54 35.43
N GLN A 373 16.73 -20.56 34.80
CA GLN A 373 17.11 -21.91 35.12
C GLN A 373 18.57 -22.15 34.80
N ASP A 374 19.02 -21.62 33.67
CA ASP A 374 20.41 -21.80 33.26
C ASP A 374 21.34 -21.14 34.27
N ARG A 375 21.00 -19.93 34.66
CA ARG A 375 21.79 -19.18 35.61
C ARG A 375 21.82 -19.82 36.99
N GLU A 376 20.73 -20.46 37.39
CA GLU A 376 20.76 -21.11 38.69
C GLU A 376 21.68 -22.32 38.56
N LEU A 377 21.56 -23.04 37.45
CA LEU A 377 22.39 -24.20 37.22
C LEU A 377 23.85 -23.84 37.33
N LYS A 378 24.22 -22.73 36.71
CA LYS A 378 25.61 -22.27 36.73
C LYS A 378 26.14 -22.01 38.12
N GLU A 379 25.23 -21.73 39.03
CA GLU A 379 25.60 -21.40 40.39
C GLU A 379 26.11 -22.62 41.16
N GLY A 380 25.86 -23.81 40.61
CA GLY A 380 26.32 -25.06 41.22
C GLY A 380 27.47 -25.65 40.44
N ASN A 381 27.80 -26.91 40.73
CA ASN A 381 28.90 -27.61 40.05
C ASN A 381 28.39 -28.38 38.84
N LEU A 382 28.80 -27.95 37.66
CA LEU A 382 28.40 -28.57 36.42
C LEU A 382 29.55 -29.29 35.76
N ASP A 383 29.23 -30.38 35.07
CA ASP A 383 30.24 -31.16 34.39
C ASP A 383 30.59 -30.50 33.06
N SER A 384 31.86 -30.64 32.66
CA SER A 384 32.40 -30.06 31.43
C SER A 384 31.37 -29.81 30.33
N ARG A 385 30.80 -30.89 29.80
CA ARG A 385 29.84 -30.80 28.72
C ARG A 385 28.53 -30.14 29.14
N LEU A 386 28.03 -30.46 30.33
CA LEU A 386 26.80 -29.84 30.79
C LEU A 386 27.03 -28.33 30.92
N ALA A 387 28.17 -27.97 31.50
CA ALA A 387 28.56 -26.58 31.67
C ALA A 387 28.62 -25.88 30.31
N ILE A 388 29.16 -26.57 29.32
CA ILE A 388 29.26 -26.01 27.99
C ILE A 388 27.87 -25.78 27.40
N ALA A 389 26.99 -26.76 27.58
CA ALA A 389 25.64 -26.62 27.05
C ALA A 389 24.90 -25.45 27.68
N VAL A 390 24.89 -25.42 29.01
CA VAL A 390 24.19 -24.36 29.73
C VAL A 390 24.73 -23.00 29.32
N GLY A 391 26.05 -22.81 29.43
CA GLY A 391 26.64 -21.56 29.02
C GLY A 391 26.21 -21.11 27.64
N ILE A 392 26.36 -22.00 26.66
CA ILE A 392 25.99 -21.68 25.28
C ILE A 392 24.54 -21.25 25.12
N ARG A 393 23.62 -22.09 25.59
CA ARG A 393 22.20 -21.82 25.46
C ARG A 393 21.74 -20.56 26.19
N GLU A 394 22.33 -20.27 27.35
CA GLU A 394 21.96 -19.06 28.08
C GLU A 394 22.33 -17.88 27.19
N GLY A 395 23.56 -17.92 26.66
CA GLY A 395 24.05 -16.88 25.80
C GLY A 395 23.23 -16.67 24.55
N GLU A 396 22.88 -17.77 23.87
CA GLU A 396 22.08 -17.67 22.67
C GLU A 396 20.76 -17.01 23.00
N LYS A 397 20.17 -17.39 24.13
CA LYS A 397 18.91 -16.78 24.53
C LYS A 397 19.10 -15.29 24.80
N MET A 398 20.23 -14.94 25.40
CA MET A 398 20.50 -13.53 25.66
C MET A 398 20.53 -12.76 24.35
N VAL A 399 21.29 -13.26 23.37
CA VAL A 399 21.40 -12.62 22.06
C VAL A 399 20.05 -12.52 21.37
N LEU A 400 19.34 -13.64 21.36
CA LEU A 400 18.02 -13.69 20.76
C LEU A 400 17.14 -12.60 21.33
N GLN A 401 17.14 -12.45 22.65
CA GLN A 401 16.32 -11.42 23.28
C GLN A 401 16.82 -10.02 22.99
N GLN A 402 18.13 -9.86 22.93
CA GLN A 402 18.71 -8.56 22.63
C GLN A 402 18.21 -8.12 21.25
N ILE A 403 18.34 -9.01 20.27
CA ILE A 403 17.88 -8.75 18.91
C ILE A 403 16.41 -8.37 18.90
N ASP A 404 15.57 -9.19 19.51
CA ASP A 404 14.15 -8.91 19.54
C ASP A 404 13.87 -7.57 20.20
N GLY A 405 14.69 -7.23 21.19
CA GLY A 405 14.52 -5.96 21.88
C GLY A 405 14.81 -4.80 20.95
N ILE A 406 15.89 -4.93 20.20
CA ILE A 406 16.28 -3.91 19.26
C ILE A 406 15.19 -3.63 18.24
N PHE A 407 14.57 -4.68 17.73
CA PHE A 407 13.51 -4.48 16.73
C PHE A 407 12.17 -4.10 17.31
N GLU A 408 11.98 -4.36 18.61
CA GLU A 408 10.73 -3.99 19.28
C GLU A 408 10.76 -2.47 19.37
N GLN A 409 11.95 -1.95 19.62
CA GLN A 409 12.17 -0.52 19.72
C GLN A 409 11.95 0.12 18.37
N LYS A 410 12.44 -0.54 17.31
CA LYS A 410 12.28 -0.01 15.98
C LYS A 410 10.81 0.06 15.62
N GLU A 411 10.02 -0.88 16.11
CA GLU A 411 8.59 -0.86 15.82
C GLU A 411 7.93 0.37 16.45
N LEU A 412 8.45 0.81 17.59
CA LEU A 412 7.93 1.99 18.26
C LEU A 412 8.37 3.25 17.54
N GLU A 413 9.65 3.29 17.15
CA GLU A 413 10.21 4.44 16.44
C GLU A 413 9.92 4.38 14.94
N LEU A 414 8.93 3.58 14.57
CA LEU A 414 8.55 3.38 13.19
C LEU A 414 8.19 4.64 12.40
N ASP A 415 7.90 5.74 13.10
CA ASP A 415 7.55 6.98 12.41
C ASP A 415 8.62 8.05 12.53
N GLN A 416 9.72 7.72 13.21
CA GLN A 416 10.82 8.66 13.38
C GLN A 416 11.79 8.58 12.21
N LEU A 417 11.65 7.53 11.40
CA LEU A 417 12.50 7.31 10.23
C LEU A 417 11.98 8.05 9.02
N GLU A 418 12.86 8.75 8.31
CA GLU A 418 12.38 9.41 7.12
C GLU A 418 12.74 8.57 5.91
N TYR A 419 11.71 7.91 5.38
CA TYR A 419 11.82 7.01 4.24
C TYR A 419 12.04 7.68 2.90
N TYR A 420 12.11 6.87 1.85
CA TYR A 420 12.35 7.38 0.51
C TYR A 420 11.51 8.59 0.08
N GLN A 421 10.20 8.40 0.00
CA GLN A 421 9.29 9.46 -0.43
C GLN A 421 9.56 10.76 0.33
N GLU A 422 9.60 10.72 1.65
CA GLU A 422 9.84 11.94 2.38
C GLU A 422 11.19 12.56 1.98
N ARG A 423 12.22 11.74 1.90
CA ARG A 423 13.54 12.24 1.54
C ARG A 423 13.47 12.86 0.16
N ARG A 424 12.57 12.37 -0.68
CA ARG A 424 12.45 12.88 -2.03
C ARG A 424 11.89 14.30 -2.07
N LEU A 425 10.78 14.53 -1.38
CA LEU A 425 10.15 15.84 -1.37
C LEU A 425 10.81 16.81 -0.38
N LYS A 426 12.05 16.54 0.02
CA LYS A 426 12.76 17.42 0.95
C LYS A 426 13.31 18.65 0.24
N ASP A 427 13.60 18.49 -1.04
CA ASP A 427 14.14 19.60 -1.83
C ASP A 427 13.16 20.05 -2.91
N LEU A 428 11.95 20.42 -2.48
CA LEU A 428 10.92 20.89 -3.39
C LEU A 428 11.17 22.35 -3.72
N GLY A 429 11.47 23.14 -2.69
CA GLY A 429 11.71 24.56 -2.91
C GLY A 429 10.39 25.25 -3.24
N LEU A 430 9.33 24.91 -2.51
CA LEU A 430 8.04 25.52 -2.75
C LEU A 430 8.14 27.01 -2.47
N CYS A 431 8.77 27.35 -1.37
CA CYS A 431 8.91 28.75 -0.99
C CYS A 431 10.13 29.39 -1.60
N GLY A 432 10.18 29.41 -2.92
CA GLY A 432 11.31 30.01 -3.60
C GLY A 432 11.05 31.47 -3.93
N GLU A 433 10.99 31.77 -5.22
CA GLU A 433 10.76 33.14 -5.63
C GLU A 433 9.53 33.14 -6.50
N ASN A 434 9.05 34.31 -6.89
CA ASN A 434 7.90 34.38 -7.79
C ASN A 434 8.54 34.26 -9.17
N GLY A 435 9.00 33.06 -9.48
CA GLY A 435 9.65 32.84 -10.76
C GLY A 435 8.86 33.19 -11.99
N ASP A 436 7.60 33.51 -11.83
CA ASP A 436 6.79 33.87 -12.97
C ASP A 436 7.08 35.27 -13.49
N ILE A 437 7.72 36.09 -12.66
CA ILE A 437 8.06 37.46 -13.05
C ILE A 437 9.17 37.43 -14.11
N LEU A 438 10.02 36.42 -14.02
CA LEU A 438 11.11 36.25 -14.98
C LEU A 438 10.62 35.59 -16.25
N GLU A 439 9.70 34.64 -16.10
CA GLU A 439 9.12 33.94 -17.25
C GLU A 439 8.59 34.97 -18.24
N ASN A 440 8.08 36.08 -17.73
CA ASN A 440 7.54 37.13 -18.58
C ASN A 440 8.59 38.09 -19.11
N LEU A 441 9.84 37.88 -18.73
CA LEU A 441 10.90 38.75 -19.20
C LEU A 441 11.75 38.08 -20.28
N TYR A 442 11.05 37.42 -21.20
CA TYR A 442 11.66 36.75 -22.35
C TYR A 442 10.59 35.98 -23.14
N SER B 5 -69.83 -26.33 2.07
CA SER B 5 -69.36 -26.75 0.72
C SER B 5 -68.06 -27.54 0.80
N LEU B 6 -67.34 -27.42 1.92
CA LEU B 6 -66.06 -28.09 2.11
C LEU B 6 -66.15 -29.62 2.21
N SER B 7 -66.76 -30.11 3.29
CA SER B 7 -66.87 -31.54 3.49
C SER B 7 -67.35 -32.28 2.25
N PRO B 8 -68.33 -31.74 1.54
CA PRO B 8 -68.76 -32.47 0.34
C PRO B 8 -67.67 -32.50 -0.73
N ALA B 9 -66.94 -31.38 -0.88
CA ALA B 9 -65.86 -31.29 -1.86
C ALA B 9 -64.79 -32.27 -1.48
N VAL B 10 -64.48 -32.32 -0.19
CA VAL B 10 -63.45 -33.22 0.30
C VAL B 10 -63.91 -34.69 0.22
N GLN B 11 -65.11 -34.99 0.73
CA GLN B 11 -65.62 -36.35 0.70
C GLN B 11 -65.62 -36.90 -0.74
N THR B 12 -65.89 -36.02 -1.69
CA THR B 12 -65.89 -36.40 -3.09
C THR B 12 -64.47 -36.75 -3.52
N PHE B 13 -63.53 -35.90 -3.13
CA PHE B 13 -62.11 -36.07 -3.43
C PHE B 13 -61.62 -37.35 -2.83
N TRP B 14 -62.18 -37.71 -1.67
CA TRP B 14 -61.78 -38.92 -0.97
C TRP B 14 -62.40 -40.15 -1.65
N LYS B 15 -63.60 -39.98 -2.22
CA LYS B 15 -64.27 -41.08 -2.90
C LYS B 15 -63.48 -41.44 -4.15
N TRP B 16 -63.00 -40.41 -4.83
CA TRP B 16 -62.21 -40.58 -6.05
C TRP B 16 -60.93 -41.36 -5.74
N LEU B 17 -60.32 -41.07 -4.60
CA LEU B 17 -59.10 -41.77 -4.24
C LEU B 17 -59.37 -43.21 -3.85
N GLN B 18 -60.57 -43.47 -3.32
CA GLN B 18 -60.93 -44.83 -2.93
C GLN B 18 -61.22 -45.62 -4.19
N GLU B 19 -61.83 -44.94 -5.16
CA GLU B 19 -62.16 -45.55 -6.44
C GLU B 19 -60.89 -45.79 -7.22
N GLU B 20 -59.99 -44.82 -7.25
CA GLU B 20 -58.75 -44.98 -7.98
C GLU B 20 -57.88 -46.00 -7.29
N GLY B 21 -58.37 -46.54 -6.18
CA GLY B 21 -57.60 -47.54 -5.47
C GLY B 21 -56.43 -47.01 -4.64
N VAL B 22 -56.35 -45.70 -4.43
CA VAL B 22 -55.27 -45.17 -3.65
C VAL B 22 -55.55 -45.31 -2.15
N ILE B 23 -56.79 -45.03 -1.78
CA ILE B 23 -57.22 -45.15 -0.38
C ILE B 23 -57.85 -46.52 -0.17
N THR B 24 -57.35 -47.26 0.81
CA THR B 24 -57.89 -48.58 1.12
C THR B 24 -58.36 -48.60 2.57
N ALA B 25 -58.89 -49.74 2.99
CA ALA B 25 -59.36 -49.89 4.36
C ALA B 25 -58.17 -49.82 5.32
N LYS B 26 -56.98 -49.87 4.74
CA LYS B 26 -55.74 -49.83 5.51
C LYS B 26 -55.12 -48.44 5.63
N THR B 27 -55.65 -47.46 4.90
CA THR B 27 -55.08 -46.12 4.98
C THR B 27 -55.26 -45.62 6.41
N PRO B 28 -54.16 -45.32 7.09
CA PRO B 28 -54.18 -44.85 8.48
C PRO B 28 -54.43 -43.37 8.65
N VAL B 29 -54.88 -42.69 7.60
CA VAL B 29 -55.02 -41.25 7.74
C VAL B 29 -56.19 -40.67 6.96
N LYS B 30 -56.79 -39.61 7.50
CA LYS B 30 -57.90 -38.95 6.82
C LYS B 30 -57.61 -37.46 6.64
N ALA B 31 -58.46 -36.81 5.84
CA ALA B 31 -58.37 -35.37 5.58
C ALA B 31 -59.18 -34.69 6.68
N SER B 32 -58.66 -33.58 7.21
CA SER B 32 -59.31 -32.85 8.29
C SER B 32 -59.06 -31.34 8.24
N VAL B 33 -60.05 -30.56 8.66
CA VAL B 33 -59.91 -29.11 8.68
C VAL B 33 -59.03 -28.73 9.85
N VAL B 34 -57.85 -28.23 9.52
CA VAL B 34 -56.85 -27.89 10.50
C VAL B 34 -56.46 -26.42 10.46
N THR B 35 -55.83 -25.94 11.53
CA THR B 35 -55.39 -24.55 11.60
C THR B 35 -54.68 -24.13 10.33
N GLU B 36 -53.85 -25.02 9.77
CA GLU B 36 -53.11 -24.66 8.58
C GLU B 36 -53.85 -24.96 7.26
N GLY B 37 -55.17 -25.12 7.35
CA GLY B 37 -55.99 -25.38 6.17
C GLY B 37 -56.58 -26.77 6.21
N LEU B 38 -56.18 -27.61 5.24
CA LEU B 38 -56.60 -28.99 5.22
C LEU B 38 -55.35 -29.75 5.63
N GLY B 39 -55.51 -30.90 6.26
CA GLY B 39 -54.35 -31.66 6.68
C GLY B 39 -54.66 -33.13 6.80
N LEU B 40 -53.64 -33.90 7.14
CA LEU B 40 -53.80 -35.33 7.31
C LEU B 40 -53.83 -35.62 8.79
N VAL B 41 -54.92 -36.25 9.25
CA VAL B 41 -55.04 -36.60 10.66
C VAL B 41 -55.05 -38.11 10.79
N ALA B 42 -54.38 -38.62 11.82
CA ALA B 42 -54.28 -40.05 12.05
C ALA B 42 -55.58 -40.75 12.49
N LEU B 43 -55.86 -41.90 11.89
CA LEU B 43 -57.06 -42.66 12.25
C LEU B 43 -56.69 -43.67 13.31
N LYS B 44 -55.39 -43.77 13.60
CA LYS B 44 -54.90 -44.69 14.62
C LYS B 44 -53.45 -44.33 14.93
N ASP B 45 -52.93 -44.82 16.04
CA ASP B 45 -51.55 -44.51 16.37
C ASP B 45 -50.68 -44.95 15.21
N ILE B 46 -49.90 -44.02 14.67
CA ILE B 46 -49.00 -44.26 13.55
C ILE B 46 -47.57 -44.20 14.04
N SER B 47 -46.81 -45.25 13.81
CA SER B 47 -45.42 -45.27 14.27
C SER B 47 -44.49 -44.50 13.38
N ARG B 48 -43.33 -44.13 13.92
CA ARG B 48 -42.33 -43.40 13.16
C ARG B 48 -41.85 -44.24 11.99
N ASN B 49 -41.82 -43.63 10.81
CA ASN B 49 -41.37 -44.27 9.59
C ASN B 49 -42.43 -45.10 8.89
N ASP B 50 -43.58 -45.24 9.52
CA ASP B 50 -44.68 -45.99 8.93
C ASP B 50 -45.16 -45.27 7.65
N VAL B 51 -45.51 -46.04 6.63
CA VAL B 51 -45.97 -45.46 5.37
C VAL B 51 -47.41 -44.98 5.52
N ILE B 52 -47.63 -43.70 5.27
CA ILE B 52 -48.94 -43.07 5.37
C ILE B 52 -49.81 -43.40 4.17
N LEU B 53 -49.26 -43.18 2.98
CA LEU B 53 -49.98 -43.42 1.75
C LEU B 53 -49.07 -43.53 0.52
N GLN B 54 -49.59 -44.09 -0.56
CA GLN B 54 -48.85 -44.27 -1.79
C GLN B 54 -49.69 -43.87 -2.98
N VAL B 55 -49.17 -42.97 -3.82
CA VAL B 55 -49.90 -42.54 -4.99
C VAL B 55 -49.20 -43.03 -6.25
N PRO B 56 -49.97 -43.54 -7.23
CA PRO B 56 -49.43 -44.05 -8.50
C PRO B 56 -49.05 -42.96 -9.49
N LYS B 57 -47.97 -43.17 -10.23
CA LYS B 57 -47.50 -42.19 -11.21
C LYS B 57 -48.59 -41.76 -12.17
N ARG B 58 -49.53 -42.65 -12.42
CA ARG B 58 -50.66 -42.40 -13.29
C ARG B 58 -51.33 -41.10 -12.86
N LEU B 59 -51.12 -40.74 -11.60
CA LEU B 59 -51.73 -39.55 -11.05
C LEU B 59 -50.78 -38.38 -10.76
N TRP B 60 -49.52 -38.46 -11.16
CA TRP B 60 -48.61 -37.33 -10.95
C TRP B 60 -49.07 -36.21 -11.87
N ILE B 61 -48.41 -35.09 -11.75
CA ILE B 61 -48.61 -33.92 -12.59
C ILE B 61 -47.20 -33.38 -12.59
N ASN B 62 -46.43 -33.77 -13.61
CA ASN B 62 -45.05 -33.34 -13.73
C ASN B 62 -44.78 -33.13 -15.20
N PRO B 63 -43.59 -32.62 -15.55
CA PRO B 63 -43.24 -32.38 -16.94
C PRO B 63 -43.63 -33.52 -17.88
N ASP B 64 -43.33 -34.75 -17.49
CA ASP B 64 -43.68 -35.90 -18.32
C ASP B 64 -45.16 -35.95 -18.61
N ALA B 65 -45.98 -35.73 -17.59
CA ALA B 65 -47.40 -35.77 -17.79
C ALA B 65 -47.82 -34.77 -18.87
N VAL B 66 -47.25 -33.57 -18.85
CA VAL B 66 -47.60 -32.56 -19.83
C VAL B 66 -47.22 -33.05 -21.21
N ALA B 67 -45.96 -33.44 -21.37
CA ALA B 67 -45.47 -33.92 -22.65
C ALA B 67 -46.36 -34.98 -23.27
N ALA B 68 -46.93 -35.86 -22.46
CA ALA B 68 -47.80 -36.91 -22.98
C ALA B 68 -49.25 -36.47 -23.13
N SER B 69 -49.47 -35.16 -23.13
CA SER B 69 -50.82 -34.62 -23.25
C SER B 69 -51.00 -33.82 -24.54
N GLU B 70 -52.25 -33.49 -24.84
CA GLU B 70 -52.60 -32.73 -26.03
C GLU B 70 -51.75 -31.49 -26.26
N ILE B 71 -51.31 -30.84 -25.19
CA ILE B 71 -50.49 -29.65 -25.35
C ILE B 71 -49.01 -29.95 -25.25
N GLY B 72 -48.67 -31.23 -25.20
CA GLY B 72 -47.27 -31.61 -25.10
C GLY B 72 -46.45 -30.98 -26.20
N ARG B 73 -46.89 -31.20 -27.42
CA ARG B 73 -46.22 -30.69 -28.62
C ARG B 73 -45.81 -29.21 -28.58
N VAL B 74 -46.76 -28.34 -28.27
CA VAL B 74 -46.50 -26.91 -28.23
C VAL B 74 -45.60 -26.47 -27.09
N CYS B 75 -45.66 -27.19 -25.97
CA CYS B 75 -44.84 -26.83 -24.82
C CYS B 75 -43.47 -27.49 -24.91
N SER B 76 -43.28 -28.27 -25.95
CA SER B 76 -42.05 -29.00 -26.18
C SER B 76 -40.74 -28.25 -25.92
N GLU B 77 -40.75 -26.93 -26.08
CA GLU B 77 -39.54 -26.17 -25.88
C GLU B 77 -39.62 -25.24 -24.67
N LEU B 78 -40.73 -25.32 -23.94
CA LEU B 78 -40.92 -24.48 -22.77
C LEU B 78 -40.24 -25.05 -21.55
N LYS B 79 -39.69 -24.17 -20.73
CA LYS B 79 -39.03 -24.59 -19.49
C LYS B 79 -40.07 -25.41 -18.72
N PRO B 80 -39.63 -26.48 -18.04
CA PRO B 80 -40.52 -27.34 -17.27
C PRO B 80 -41.59 -26.69 -16.39
N TRP B 81 -41.20 -25.72 -15.54
CA TRP B 81 -42.21 -25.08 -14.70
C TRP B 81 -43.27 -24.35 -15.50
N LEU B 82 -42.86 -23.76 -16.63
CA LEU B 82 -43.81 -23.05 -17.47
C LEU B 82 -44.82 -24.00 -18.11
N SER B 83 -44.39 -25.22 -18.39
CA SER B 83 -45.29 -26.21 -19.00
C SER B 83 -46.34 -26.64 -18.01
N VAL B 84 -45.90 -26.98 -16.82
CA VAL B 84 -46.81 -27.42 -15.79
C VAL B 84 -47.84 -26.35 -15.49
N ILE B 85 -47.41 -25.09 -15.47
CA ILE B 85 -48.32 -23.99 -15.21
C ILE B 85 -49.46 -24.03 -16.20
N LEU B 86 -49.13 -24.21 -17.48
CA LEU B 86 -50.15 -24.28 -18.52
C LEU B 86 -51.02 -25.53 -18.37
N PHE B 87 -50.40 -26.66 -18.04
CA PHE B 87 -51.13 -27.90 -17.85
C PHE B 87 -52.14 -27.74 -16.70
N LEU B 88 -51.70 -27.13 -15.61
CA LEU B 88 -52.59 -26.93 -14.47
C LEU B 88 -53.75 -26.02 -14.81
N ILE B 89 -53.48 -24.92 -15.50
CA ILE B 89 -54.52 -23.97 -15.88
C ILE B 89 -55.50 -24.57 -16.88
N ARG B 90 -54.97 -25.40 -17.77
CA ARG B 90 -55.81 -26.03 -18.78
C ARG B 90 -56.73 -27.11 -18.17
N GLU B 91 -56.14 -28.00 -17.38
CA GLU B 91 -56.90 -29.08 -16.76
C GLU B 91 -57.93 -28.55 -15.77
N ARG B 92 -57.62 -27.47 -15.09
CA ARG B 92 -58.54 -26.90 -14.11
C ARG B 92 -59.85 -26.61 -14.83
N SER B 93 -59.72 -26.04 -16.03
CA SER B 93 -60.86 -25.68 -16.89
C SER B 93 -61.67 -26.89 -17.35
N ARG B 94 -60.99 -27.89 -17.91
CA ARG B 94 -61.65 -29.09 -18.37
C ARG B 94 -62.47 -29.76 -17.28
N GLU B 95 -63.80 -29.74 -17.41
CA GLU B 95 -64.67 -30.34 -16.40
C GLU B 95 -64.87 -31.83 -16.65
N ASP B 96 -63.77 -32.48 -17.02
CA ASP B 96 -63.73 -33.90 -17.29
C ASP B 96 -62.29 -34.35 -17.11
N SER B 97 -61.47 -33.48 -16.54
CA SER B 97 -60.06 -33.76 -16.29
C SER B 97 -59.91 -34.87 -15.25
N VAL B 98 -58.77 -35.54 -15.27
CA VAL B 98 -58.51 -36.63 -14.34
C VAL B 98 -58.50 -36.13 -12.91
N TRP B 99 -58.11 -34.88 -12.74
CA TRP B 99 -58.00 -34.28 -11.42
C TRP B 99 -59.10 -33.28 -11.15
N LYS B 100 -60.32 -33.60 -11.58
CA LYS B 100 -61.44 -32.70 -11.39
C LYS B 100 -61.63 -32.43 -9.90
N HIS B 101 -61.67 -33.49 -9.12
CA HIS B 101 -61.86 -33.42 -7.69
C HIS B 101 -60.64 -32.91 -6.95
N TYR B 102 -59.47 -33.13 -7.50
CA TYR B 102 -58.25 -32.66 -6.87
C TYR B 102 -58.29 -31.13 -6.93
N PHE B 103 -58.68 -30.60 -8.09
CA PHE B 103 -58.75 -29.15 -8.24
C PHE B 103 -59.79 -28.52 -7.33
N GLY B 104 -60.81 -29.31 -6.97
CA GLY B 104 -61.86 -28.79 -6.12
C GLY B 104 -61.40 -28.59 -4.69
N ILE B 105 -60.29 -29.23 -4.35
CA ILE B 105 -59.74 -29.16 -3.01
C ILE B 105 -58.65 -28.12 -2.88
N LEU B 106 -58.08 -27.71 -4.01
CA LEU B 106 -56.99 -26.74 -3.97
C LEU B 106 -57.41 -25.34 -3.54
N PRO B 107 -56.64 -24.74 -2.63
CA PRO B 107 -56.97 -23.39 -2.17
C PRO B 107 -56.82 -22.43 -3.34
N GLN B 108 -57.50 -21.29 -3.28
CA GLN B 108 -57.38 -20.31 -4.36
C GLN B 108 -56.18 -19.42 -4.11
N GLU B 109 -55.68 -19.44 -2.89
CA GLU B 109 -54.55 -18.59 -2.52
C GLU B 109 -53.83 -19.15 -1.32
N THR B 110 -52.68 -18.55 -1.03
CA THR B 110 -51.88 -18.92 0.13
C THR B 110 -51.47 -17.57 0.68
N ASP B 111 -50.74 -17.56 1.79
CA ASP B 111 -50.29 -16.29 2.34
C ASP B 111 -48.93 -15.97 1.77
N SER B 112 -48.62 -16.57 0.63
CA SER B 112 -47.36 -16.29 -0.05
C SER B 112 -47.41 -14.80 -0.37
N THR B 113 -46.27 -14.13 -0.30
CA THR B 113 -46.24 -12.69 -0.59
C THR B 113 -46.59 -12.33 -2.03
N ILE B 114 -46.72 -13.32 -2.90
CA ILE B 114 -47.05 -13.03 -4.28
C ILE B 114 -48.53 -12.69 -4.41
N TYR B 115 -49.26 -12.82 -3.31
CA TYR B 115 -50.69 -12.53 -3.32
C TYR B 115 -51.06 -11.35 -2.42
N TRP B 116 -50.10 -10.87 -1.66
CA TRP B 116 -50.35 -9.76 -0.75
C TRP B 116 -50.83 -8.53 -1.48
N SER B 117 -51.79 -7.84 -0.86
CA SER B 117 -52.35 -6.62 -1.43
C SER B 117 -51.32 -5.53 -1.23
N GLU B 118 -51.49 -4.43 -1.95
CA GLU B 118 -50.57 -3.33 -1.85
C GLU B 118 -50.40 -2.85 -0.41
N GLU B 119 -51.49 -2.78 0.33
CA GLU B 119 -51.44 -2.34 1.73
C GLU B 119 -50.63 -3.35 2.52
N GLU B 120 -50.77 -4.63 2.20
CA GLU B 120 -50.05 -5.67 2.90
C GLU B 120 -48.56 -5.67 2.64
N LEU B 121 -48.19 -5.45 1.38
CA LEU B 121 -46.78 -5.42 1.01
C LEU B 121 -46.07 -4.25 1.70
N GLN B 122 -46.80 -3.14 1.85
CA GLN B 122 -46.28 -1.93 2.49
C GLN B 122 -45.67 -2.24 3.84
N GLU B 123 -46.17 -3.29 4.48
CA GLU B 123 -45.70 -3.66 5.79
C GLU B 123 -44.29 -4.25 5.71
N LEU B 124 -43.83 -4.52 4.50
CA LEU B 124 -42.51 -5.08 4.26
C LEU B 124 -41.60 -4.04 3.60
N GLN B 125 -41.89 -2.78 3.86
CA GLN B 125 -41.14 -1.66 3.31
C GLN B 125 -39.65 -1.70 3.67
N GLY B 126 -38.79 -1.62 2.66
CA GLY B 126 -37.36 -1.63 2.88
C GLY B 126 -36.72 -2.98 3.17
N SER B 127 -37.49 -4.05 3.04
CA SER B 127 -37.01 -5.40 3.31
C SER B 127 -36.56 -6.10 2.03
N GLN B 128 -35.65 -7.06 2.18
CA GLN B 128 -35.17 -7.79 1.02
C GLN B 128 -36.32 -8.63 0.44
N LEU B 129 -37.10 -9.24 1.33
CA LEU B 129 -38.22 -10.06 0.91
C LEU B 129 -39.13 -9.31 -0.06
N LEU B 130 -39.29 -8.02 0.15
CA LEU B 130 -40.15 -7.24 -0.73
C LEU B 130 -39.53 -7.10 -2.12
N LYS B 131 -38.23 -6.85 -2.17
CA LYS B 131 -37.55 -6.71 -3.45
C LYS B 131 -37.62 -8.04 -4.17
N THR B 132 -37.37 -9.12 -3.43
CA THR B 132 -37.42 -10.45 -4.02
C THR B 132 -38.79 -10.76 -4.61
N THR B 133 -39.84 -10.53 -3.83
CA THR B 133 -41.18 -10.82 -4.31
C THR B 133 -41.56 -9.97 -5.51
N VAL B 134 -41.18 -8.70 -5.47
CA VAL B 134 -41.48 -7.79 -6.58
C VAL B 134 -40.74 -8.27 -7.85
N SER B 135 -39.48 -8.61 -7.67
CA SER B 135 -38.64 -9.08 -8.75
C SER B 135 -39.24 -10.35 -9.34
N VAL B 136 -39.64 -11.26 -8.45
CA VAL B 136 -40.24 -12.54 -8.84
C VAL B 136 -41.59 -12.36 -9.52
N LYS B 137 -42.45 -11.53 -8.94
CA LYS B 137 -43.76 -11.32 -9.54
C LYS B 137 -43.63 -10.77 -10.94
N GLU B 138 -42.77 -9.78 -11.12
CA GLU B 138 -42.58 -9.16 -12.41
C GLU B 138 -42.08 -10.16 -13.47
N TYR B 139 -41.12 -11.00 -13.08
CA TYR B 139 -40.56 -11.99 -14.00
C TYR B 139 -41.59 -13.03 -14.44
N VAL B 140 -42.37 -13.55 -13.49
CA VAL B 140 -43.37 -14.56 -13.81
C VAL B 140 -44.41 -13.97 -14.75
N LYS B 141 -44.71 -12.68 -14.56
CA LYS B 141 -45.68 -11.98 -15.39
C LYS B 141 -45.21 -11.90 -16.83
N ASN B 142 -44.00 -11.42 -17.05
CA ASN B 142 -43.47 -11.31 -18.40
C ASN B 142 -43.43 -12.66 -19.08
N GLU B 143 -42.91 -13.65 -18.37
CA GLU B 143 -42.81 -15.00 -18.90
C GLU B 143 -44.16 -15.59 -19.26
N CYS B 144 -45.19 -15.25 -18.50
CA CYS B 144 -46.51 -15.77 -18.77
C CYS B 144 -47.26 -14.99 -19.85
N LEU B 145 -46.93 -13.71 -20.02
CA LEU B 145 -47.59 -12.93 -21.06
C LEU B 145 -47.00 -13.38 -22.39
N LYS B 146 -45.76 -13.83 -22.32
CA LYS B 146 -45.04 -14.32 -23.49
C LYS B 146 -45.66 -15.64 -23.91
N LEU B 147 -46.05 -16.45 -22.94
CA LEU B 147 -46.68 -17.75 -23.21
C LEU B 147 -48.03 -17.52 -23.86
N GLU B 148 -48.70 -16.47 -23.40
CA GLU B 148 -50.03 -16.12 -23.88
C GLU B 148 -50.08 -15.93 -25.40
N GLN B 149 -49.11 -15.18 -25.91
CA GLN B 149 -49.07 -14.91 -27.35
C GLN B 149 -48.33 -15.95 -28.16
N GLU B 150 -47.37 -16.64 -27.55
CA GLU B 150 -46.63 -17.65 -28.28
C GLU B 150 -47.26 -19.03 -28.26
N ILE B 151 -48.09 -19.31 -27.26
CA ILE B 151 -48.73 -20.62 -27.17
C ILE B 151 -50.25 -20.59 -27.01
N ILE B 152 -50.72 -19.92 -25.97
CA ILE B 152 -52.15 -19.86 -25.70
C ILE B 152 -53.01 -19.29 -26.83
N LEU B 153 -52.66 -18.10 -27.31
CA LEU B 153 -53.43 -17.47 -28.38
C LEU B 153 -53.28 -18.19 -29.73
N PRO B 154 -52.05 -18.47 -30.16
CA PRO B 154 -51.87 -19.17 -31.44
C PRO B 154 -52.54 -20.55 -31.49
N ASN B 155 -53.04 -21.02 -30.35
CA ASN B 155 -53.68 -22.34 -30.30
C ASN B 155 -55.01 -22.33 -29.54
N LYS B 156 -55.88 -21.35 -29.83
CA LYS B 156 -57.16 -21.21 -29.12
C LYS B 156 -57.97 -22.50 -29.17
N ARG B 157 -57.47 -23.48 -29.91
CA ARG B 157 -58.19 -24.75 -30.01
C ARG B 157 -57.96 -25.53 -28.73
N LEU B 158 -56.71 -25.55 -28.28
CA LEU B 158 -56.32 -26.26 -27.08
C LEU B 158 -56.65 -25.43 -25.85
N PHE B 159 -56.49 -24.12 -25.96
CA PHE B 159 -56.80 -23.22 -24.86
C PHE B 159 -58.02 -22.38 -25.19
N PRO B 160 -59.23 -22.95 -25.00
CA PRO B 160 -60.50 -22.28 -25.28
C PRO B 160 -60.77 -21.02 -24.43
N ASP B 161 -60.87 -21.20 -23.12
CA ASP B 161 -61.13 -20.07 -22.23
C ASP B 161 -59.93 -19.13 -22.08
N PRO B 162 -60.18 -17.84 -21.80
CA PRO B 162 -59.10 -16.86 -21.64
C PRO B 162 -58.25 -17.20 -20.41
N VAL B 163 -57.04 -16.66 -20.37
CA VAL B 163 -56.13 -16.91 -19.26
C VAL B 163 -55.62 -15.59 -18.69
N THR B 164 -56.06 -15.25 -17.48
CA THR B 164 -55.64 -14.00 -16.85
C THR B 164 -54.40 -14.16 -16.00
N LEU B 165 -53.84 -13.05 -15.54
CA LEU B 165 -52.66 -13.10 -14.70
C LEU B 165 -52.97 -13.90 -13.46
N ASP B 166 -54.18 -13.70 -12.94
CA ASP B 166 -54.62 -14.40 -11.74
C ASP B 166 -54.54 -15.90 -11.93
N ASP B 167 -54.81 -16.37 -13.16
CA ASP B 167 -54.74 -17.78 -13.46
C ASP B 167 -53.30 -18.26 -13.38
N PHE B 168 -52.37 -17.49 -13.95
CA PHE B 168 -50.96 -17.86 -13.91
C PHE B 168 -50.46 -17.89 -12.48
N PHE B 169 -50.58 -16.78 -11.78
CA PHE B 169 -50.14 -16.72 -10.40
C PHE B 169 -50.75 -17.81 -9.54
N TRP B 170 -51.97 -18.22 -9.87
CA TRP B 170 -52.59 -19.29 -9.11
C TRP B 170 -51.74 -20.54 -9.29
N ALA B 171 -51.47 -20.88 -10.55
CA ALA B 171 -50.68 -22.06 -10.87
C ALA B 171 -49.24 -21.93 -10.37
N PHE B 172 -48.66 -20.74 -10.50
CA PHE B 172 -47.30 -20.57 -10.02
C PHE B 172 -47.26 -20.89 -8.52
N GLY B 173 -48.24 -20.39 -7.79
CA GLY B 173 -48.30 -20.62 -6.36
C GLY B 173 -48.55 -22.08 -6.00
N ILE B 174 -49.46 -22.73 -6.71
CA ILE B 174 -49.78 -24.14 -6.47
C ILE B 174 -48.50 -24.95 -6.65
N LEU B 175 -47.83 -24.68 -7.75
CA LEU B 175 -46.60 -25.37 -8.10
C LEU B 175 -45.45 -25.14 -7.14
N ARG B 176 -45.35 -23.94 -6.61
CA ARG B 176 -44.26 -23.61 -5.71
C ARG B 176 -44.48 -23.95 -4.25
N SER B 177 -45.73 -23.96 -3.81
CA SER B 177 -46.00 -24.28 -2.41
C SER B 177 -46.34 -25.74 -2.18
N ARG B 178 -46.74 -26.45 -3.23
CA ARG B 178 -47.15 -27.85 -3.15
C ARG B 178 -46.26 -28.94 -3.72
N ALA B 179 -45.79 -28.76 -4.95
CA ALA B 179 -44.98 -29.75 -5.64
C ALA B 179 -43.79 -30.31 -4.87
N PHE B 180 -43.67 -31.64 -4.89
CA PHE B 180 -42.56 -32.33 -4.23
C PHE B 180 -41.31 -32.30 -5.12
N SER B 181 -40.13 -32.29 -4.49
CA SER B 181 -38.88 -32.26 -5.25
C SER B 181 -38.11 -33.57 -5.15
N ARG B 182 -37.12 -33.59 -4.27
CA ARG B 182 -36.27 -34.75 -4.05
C ARG B 182 -36.85 -36.09 -4.53
N LEU B 183 -36.45 -36.51 -5.72
CA LEU B 183 -36.89 -37.77 -6.31
C LEU B 183 -35.76 -38.40 -7.10
N ARG B 184 -36.12 -38.99 -8.23
CA ARG B 184 -35.17 -39.62 -9.13
C ARG B 184 -35.35 -39.01 -10.51
N ASN B 185 -34.33 -38.28 -10.96
CA ASN B 185 -34.36 -37.64 -12.27
C ASN B 185 -35.47 -36.60 -12.37
N GLU B 186 -35.87 -36.04 -11.23
CA GLU B 186 -36.93 -35.04 -11.22
C GLU B 186 -36.72 -33.94 -10.17
N ASN B 187 -37.58 -32.91 -10.23
CA ASN B 187 -37.51 -31.77 -9.33
C ASN B 187 -38.88 -31.18 -9.05
N LEU B 188 -39.82 -31.41 -9.96
CA LEU B 188 -41.18 -30.89 -9.81
C LEU B 188 -42.24 -31.94 -10.05
N VAL B 189 -42.94 -32.34 -8.99
CA VAL B 189 -44.01 -33.32 -9.10
C VAL B 189 -45.13 -32.99 -8.14
N VAL B 190 -46.33 -32.83 -8.69
CA VAL B 190 -47.50 -32.53 -7.88
C VAL B 190 -48.20 -33.87 -7.64
N VAL B 191 -48.44 -34.22 -6.37
CA VAL B 191 -49.06 -35.49 -6.00
C VAL B 191 -50.35 -35.31 -5.19
N PRO B 192 -51.52 -35.54 -5.82
CA PRO B 192 -52.86 -35.43 -5.28
C PRO B 192 -53.20 -35.68 -3.82
N MET B 193 -52.76 -36.76 -3.19
CA MET B 193 -53.16 -36.88 -1.79
C MET B 193 -52.00 -36.55 -0.86
N ALA B 194 -50.80 -36.89 -1.30
CA ALA B 194 -49.60 -36.66 -0.53
C ALA B 194 -49.41 -35.19 -0.26
N ASP B 195 -49.88 -34.34 -1.17
CA ASP B 195 -49.67 -32.92 -1.00
C ASP B 195 -50.60 -32.22 -0.01
N LEU B 196 -51.12 -32.99 0.93
CA LEU B 196 -51.99 -32.45 1.95
C LEU B 196 -51.25 -32.34 3.28
N ILE B 197 -50.08 -33.00 3.40
CA ILE B 197 -49.35 -32.92 4.67
C ILE B 197 -48.83 -31.52 4.90
N ASN B 198 -48.88 -31.09 6.15
CA ASN B 198 -48.38 -29.77 6.48
C ASN B 198 -47.00 -29.84 7.11
N HIS B 199 -46.45 -28.66 7.36
CA HIS B 199 -45.13 -28.51 7.94
C HIS B 199 -45.20 -28.30 9.46
N SER B 200 -44.17 -28.78 10.15
CA SER B 200 -44.04 -28.63 11.59
C SER B 200 -42.57 -28.54 11.95
N ALA B 201 -42.22 -27.48 12.68
CA ALA B 201 -40.83 -27.27 13.09
C ALA B 201 -40.41 -28.40 14.01
N GLY B 202 -41.39 -29.19 14.44
CA GLY B 202 -41.10 -30.30 15.32
C GLY B 202 -40.44 -31.47 14.60
N VAL B 203 -40.46 -31.46 13.27
CA VAL B 203 -39.84 -32.54 12.50
C VAL B 203 -38.43 -32.10 12.13
N THR B 204 -37.43 -32.80 12.63
CA THR B 204 -36.05 -32.43 12.37
C THR B 204 -35.31 -33.28 11.35
N THR B 205 -36.02 -34.17 10.67
CA THR B 205 -35.37 -35.01 9.65
C THR B 205 -36.18 -34.89 8.37
N GLU B 206 -35.56 -35.21 7.24
CA GLU B 206 -36.24 -35.12 5.95
C GLU B 206 -36.44 -36.46 5.24
N ASP B 207 -36.70 -37.53 6.01
CA ASP B 207 -36.93 -38.85 5.41
C ASP B 207 -38.44 -39.18 5.49
N HIS B 208 -39.19 -38.69 4.50
CA HIS B 208 -40.63 -38.88 4.48
C HIS B 208 -41.20 -39.39 3.17
N ALA B 209 -40.36 -39.49 2.15
CA ALA B 209 -40.80 -39.98 0.87
C ALA B 209 -39.80 -40.95 0.26
N TYR B 210 -40.28 -41.75 -0.69
CA TYR B 210 -39.50 -42.75 -1.44
C TYR B 210 -40.36 -43.32 -2.56
N GLU B 211 -39.73 -43.73 -3.66
CA GLU B 211 -40.46 -44.28 -4.80
C GLU B 211 -40.34 -45.79 -4.92
N VAL B 212 -41.29 -46.39 -5.64
CA VAL B 212 -41.31 -47.83 -5.90
C VAL B 212 -41.47 -48.01 -7.40
N LYS B 213 -40.34 -48.10 -8.10
CA LYS B 213 -40.36 -48.22 -9.54
C LYS B 213 -40.23 -49.65 -10.10
N GLY B 214 -39.73 -49.73 -11.33
CA GLY B 214 -39.57 -51.00 -12.03
C GLY B 214 -38.60 -52.01 -11.45
N ALA B 215 -37.66 -51.55 -10.63
CA ALA B 215 -36.72 -52.45 -9.99
C ALA B 215 -37.54 -53.52 -9.25
N ALA B 216 -38.78 -53.15 -8.93
CA ALA B 216 -39.72 -54.03 -8.23
C ALA B 216 -40.74 -54.65 -9.19
N GLY B 217 -40.42 -54.64 -10.48
CA GLY B 217 -41.29 -55.21 -11.50
C GLY B 217 -42.64 -54.58 -11.79
N LEU B 218 -42.76 -53.27 -11.60
CA LEU B 218 -44.02 -52.55 -11.84
C LEU B 218 -43.98 -51.80 -13.16
N PHE B 219 -45.15 -51.46 -13.69
CA PHE B 219 -45.21 -50.68 -14.92
C PHE B 219 -45.05 -49.24 -14.49
N SER B 220 -44.53 -48.39 -15.38
CA SER B 220 -44.31 -46.98 -15.09
C SER B 220 -45.52 -46.28 -14.44
N TRP B 221 -46.71 -46.44 -15.03
CA TRP B 221 -47.91 -45.81 -14.51
C TRP B 221 -48.39 -46.35 -13.16
N ASP B 222 -47.71 -47.38 -12.64
CA ASP B 222 -48.07 -47.92 -11.34
C ASP B 222 -46.98 -47.61 -10.31
N TYR B 223 -45.98 -46.83 -10.72
CA TYR B 223 -44.89 -46.46 -9.81
C TYR B 223 -45.48 -45.69 -8.65
N LEU B 224 -44.97 -45.97 -7.44
CA LEU B 224 -45.53 -45.33 -6.27
C LEU B 224 -44.70 -44.26 -5.59
N PHE B 225 -45.38 -43.16 -5.25
CA PHE B 225 -44.76 -42.09 -4.51
C PHE B 225 -45.21 -42.42 -3.09
N SER B 226 -44.32 -43.00 -2.29
CA SER B 226 -44.67 -43.36 -0.93
C SER B 226 -44.24 -42.29 0.06
N LEU B 227 -45.21 -41.86 0.88
CA LEU B 227 -44.98 -40.84 1.89
C LEU B 227 -45.07 -41.47 3.27
N LYS B 228 -44.05 -41.29 4.10
CA LYS B 228 -44.12 -41.84 5.44
C LYS B 228 -44.20 -40.74 6.49
N SER B 229 -44.44 -41.14 7.72
CA SER B 229 -44.54 -40.19 8.81
C SER B 229 -43.25 -40.23 9.60
N PRO B 230 -42.44 -39.17 9.50
CA PRO B 230 -41.17 -39.12 10.23
C PRO B 230 -41.31 -39.22 11.74
N LEU B 231 -42.44 -38.79 12.28
CA LEU B 231 -42.66 -38.86 13.72
C LEU B 231 -43.75 -39.85 14.09
N SER B 232 -43.84 -40.17 15.38
CA SER B 232 -44.88 -41.05 15.88
C SER B 232 -46.06 -40.15 16.19
N VAL B 233 -47.22 -40.49 15.65
CA VAL B 233 -48.40 -39.67 15.86
C VAL B 233 -49.49 -40.48 16.52
N LYS B 234 -50.08 -39.96 17.60
CA LYS B 234 -51.18 -40.67 18.25
C LYS B 234 -52.46 -40.45 17.45
N ALA B 235 -53.40 -41.38 17.53
CA ALA B 235 -54.64 -41.25 16.75
C ALA B 235 -55.36 -39.97 17.09
N GLY B 236 -55.81 -39.27 16.07
CA GLY B 236 -56.51 -38.02 16.27
C GLY B 236 -55.60 -36.84 15.98
N GLU B 237 -54.31 -36.99 16.24
CA GLU B 237 -53.36 -35.90 15.99
C GLU B 237 -53.02 -35.75 14.52
N GLN B 238 -52.31 -34.68 14.20
CA GLN B 238 -51.90 -34.40 12.81
C GLN B 238 -50.52 -34.97 12.50
N VAL B 239 -50.34 -35.40 11.26
CA VAL B 239 -49.09 -35.96 10.79
C VAL B 239 -48.38 -34.88 9.99
N TYR B 240 -47.18 -34.50 10.39
CA TYR B 240 -46.45 -33.46 9.67
C TYR B 240 -45.12 -33.95 9.12
N ILE B 241 -44.50 -33.12 8.28
CA ILE B 241 -43.17 -33.42 7.77
C ILE B 241 -42.42 -32.11 7.88
N GLN B 242 -41.14 -32.14 7.53
CA GLN B 242 -40.29 -30.97 7.54
C GLN B 242 -40.16 -30.57 6.08
N TYR B 243 -40.71 -29.41 5.71
CA TYR B 243 -40.65 -28.95 4.33
C TYR B 243 -39.26 -28.66 3.81
N ASP B 244 -38.34 -28.24 4.68
CA ASP B 244 -36.98 -27.94 4.25
C ASP B 244 -36.17 -27.32 5.37
N LEU B 245 -35.13 -28.03 5.80
CA LEU B 245 -34.29 -27.58 6.90
C LEU B 245 -33.40 -26.39 6.56
N ASN B 246 -33.12 -26.20 5.27
CA ASN B 246 -32.23 -25.12 4.88
C ASN B 246 -32.78 -23.78 4.43
N LYS B 247 -34.08 -23.69 4.13
CA LYS B 247 -34.65 -22.42 3.70
C LYS B 247 -34.63 -21.35 4.79
N SER B 248 -34.62 -20.09 4.35
CA SER B 248 -34.65 -18.93 5.25
C SER B 248 -36.10 -18.57 5.49
N ASN B 249 -36.38 -17.79 6.53
CA ASN B 249 -37.76 -17.43 6.79
C ASN B 249 -38.33 -16.74 5.55
N ALA B 250 -37.49 -15.97 4.89
CA ALA B 250 -37.88 -15.23 3.69
C ALA B 250 -38.31 -16.20 2.59
N GLU B 251 -37.66 -17.37 2.53
CA GLU B 251 -38.01 -18.37 1.53
C GLU B 251 -39.30 -19.08 1.92
N LEU B 252 -39.40 -19.43 3.20
CA LEU B 252 -40.60 -20.08 3.69
C LEU B 252 -41.80 -19.20 3.40
N ALA B 253 -41.59 -17.89 3.49
CA ALA B 253 -42.63 -16.88 3.24
C ALA B 253 -43.11 -16.80 1.79
N LEU B 254 -42.18 -16.79 0.85
CA LEU B 254 -42.52 -16.69 -0.56
C LEU B 254 -43.06 -18.00 -1.15
N ASP B 255 -42.47 -19.13 -0.75
CA ASP B 255 -42.90 -20.44 -1.25
C ASP B 255 -44.20 -20.92 -0.65
N TYR B 256 -44.26 -20.91 0.68
CA TYR B 256 -45.43 -21.33 1.45
C TYR B 256 -45.92 -20.05 2.16
N GLY B 257 -47.16 -19.99 2.60
CA GLY B 257 -47.58 -18.75 3.24
C GLY B 257 -47.29 -18.63 4.72
N PHE B 258 -46.05 -18.86 5.14
CA PHE B 258 -45.74 -18.80 6.57
C PHE B 258 -44.24 -18.69 6.89
N ILE B 259 -43.93 -18.49 8.16
CA ILE B 259 -42.55 -18.40 8.64
C ILE B 259 -42.48 -19.03 10.01
N GLU B 260 -41.27 -19.20 10.52
CA GLU B 260 -41.09 -19.80 11.83
C GLU B 260 -40.53 -18.81 12.84
N PRO B 261 -40.79 -19.04 14.13
CA PRO B 261 -40.30 -18.18 15.21
C PRO B 261 -38.80 -18.32 15.34
N ASN B 262 -38.30 -19.51 15.04
CA ASN B 262 -36.89 -19.80 15.16
C ASN B 262 -36.03 -18.75 14.47
N GLU B 263 -35.20 -18.07 15.26
CA GLU B 263 -34.34 -17.02 14.73
C GLU B 263 -33.25 -17.52 13.80
N ASN B 264 -32.94 -18.81 13.87
CA ASN B 264 -31.92 -19.39 13.00
C ASN B 264 -32.37 -19.46 11.55
N ARG B 265 -33.66 -19.19 11.32
CA ARG B 265 -34.21 -19.22 9.97
C ARG B 265 -34.03 -17.86 9.32
N HIS B 266 -33.72 -16.86 10.15
CA HIS B 266 -33.53 -15.49 9.68
C HIS B 266 -32.27 -15.31 8.84
N ALA B 267 -32.46 -14.85 7.60
CA ALA B 267 -31.33 -14.65 6.71
C ALA B 267 -31.48 -13.41 5.86
N TYR B 268 -30.35 -12.95 5.34
CA TYR B 268 -30.29 -11.79 4.48
C TYR B 268 -29.25 -12.19 3.46
N THR B 269 -29.51 -11.96 2.18
CA THR B 269 -28.53 -12.34 1.18
C THR B 269 -27.85 -11.13 0.53
N LEU B 270 -26.52 -11.13 0.54
CA LEU B 270 -25.76 -10.04 -0.06
C LEU B 270 -25.47 -10.40 -1.49
N THR B 271 -25.59 -9.42 -2.38
CA THR B 271 -25.31 -9.67 -3.79
C THR B 271 -23.98 -9.00 -4.20
N LEU B 272 -23.04 -9.80 -4.67
CA LEU B 272 -21.72 -9.32 -5.09
C LEU B 272 -21.44 -9.49 -6.59
N GLU B 273 -20.88 -8.46 -7.20
CA GLU B 273 -20.58 -8.53 -8.63
C GLU B 273 -19.34 -7.76 -9.05
N ILE B 274 -18.65 -8.28 -10.05
CA ILE B 274 -17.46 -7.63 -10.57
C ILE B 274 -17.93 -6.66 -11.64
N SER B 275 -17.97 -5.37 -11.32
CA SER B 275 -18.42 -4.35 -12.27
C SER B 275 -17.59 -4.30 -13.54
N GLU B 276 -18.23 -4.06 -14.68
CA GLU B 276 -17.48 -3.98 -15.94
C GLU B 276 -16.70 -2.69 -16.02
N SER B 277 -17.11 -1.69 -15.26
CA SER B 277 -16.43 -0.40 -15.23
C SER B 277 -15.14 -0.50 -14.41
N ASP B 278 -14.85 -1.69 -13.90
CA ASP B 278 -13.64 -1.93 -13.11
C ASP B 278 -12.47 -2.11 -14.07
N PRO B 279 -11.41 -1.29 -13.90
CA PRO B 279 -10.23 -1.36 -14.75
C PRO B 279 -9.66 -2.76 -14.97
N PHE B 280 -9.90 -3.67 -14.04
CA PHE B 280 -9.37 -5.02 -14.21
C PHE B 280 -10.47 -6.06 -14.36
N PHE B 281 -11.64 -5.62 -14.82
CA PHE B 281 -12.78 -6.50 -15.02
C PHE B 281 -12.39 -7.88 -15.56
N ASP B 282 -11.99 -7.90 -16.83
CA ASP B 282 -11.59 -9.13 -17.51
C ASP B 282 -10.79 -10.12 -16.65
N ASP B 283 -9.70 -9.65 -16.06
CA ASP B 283 -8.89 -10.54 -15.23
C ASP B 283 -9.66 -11.01 -14.02
N LYS B 284 -10.37 -10.11 -13.35
CA LYS B 284 -11.13 -10.51 -12.17
C LYS B 284 -12.20 -11.52 -12.55
N LEU B 285 -12.88 -11.30 -13.67
CA LEU B 285 -13.93 -12.22 -14.10
C LEU B 285 -13.36 -13.62 -14.36
N ASP B 286 -12.15 -13.67 -14.90
CA ASP B 286 -11.51 -14.93 -15.18
C ASP B 286 -11.22 -15.63 -13.85
N VAL B 287 -10.73 -14.88 -12.90
CA VAL B 287 -10.41 -15.43 -11.59
C VAL B 287 -11.66 -16.03 -10.94
N ALA B 288 -12.72 -15.23 -10.91
CA ALA B 288 -13.98 -15.65 -10.32
C ALA B 288 -14.50 -16.96 -10.92
N GLU B 289 -14.63 -16.99 -12.24
CA GLU B 289 -15.12 -18.17 -12.93
C GLU B 289 -14.20 -19.38 -12.73
N SER B 290 -12.89 -19.14 -12.83
CA SER B 290 -11.90 -20.19 -12.65
C SER B 290 -12.01 -20.84 -11.27
N ASN B 291 -12.77 -20.24 -10.38
CA ASN B 291 -12.91 -20.77 -9.03
C ASN B 291 -14.34 -21.00 -8.58
N GLY B 292 -15.23 -21.13 -9.57
CA GLY B 292 -16.63 -21.41 -9.30
C GLY B 292 -17.58 -20.27 -9.00
N PHE B 293 -17.31 -19.07 -9.49
CA PHE B 293 -18.22 -17.96 -9.23
C PHE B 293 -18.47 -17.22 -10.51
N ALA B 294 -19.60 -16.54 -10.55
CA ALA B 294 -19.99 -15.82 -11.75
C ALA B 294 -19.67 -14.34 -11.70
N GLN B 295 -20.00 -13.66 -12.78
CA GLN B 295 -19.79 -12.23 -12.90
C GLN B 295 -20.58 -11.59 -11.75
N THR B 296 -21.61 -12.30 -11.30
CA THR B 296 -22.45 -11.87 -10.17
C THR B 296 -22.71 -13.10 -9.29
N ALA B 297 -22.59 -12.91 -7.97
CA ALA B 297 -22.79 -14.02 -7.05
C ALA B 297 -23.59 -13.59 -5.83
N TYR B 298 -24.36 -14.51 -5.27
CA TYR B 298 -25.15 -14.18 -4.09
C TYR B 298 -24.70 -15.00 -2.89
N PHE B 299 -24.62 -14.35 -1.74
CA PHE B 299 -24.20 -15.03 -0.52
C PHE B 299 -25.27 -14.87 0.54
N ASP B 300 -25.74 -15.99 1.09
CA ASP B 300 -26.77 -15.93 2.11
C ASP B 300 -26.14 -15.94 3.48
N ILE B 301 -26.51 -14.97 4.29
CA ILE B 301 -25.99 -14.87 5.64
C ILE B 301 -27.09 -15.17 6.62
N PHE B 302 -27.01 -16.33 7.26
CA PHE B 302 -28.01 -16.73 8.23
C PHE B 302 -27.61 -16.24 9.62
N TYR B 303 -28.62 -15.82 10.37
CA TYR B 303 -28.41 -15.32 11.72
C TYR B 303 -27.66 -16.36 12.53
N ASN B 304 -26.72 -15.91 13.35
CA ASN B 304 -25.92 -16.80 14.18
C ASN B 304 -24.98 -17.75 13.46
N ARG B 305 -25.12 -17.92 12.16
CA ARG B 305 -24.18 -18.79 11.43
C ARG B 305 -22.91 -18.01 11.12
N THR B 306 -21.86 -18.71 10.72
CA THR B 306 -20.61 -18.05 10.36
C THR B 306 -20.73 -17.71 8.89
N LEU B 307 -20.08 -16.63 8.45
CA LEU B 307 -20.15 -16.20 7.07
C LEU B 307 -19.90 -17.36 6.10
N PRO B 308 -20.68 -17.44 5.02
CA PRO B 308 -20.54 -18.52 4.03
C PRO B 308 -19.18 -18.50 3.37
N PRO B 309 -18.65 -19.69 3.05
CA PRO B 309 -17.34 -19.68 2.41
C PRO B 309 -17.42 -18.93 1.09
N GLY B 310 -16.33 -18.27 0.71
CA GLY B 310 -16.33 -17.55 -0.55
C GLY B 310 -16.80 -16.11 -0.54
N LEU B 311 -17.38 -15.64 0.55
CA LEU B 311 -17.84 -14.26 0.63
C LEU B 311 -16.63 -13.34 0.75
N LEU B 312 -15.88 -13.49 1.83
CA LEU B 312 -14.70 -12.65 2.05
C LEU B 312 -13.78 -12.63 0.83
N PRO B 313 -13.36 -13.82 0.34
CA PRO B 313 -12.47 -13.79 -0.82
C PRO B 313 -13.10 -13.05 -2.01
N TYR B 314 -14.41 -13.19 -2.20
CA TYR B 314 -15.04 -12.51 -3.32
C TYR B 314 -15.01 -11.02 -3.05
N LEU B 315 -15.33 -10.64 -1.82
CA LEU B 315 -15.31 -9.22 -1.44
C LEU B 315 -13.94 -8.64 -1.73
N ARG B 316 -12.89 -9.37 -1.38
CA ARG B 316 -11.53 -8.92 -1.62
C ARG B 316 -11.22 -8.81 -3.10
N LEU B 317 -11.74 -9.75 -3.89
CA LEU B 317 -11.49 -9.71 -5.32
C LEU B 317 -12.05 -8.40 -5.86
N VAL B 318 -13.27 -8.07 -5.44
CA VAL B 318 -13.94 -6.87 -5.86
C VAL B 318 -13.13 -5.65 -5.44
N ALA B 319 -12.97 -5.47 -4.13
CA ALA B 319 -12.23 -4.34 -3.62
C ALA B 319 -10.77 -4.33 -4.00
N LEU B 320 -10.26 -5.44 -4.53
CA LEU B 320 -8.84 -5.55 -4.86
C LEU B 320 -8.05 -4.23 -4.88
N GLY B 321 -8.16 -3.46 -5.96
CA GLY B 321 -7.44 -2.20 -6.04
C GLY B 321 -6.18 -2.19 -6.89
N GLY B 322 -5.70 -1.00 -7.25
CA GLY B 322 -4.52 -0.87 -8.08
C GLY B 322 -3.24 -1.44 -7.51
N THR B 323 -2.89 -1.01 -6.31
CA THR B 323 -1.69 -1.48 -5.63
C THR B 323 -1.50 -3.01 -5.70
N ASP B 324 -2.50 -3.75 -5.27
CA ASP B 324 -2.45 -5.22 -5.23
C ASP B 324 -2.82 -5.93 -6.52
N ALA B 325 -3.32 -5.20 -7.51
CA ALA B 325 -3.72 -5.83 -8.77
C ALA B 325 -2.67 -6.79 -9.31
N PHE B 326 -1.43 -6.65 -8.85
CA PHE B 326 -0.34 -7.51 -9.30
C PHE B 326 -0.72 -8.98 -9.19
N LEU B 327 -1.48 -9.33 -8.16
CA LEU B 327 -1.89 -10.72 -7.97
C LEU B 327 -2.70 -11.26 -9.14
N LEU B 328 -3.14 -10.37 -10.03
CA LEU B 328 -3.93 -10.79 -11.18
C LEU B 328 -3.08 -11.31 -12.33
N GLU B 329 -1.76 -11.20 -12.20
CA GLU B 329 -0.84 -11.68 -13.22
C GLU B 329 -1.02 -13.19 -13.39
N SER B 330 -0.61 -13.73 -14.53
CA SER B 330 -0.72 -15.16 -14.79
C SER B 330 0.20 -15.97 -13.87
N LEU B 331 1.14 -15.26 -13.24
CA LEU B 331 2.07 -15.88 -12.31
C LEU B 331 1.31 -16.52 -11.15
N PHE B 332 0.32 -15.80 -10.63
CA PHE B 332 -0.47 -16.28 -9.49
C PHE B 332 -1.81 -16.95 -9.82
N ARG B 333 -2.16 -17.04 -11.10
CA ARG B 333 -3.44 -17.63 -11.43
C ARG B 333 -3.65 -19.04 -10.89
N ASP B 334 -2.75 -19.46 -10.01
CA ASP B 334 -2.87 -20.79 -9.42
C ASP B 334 -2.89 -20.74 -7.90
N THR B 335 -2.67 -19.55 -7.36
CA THR B 335 -2.68 -19.37 -5.91
C THR B 335 -3.45 -18.13 -5.53
N ILE B 336 -3.94 -17.38 -6.51
CA ILE B 336 -4.67 -16.16 -6.21
C ILE B 336 -5.84 -16.40 -5.30
N TRP B 337 -6.69 -17.36 -5.67
CA TRP B 337 -7.85 -17.63 -4.86
C TRP B 337 -7.44 -17.99 -3.43
N GLY B 338 -6.32 -18.69 -3.32
CA GLY B 338 -5.81 -19.08 -2.01
C GLY B 338 -5.44 -17.85 -1.21
N HIS B 339 -4.86 -16.86 -1.89
CA HIS B 339 -4.46 -15.62 -1.26
C HIS B 339 -5.69 -14.80 -0.88
N LEU B 340 -6.66 -14.74 -1.79
CA LEU B 340 -7.90 -14.01 -1.51
C LEU B 340 -8.57 -14.66 -0.30
N GLU B 341 -8.28 -15.93 -0.09
CA GLU B 341 -8.83 -16.67 1.01
C GLU B 341 -8.16 -16.26 2.32
N LEU B 342 -6.86 -16.03 2.27
CA LEU B 342 -6.12 -15.65 3.45
C LEU B 342 -6.27 -14.14 3.74
N SER B 343 -6.19 -13.33 2.68
CA SER B 343 -6.32 -11.87 2.73
C SER B 343 -5.23 -11.27 1.84
N VAL B 344 -5.51 -10.10 1.26
CA VAL B 344 -4.56 -9.45 0.38
C VAL B 344 -3.68 -8.41 1.08
N SER B 345 -4.32 -7.35 1.56
CA SER B 345 -3.62 -6.27 2.21
C SER B 345 -4.54 -5.53 3.16
N ARG B 346 -3.97 -4.82 4.11
CA ARG B 346 -4.76 -4.07 5.06
C ARG B 346 -5.61 -3.05 4.35
N ASP B 347 -5.10 -2.50 3.26
CA ASP B 347 -5.88 -1.49 2.55
C ASP B 347 -7.09 -2.14 1.93
N ASN B 348 -6.86 -3.31 1.37
CA ASN B 348 -7.91 -4.08 0.72
C ASN B 348 -9.02 -4.45 1.72
N GLU B 349 -8.60 -4.99 2.86
CA GLU B 349 -9.50 -5.42 3.92
C GLU B 349 -10.32 -4.25 4.44
N GLU B 350 -9.63 -3.17 4.78
CA GLU B 350 -10.27 -1.97 5.31
C GLU B 350 -11.34 -1.41 4.37
N LEU B 351 -11.04 -1.46 3.07
CA LEU B 351 -11.93 -0.96 2.04
C LEU B 351 -13.23 -1.77 2.00
N LEU B 352 -13.09 -3.10 1.88
CA LEU B 352 -14.26 -3.96 1.83
C LEU B 352 -15.05 -3.87 3.14
N CYS B 353 -14.36 -3.69 4.26
CA CYS B 353 -15.06 -3.57 5.52
C CYS B 353 -15.98 -2.38 5.44
N LYS B 354 -15.43 -1.24 5.06
CA LYS B 354 -16.25 -0.04 4.97
C LYS B 354 -17.43 -0.23 4.01
N ALA B 355 -17.17 -0.81 2.85
CA ALA B 355 -18.23 -1.03 1.87
C ALA B 355 -19.41 -1.80 2.47
N VAL B 356 -19.10 -2.85 3.22
CA VAL B 356 -20.13 -3.68 3.84
C VAL B 356 -20.87 -2.93 4.94
N ARG B 357 -20.13 -2.31 5.85
CA ARG B 357 -20.78 -1.60 6.94
C ARG B 357 -21.67 -0.47 6.45
N GLU B 358 -21.29 0.17 5.36
CA GLU B 358 -22.09 1.26 4.85
C GLU B 358 -23.40 0.70 4.35
N ALA B 359 -23.32 -0.39 3.59
CA ALA B 359 -24.49 -1.04 3.03
C ALA B 359 -25.47 -1.41 4.12
N CYS B 360 -24.96 -1.99 5.19
CA CYS B 360 -25.82 -2.40 6.30
C CYS B 360 -26.58 -1.21 6.87
N LYS B 361 -25.82 -0.18 7.22
CA LYS B 361 -26.39 1.03 7.81
C LYS B 361 -27.43 1.65 6.91
N SER B 362 -27.12 1.71 5.63
CA SER B 362 -28.03 2.27 4.65
C SER B 362 -29.32 1.43 4.60
N ALA B 363 -29.14 0.12 4.53
CA ALA B 363 -30.25 -0.80 4.47
C ALA B 363 -31.10 -0.68 5.74
N LEU B 364 -30.44 -0.74 6.90
CA LEU B 364 -31.14 -0.65 8.17
C LEU B 364 -32.05 0.58 8.22
N ALA B 365 -31.57 1.66 7.63
CA ALA B 365 -32.33 2.90 7.61
C ALA B 365 -33.62 2.80 6.79
N GLY B 366 -33.65 1.87 5.84
CA GLY B 366 -34.82 1.70 4.98
C GLY B 366 -36.11 1.19 5.62
N TYR B 367 -36.00 0.56 6.80
CA TYR B 367 -37.16 0.03 7.48
C TYR B 367 -37.90 1.12 8.25
N HIS B 368 -39.23 1.01 8.29
CA HIS B 368 -40.07 1.98 8.98
C HIS B 368 -40.49 1.57 10.38
N THR B 369 -39.76 0.65 11.00
CA THR B 369 -40.09 0.20 12.34
C THR B 369 -38.81 -0.18 13.06
N THR B 370 -38.83 -0.18 14.38
CA THR B 370 -37.65 -0.55 15.12
C THR B 370 -37.88 -1.96 15.61
N ILE B 371 -36.79 -2.68 15.85
CA ILE B 371 -36.87 -4.03 16.31
C ILE B 371 -37.73 -4.08 17.58
N GLU B 372 -37.46 -3.17 18.50
CA GLU B 372 -38.21 -3.10 19.76
C GLU B 372 -39.70 -2.96 19.46
N GLN B 373 -40.02 -2.28 18.37
CA GLN B 373 -41.42 -2.09 18.00
C GLN B 373 -41.98 -3.39 17.44
N ASP B 374 -41.18 -4.06 16.62
CA ASP B 374 -41.60 -5.31 16.03
C ASP B 374 -41.88 -6.32 17.13
N ARG B 375 -40.92 -6.47 18.03
CA ARG B 375 -41.05 -7.41 19.13
C ARG B 375 -42.27 -7.17 20.01
N GLU B 376 -42.64 -5.90 20.20
CA GLU B 376 -43.80 -5.59 21.02
C GLU B 376 -45.06 -6.01 20.25
N LEU B 377 -45.10 -5.70 18.96
CA LEU B 377 -46.24 -6.07 18.11
C LEU B 377 -46.54 -7.57 18.24
N LYS B 378 -45.49 -8.38 18.12
CA LYS B 378 -45.58 -9.83 18.20
C LYS B 378 -46.18 -10.26 19.54
N GLU B 379 -45.90 -9.49 20.58
CA GLU B 379 -46.42 -9.81 21.90
C GLU B 379 -47.95 -9.80 21.88
N GLY B 380 -48.54 -9.26 20.82
CA GLY B 380 -50.00 -9.23 20.71
C GLY B 380 -50.55 -10.21 19.69
N ASN B 381 -51.82 -10.05 19.30
CA ASN B 381 -52.41 -10.95 18.32
C ASN B 381 -52.32 -10.38 16.93
N LEU B 382 -51.32 -10.82 16.18
CA LEU B 382 -51.14 -10.33 14.83
C LEU B 382 -51.85 -11.21 13.84
N ASP B 383 -52.21 -10.64 12.69
CA ASP B 383 -52.90 -11.37 11.64
C ASP B 383 -51.88 -12.14 10.78
N SER B 384 -52.36 -13.14 10.03
CA SER B 384 -51.50 -13.95 9.18
C SER B 384 -50.37 -13.21 8.50
N ARG B 385 -50.74 -12.33 7.58
CA ARG B 385 -49.77 -11.56 6.81
C ARG B 385 -49.03 -10.50 7.62
N LEU B 386 -49.67 -9.96 8.65
CA LEU B 386 -48.98 -8.95 9.45
C LEU B 386 -47.92 -9.67 10.25
N ALA B 387 -48.24 -10.88 10.68
CA ALA B 387 -47.31 -11.67 11.46
C ALA B 387 -46.07 -11.94 10.63
N ILE B 388 -46.30 -12.34 9.38
CA ILE B 388 -45.22 -12.65 8.46
C ILE B 388 -44.33 -11.43 8.26
N ALA B 389 -44.96 -10.29 8.01
CA ALA B 389 -44.23 -9.05 7.80
C ALA B 389 -43.37 -8.71 9.01
N VAL B 390 -44.02 -8.54 10.16
CA VAL B 390 -43.33 -8.21 11.39
C VAL B 390 -42.17 -9.16 11.68
N GLY B 391 -42.39 -10.46 11.48
CA GLY B 391 -41.36 -11.44 11.74
C GLY B 391 -40.19 -11.37 10.77
N ILE B 392 -40.50 -11.25 9.48
CA ILE B 392 -39.46 -11.16 8.48
C ILE B 392 -38.55 -9.97 8.71
N ARG B 393 -39.16 -8.79 8.81
CA ARG B 393 -38.41 -7.55 9.00
C ARG B 393 -37.64 -7.55 10.31
N GLU B 394 -38.22 -8.05 11.39
CA GLU B 394 -37.46 -8.08 12.62
C GLU B 394 -36.23 -8.91 12.37
N GLY B 395 -36.41 -10.01 11.63
CA GLY B 395 -35.31 -10.89 11.33
C GLY B 395 -34.23 -10.26 10.49
N GLU B 396 -34.63 -9.58 9.41
CA GLU B 396 -33.65 -8.94 8.51
C GLU B 396 -32.83 -7.91 9.29
N LYS B 397 -33.50 -7.14 10.13
CA LYS B 397 -32.80 -6.13 10.89
C LYS B 397 -31.78 -6.79 11.80
N MET B 398 -32.17 -7.91 12.40
CA MET B 398 -31.28 -8.64 13.30
C MET B 398 -30.03 -9.09 12.54
N VAL B 399 -30.24 -9.59 11.32
CA VAL B 399 -29.13 -10.07 10.52
C VAL B 399 -28.27 -8.89 10.08
N LEU B 400 -28.90 -7.85 9.55
CA LEU B 400 -28.17 -6.66 9.09
C LEU B 400 -27.24 -6.17 10.19
N GLN B 401 -27.77 -6.05 11.40
CA GLN B 401 -26.95 -5.62 12.51
C GLN B 401 -25.85 -6.63 12.81
N GLN B 402 -26.18 -7.91 12.77
CA GLN B 402 -25.16 -8.94 13.06
C GLN B 402 -24.02 -8.85 12.06
N ILE B 403 -24.34 -8.52 10.81
CA ILE B 403 -23.31 -8.38 9.80
C ILE B 403 -22.44 -7.17 10.14
N ASP B 404 -23.09 -6.03 10.40
CA ASP B 404 -22.36 -4.83 10.73
C ASP B 404 -21.42 -5.09 11.91
N GLY B 405 -21.96 -5.69 12.96
CA GLY B 405 -21.12 -5.98 14.12
C GLY B 405 -19.95 -6.86 13.77
N ILE B 406 -20.19 -7.84 12.89
CA ILE B 406 -19.14 -8.75 12.48
C ILE B 406 -17.99 -7.99 11.85
N PHE B 407 -18.33 -7.12 10.91
CA PHE B 407 -17.32 -6.35 10.19
C PHE B 407 -16.78 -5.15 10.97
N GLU B 408 -17.44 -4.81 12.06
CA GLU B 408 -16.98 -3.72 12.89
C GLU B 408 -15.81 -4.32 13.66
N GLN B 409 -15.98 -5.54 14.12
CA GLN B 409 -14.94 -6.24 14.86
C GLN B 409 -13.77 -6.51 13.93
N LYS B 410 -14.03 -6.61 12.63
CA LYS B 410 -12.96 -6.84 11.68
C LYS B 410 -12.14 -5.58 11.58
N GLU B 411 -12.80 -4.43 11.56
CA GLU B 411 -12.10 -3.16 11.48
C GLU B 411 -11.18 -3.04 12.69
N LEU B 412 -11.63 -3.53 13.84
CA LEU B 412 -10.83 -3.48 15.04
C LEU B 412 -9.63 -4.41 14.98
N GLU B 413 -9.83 -5.63 14.50
CA GLU B 413 -8.73 -6.61 14.42
C GLU B 413 -7.99 -6.51 13.09
N LEU B 414 -8.20 -5.40 12.39
CA LEU B 414 -7.60 -5.15 11.09
C LEU B 414 -6.09 -5.39 11.02
N ASP B 415 -5.39 -5.20 12.14
CA ASP B 415 -3.94 -5.39 12.17
C ASP B 415 -3.53 -6.81 12.55
N GLN B 416 -4.49 -7.60 13.03
CA GLN B 416 -4.22 -8.97 13.43
C GLN B 416 -4.11 -9.95 12.28
N LEU B 417 -4.56 -9.55 11.10
CA LEU B 417 -4.49 -10.40 9.91
C LEU B 417 -3.11 -10.44 9.28
N GLU B 418 -2.69 -11.61 8.82
CA GLU B 418 -1.40 -11.75 8.17
C GLU B 418 -1.66 -11.68 6.67
N TYR B 419 -1.35 -10.54 6.08
CA TYR B 419 -1.58 -10.35 4.67
C TYR B 419 -0.51 -10.99 3.78
N TYR B 420 -0.69 -10.84 2.48
CA TYR B 420 0.20 -11.40 1.50
C TYR B 420 1.69 -11.18 1.77
N GLN B 421 2.08 -9.94 2.01
CA GLN B 421 3.49 -9.66 2.26
C GLN B 421 4.01 -10.40 3.47
N GLU B 422 3.35 -10.26 4.60
CA GLU B 422 3.82 -10.94 5.81
C GLU B 422 4.00 -12.43 5.54
N ARG B 423 3.04 -13.02 4.84
CA ARG B 423 3.10 -14.44 4.52
C ARG B 423 4.27 -14.78 3.61
N ARG B 424 4.57 -13.88 2.69
CA ARG B 424 5.67 -14.08 1.74
C ARG B 424 6.97 -14.27 2.54
N LEU B 425 7.04 -13.65 3.72
CA LEU B 425 8.24 -13.77 4.54
C LEU B 425 8.13 -14.76 5.71
N LYS B 426 7.11 -15.62 5.69
CA LYS B 426 6.93 -16.58 6.77
C LYS B 426 7.99 -17.68 6.72
N ASP B 427 8.51 -17.93 5.51
CA ASP B 427 9.53 -18.97 5.34
C ASP B 427 10.91 -18.35 5.15
N LEU B 428 11.23 -17.32 5.92
CA LEU B 428 12.53 -16.67 5.81
C LEU B 428 13.65 -17.58 6.24
N GLY B 429 13.58 -18.06 7.48
CA GLY B 429 14.62 -18.95 7.99
C GLY B 429 15.86 -18.22 8.46
N LEU B 430 15.68 -17.16 9.24
CA LEU B 430 16.77 -16.36 9.77
C LEU B 430 17.57 -17.14 10.79
N CYS B 431 16.84 -17.77 11.70
CA CYS B 431 17.45 -18.54 12.76
C CYS B 431 17.71 -19.97 12.34
N GLY B 432 18.68 -20.15 11.46
CA GLY B 432 19.01 -21.48 11.00
C GLY B 432 20.25 -21.99 11.68
N GLU B 433 21.30 -22.19 10.90
CA GLU B 433 22.55 -22.68 11.44
C GLU B 433 23.65 -21.71 11.06
N ASN B 434 24.82 -21.87 11.65
CA ASN B 434 25.94 -21.01 11.33
C ASN B 434 26.53 -21.55 10.06
N GLY B 435 25.76 -21.47 8.99
CA GLY B 435 26.18 -21.96 7.69
C GLY B 435 27.52 -21.49 7.15
N ASP B 436 28.19 -20.60 7.88
CA ASP B 436 29.48 -20.11 7.42
C ASP B 436 30.53 -21.17 7.71
N ILE B 437 30.32 -21.97 8.75
CA ILE B 437 31.25 -23.02 9.13
C ILE B 437 31.20 -24.15 8.10
N LEU B 438 30.00 -24.55 7.72
CA LEU B 438 29.86 -25.61 6.75
C LEU B 438 30.46 -25.13 5.42
N GLU B 439 30.52 -23.81 5.22
CA GLU B 439 31.09 -23.24 4.00
C GLU B 439 32.61 -23.25 3.99
N ASN B 440 33.23 -23.22 5.16
CA ASN B 440 34.68 -23.27 5.23
C ASN B 440 35.12 -24.73 5.10
N LEU B 441 34.24 -25.56 4.55
CA LEU B 441 34.51 -26.97 4.34
C LEU B 441 34.03 -27.39 2.95
N TYR B 442 33.13 -26.59 2.36
CA TYR B 442 32.59 -26.88 1.03
C TYR B 442 33.69 -26.83 -0.03
N PHE B 443 34.40 -25.71 -0.09
CA PHE B 443 35.44 -25.51 -1.09
C PHE B 443 36.86 -25.77 -0.61
N GLN B 444 37.76 -25.89 -1.58
CA GLN B 444 39.19 -26.16 -1.35
C GLN B 444 39.81 -25.36 -0.20
N LEU C 6 5.12 74.40 -9.45
CA LEU C 6 5.68 73.80 -10.69
C LEU C 6 7.05 74.38 -11.02
N SER C 7 8.04 73.50 -11.19
CA SER C 7 9.39 73.91 -11.54
C SER C 7 9.43 74.40 -12.97
N PRO C 8 10.53 75.07 -13.37
CA PRO C 8 10.64 75.57 -14.74
C PRO C 8 10.58 74.43 -15.75
N ALA C 9 11.13 73.27 -15.38
CA ALA C 9 11.12 72.12 -16.27
C ALA C 9 9.70 71.68 -16.53
N VAL C 10 8.88 71.62 -15.47
CA VAL C 10 7.49 71.22 -15.61
C VAL C 10 6.77 72.22 -16.50
N GLN C 11 6.84 73.49 -16.12
CA GLN C 11 6.19 74.56 -16.87
C GLN C 11 6.55 74.46 -18.36
N THR C 12 7.81 74.14 -18.63
CA THR C 12 8.27 73.97 -20.00
C THR C 12 7.50 72.81 -20.62
N PHE C 13 7.68 71.62 -20.05
CA PHE C 13 7.03 70.40 -20.50
C PHE C 13 5.57 70.68 -20.84
N TRP C 14 4.93 71.51 -20.03
CA TRP C 14 3.53 71.84 -20.24
C TRP C 14 3.35 72.73 -21.47
N LYS C 15 4.29 73.64 -21.69
CA LYS C 15 4.23 74.53 -22.85
C LYS C 15 4.42 73.69 -24.09
N TRP C 16 5.38 72.77 -24.03
CA TRP C 16 5.67 71.87 -25.14
C TRP C 16 4.42 71.11 -25.59
N LEU C 17 3.61 70.70 -24.61
CA LEU C 17 2.40 69.97 -24.91
C LEU C 17 1.36 70.89 -25.50
N GLN C 18 1.50 72.18 -25.21
CA GLN C 18 0.58 73.18 -25.74
C GLN C 18 0.95 73.41 -27.20
N GLU C 19 2.25 73.49 -27.48
CA GLU C 19 2.72 73.68 -28.84
C GLU C 19 2.35 72.47 -29.68
N GLU C 20 2.49 71.28 -29.09
CA GLU C 20 2.17 70.04 -29.77
C GLU C 20 0.69 69.90 -30.06
N GLY C 21 -0.14 70.75 -29.45
CA GLY C 21 -1.57 70.66 -29.70
C GLY C 21 -2.27 69.71 -28.74
N VAL C 22 -1.50 69.07 -27.87
CA VAL C 22 -2.02 68.13 -26.89
C VAL C 22 -2.85 68.86 -25.83
N ILE C 23 -2.22 69.81 -25.14
CA ILE C 23 -2.89 70.60 -24.11
C ILE C 23 -3.57 71.78 -24.81
N THR C 24 -4.78 72.11 -24.37
CA THR C 24 -5.50 73.24 -24.96
C THR C 24 -6.38 73.85 -23.88
N ALA C 25 -7.25 74.75 -24.28
CA ALA C 25 -8.16 75.40 -23.34
C ALA C 25 -9.21 74.43 -22.85
N LYS C 26 -9.43 73.36 -23.61
CA LYS C 26 -10.42 72.35 -23.26
C LYS C 26 -9.89 71.36 -22.21
N THR C 27 -8.58 71.14 -22.20
CA THR C 27 -7.97 70.23 -21.24
C THR C 27 -8.43 70.63 -19.84
N PRO C 28 -9.14 69.73 -19.16
CA PRO C 28 -9.68 69.95 -17.82
C PRO C 28 -8.73 69.70 -16.66
N VAL C 29 -7.48 69.37 -16.97
CA VAL C 29 -6.54 69.07 -15.91
C VAL C 29 -5.18 69.76 -16.10
N LYS C 30 -4.38 69.82 -15.04
CA LYS C 30 -3.07 70.44 -15.11
C LYS C 30 -2.07 69.71 -14.22
N ALA C 31 -0.79 69.90 -14.50
CA ALA C 31 0.26 69.26 -13.70
C ALA C 31 0.32 69.93 -12.33
N SER C 32 0.56 69.14 -11.29
CA SER C 32 0.63 69.68 -9.94
C SER C 32 1.58 68.84 -9.10
N VAL C 33 2.15 69.44 -8.07
CA VAL C 33 3.07 68.70 -7.20
C VAL C 33 2.26 68.11 -6.07
N VAL C 34 2.20 66.77 -6.03
CA VAL C 34 1.44 66.06 -5.03
C VAL C 34 2.32 65.13 -4.22
N THR C 35 1.74 64.54 -3.18
CA THR C 35 2.56 63.66 -2.36
C THR C 35 3.12 62.51 -3.20
N GLU C 36 2.36 62.08 -4.21
CA GLU C 36 2.79 60.98 -5.07
C GLU C 36 3.93 61.40 -6.01
N GLY C 37 4.27 62.68 -5.95
CA GLY C 37 5.32 63.24 -6.80
C GLY C 37 4.63 64.28 -7.65
N LEU C 38 4.54 64.01 -8.95
CA LEU C 38 3.82 64.89 -9.87
C LEU C 38 2.52 64.16 -10.17
N GLY C 39 1.45 64.92 -10.39
CA GLY C 39 0.18 64.29 -10.66
C GLY C 39 -0.71 65.25 -11.39
N LEU C 40 -1.91 64.78 -11.72
CA LEU C 40 -2.86 65.59 -12.45
C LEU C 40 -3.99 66.15 -11.59
N VAL C 41 -4.09 67.47 -11.56
CA VAL C 41 -5.12 68.15 -10.79
C VAL C 41 -6.19 68.79 -11.65
N ALA C 42 -7.44 68.61 -11.26
CA ALA C 42 -8.58 69.15 -11.99
C ALA C 42 -8.64 70.66 -11.96
N LEU C 43 -8.97 71.25 -13.11
CA LEU C 43 -9.07 72.70 -13.25
C LEU C 43 -10.52 73.14 -13.12
N LYS C 44 -11.41 72.17 -13.25
CA LYS C 44 -12.84 72.41 -13.14
C LYS C 44 -13.39 71.07 -12.72
N ASP C 45 -14.67 71.01 -12.35
CA ASP C 45 -15.22 69.74 -11.95
C ASP C 45 -15.16 68.76 -13.12
N ILE C 46 -14.84 67.50 -12.83
CA ILE C 46 -14.76 66.47 -13.85
C ILE C 46 -15.74 65.35 -13.54
N SER C 47 -16.55 64.98 -14.52
CA SER C 47 -17.53 63.93 -14.31
C SER C 47 -16.95 62.58 -14.67
N ARG C 48 -17.52 61.52 -14.12
CA ARG C 48 -17.03 60.18 -14.39
C ARG C 48 -17.06 59.91 -15.89
N ASN C 49 -15.94 59.42 -16.41
CA ASN C 49 -15.76 59.08 -17.84
C ASN C 49 -15.42 60.21 -18.79
N ASP C 50 -15.30 61.42 -18.27
CA ASP C 50 -14.93 62.57 -19.08
C ASP C 50 -13.55 62.30 -19.61
N VAL C 51 -13.27 62.75 -20.83
CA VAL C 51 -11.94 62.57 -21.38
C VAL C 51 -11.02 63.68 -20.87
N ILE C 52 -10.01 63.28 -20.12
CA ILE C 52 -9.05 64.22 -19.52
C ILE C 52 -8.02 64.74 -20.52
N LEU C 53 -7.58 63.87 -21.43
CA LEU C 53 -6.59 64.26 -22.43
C LEU C 53 -6.39 63.14 -23.45
N GLN C 54 -5.84 63.50 -24.60
CA GLN C 54 -5.56 62.53 -25.68
C GLN C 54 -4.23 62.90 -26.28
N VAL C 55 -3.36 61.91 -26.47
CA VAL C 55 -2.06 62.17 -27.06
C VAL C 55 -2.00 61.48 -28.41
N PRO C 56 -1.36 62.11 -29.41
CA PRO C 56 -1.21 61.57 -30.76
C PRO C 56 -0.12 60.51 -30.82
N LYS C 57 -0.33 59.47 -31.62
CA LYS C 57 0.62 58.36 -31.74
C LYS C 57 2.02 58.85 -32.05
N ARG C 58 2.07 60.03 -32.66
CA ARG C 58 3.30 60.68 -33.02
C ARG C 58 4.17 60.73 -31.77
N LEU C 59 3.51 60.83 -30.62
CA LEU C 59 4.20 60.94 -29.35
C LEU C 59 4.45 59.67 -28.54
N TRP C 60 3.95 58.51 -28.98
CA TRP C 60 4.21 57.28 -28.21
C TRP C 60 5.71 57.02 -28.13
N ILE C 61 6.02 55.88 -27.53
CA ILE C 61 7.38 55.37 -27.40
C ILE C 61 7.11 53.89 -27.20
N ASN C 62 6.94 53.17 -28.29
CA ASN C 62 6.67 51.75 -28.22
C ASN C 62 7.59 51.03 -29.18
N PRO C 63 7.51 49.70 -29.24
CA PRO C 63 8.36 48.95 -30.15
C PRO C 63 8.35 49.52 -31.58
N ASP C 64 7.17 49.88 -32.08
CA ASP C 64 7.08 50.44 -33.43
C ASP C 64 7.94 51.69 -33.59
N ALA C 65 7.98 52.52 -32.54
CA ALA C 65 8.76 53.74 -32.58
C ALA C 65 10.24 53.43 -32.75
N VAL C 66 10.74 52.44 -32.03
CA VAL C 66 12.15 52.08 -32.14
C VAL C 66 12.45 51.48 -33.51
N ALA C 67 11.58 50.59 -33.98
CA ALA C 67 11.76 49.93 -35.28
C ALA C 67 11.81 50.97 -36.40
N ALA C 68 11.07 52.06 -36.22
CA ALA C 68 11.02 53.12 -37.21
C ALA C 68 12.05 54.21 -36.91
N SER C 69 13.06 53.88 -36.12
CA SER C 69 14.09 54.85 -35.78
C SER C 69 15.46 54.39 -36.29
N GLU C 70 16.45 55.26 -36.13
CA GLU C 70 17.81 54.97 -36.56
C GLU C 70 18.33 53.64 -36.04
N ILE C 71 17.96 53.30 -34.81
CA ILE C 71 18.42 52.05 -34.23
C ILE C 71 17.47 50.88 -34.42
N GLY C 72 16.45 51.08 -35.25
CA GLY C 72 15.49 50.03 -35.50
C GLY C 72 16.11 48.74 -36.03
N ARG C 73 16.89 48.88 -37.08
CA ARG C 73 17.55 47.76 -37.73
C ARG C 73 18.31 46.85 -36.77
N VAL C 74 19.22 47.44 -36.00
CA VAL C 74 20.04 46.68 -35.05
C VAL C 74 19.26 46.01 -33.92
N CYS C 75 18.13 46.58 -33.54
CA CYS C 75 17.30 46.03 -32.48
C CYS C 75 16.18 45.18 -33.05
N SER C 76 16.24 44.92 -34.35
CA SER C 76 15.22 44.14 -35.04
C SER C 76 14.94 42.78 -34.42
N GLU C 77 15.97 42.18 -33.82
CA GLU C 77 15.80 40.86 -33.22
C GLU C 77 15.72 40.85 -31.69
N LEU C 78 15.91 41.99 -31.06
CA LEU C 78 15.85 42.09 -29.60
C LEU C 78 14.41 42.07 -29.10
N LYS C 79 14.19 41.46 -27.94
CA LYS C 79 12.85 41.42 -27.37
C LYS C 79 12.37 42.87 -27.25
N PRO C 80 11.06 43.09 -27.44
CA PRO C 80 10.51 44.45 -27.35
C PRO C 80 10.94 45.34 -26.18
N TRP C 81 10.95 44.79 -24.96
CA TRP C 81 11.33 45.64 -23.82
C TRP C 81 12.80 46.07 -23.86
N LEU C 82 13.68 45.18 -24.29
CA LEU C 82 15.09 45.52 -24.39
C LEU C 82 15.25 46.60 -25.46
N SER C 83 14.43 46.52 -26.51
CA SER C 83 14.50 47.50 -27.58
C SER C 83 14.13 48.86 -27.04
N VAL C 84 13.07 48.91 -26.26
CA VAL C 84 12.59 50.17 -25.70
C VAL C 84 13.58 50.78 -24.71
N ILE C 85 14.29 49.93 -23.97
CA ILE C 85 15.28 50.42 -23.03
C ILE C 85 16.33 51.22 -23.79
N LEU C 86 16.92 50.57 -24.79
CA LEU C 86 17.93 51.21 -25.63
C LEU C 86 17.44 52.53 -26.19
N PHE C 87 16.25 52.51 -26.77
CA PHE C 87 15.67 53.71 -27.36
C PHE C 87 15.58 54.83 -26.33
N LEU C 88 15.17 54.48 -25.10
CA LEU C 88 15.04 55.48 -24.05
C LEU C 88 16.40 56.03 -23.65
N ILE C 89 17.34 55.16 -23.34
CA ILE C 89 18.67 55.58 -22.95
C ILE C 89 19.25 56.47 -24.05
N ARG C 90 18.98 56.11 -25.30
CA ARG C 90 19.46 56.84 -26.47
C ARG C 90 18.81 58.21 -26.61
N GLU C 91 17.49 58.22 -26.73
CA GLU C 91 16.76 59.48 -26.88
C GLU C 91 17.05 60.42 -25.72
N ARG C 92 17.36 59.86 -24.55
CA ARG C 92 17.65 60.67 -23.39
C ARG C 92 18.90 61.50 -23.68
N SER C 93 19.90 60.83 -24.25
CA SER C 93 21.18 61.44 -24.60
C SER C 93 21.06 62.57 -25.62
N ARG C 94 20.38 62.29 -26.73
CA ARG C 94 20.18 63.27 -27.79
C ARG C 94 19.51 64.55 -27.32
N GLU C 95 20.28 65.64 -27.25
CA GLU C 95 19.76 66.92 -26.79
C GLU C 95 18.93 67.61 -27.87
N ASP C 96 18.25 66.82 -28.68
CA ASP C 96 17.42 67.33 -29.74
C ASP C 96 16.30 66.33 -29.99
N SER C 97 16.16 65.38 -29.07
CA SER C 97 15.12 64.35 -29.18
C SER C 97 13.72 64.96 -29.11
N VAL C 98 12.74 64.22 -29.63
CA VAL C 98 11.37 64.70 -29.63
C VAL C 98 10.84 64.85 -28.20
N TRP C 99 11.39 64.04 -27.30
CA TRP C 99 10.97 64.04 -25.90
C TRP C 99 12.03 64.66 -24.99
N LYS C 100 12.59 65.78 -25.42
CA LYS C 100 13.61 66.44 -24.61
C LYS C 100 12.99 66.95 -23.32
N HIS C 101 11.79 67.52 -23.43
CA HIS C 101 11.09 68.06 -22.28
C HIS C 101 10.43 67.00 -21.43
N TYR C 102 10.08 65.89 -22.07
CA TYR C 102 9.46 64.78 -21.38
C TYR C 102 10.51 64.21 -20.41
N PHE C 103 11.71 63.92 -20.92
CA PHE C 103 12.76 63.39 -20.05
C PHE C 103 13.12 64.39 -18.94
N GLY C 104 12.82 65.66 -19.17
CA GLY C 104 13.12 66.69 -18.19
C GLY C 104 12.25 66.65 -16.94
N ILE C 105 11.16 65.88 -17.04
CA ILE C 105 10.19 65.71 -15.96
C ILE C 105 10.38 64.38 -15.24
N LEU C 106 10.77 63.35 -16.00
CA LEU C 106 10.97 62.01 -15.46
C LEU C 106 11.85 61.96 -14.23
N PRO C 107 11.36 61.30 -13.17
CA PRO C 107 12.11 61.17 -11.92
C PRO C 107 13.31 60.26 -12.15
N GLN C 108 14.40 60.54 -11.45
CA GLN C 108 15.59 59.72 -11.60
C GLN C 108 15.36 58.34 -10.99
N GLU C 109 14.46 58.29 -10.01
CA GLU C 109 14.17 57.03 -9.31
C GLU C 109 12.74 56.91 -8.79
N THR C 110 12.40 55.71 -8.31
CA THR C 110 11.09 55.44 -7.72
C THR C 110 11.44 54.62 -6.49
N ASP C 111 10.45 54.19 -5.73
CA ASP C 111 10.76 53.39 -4.56
C ASP C 111 10.66 51.91 -4.86
N SER C 112 10.80 51.56 -6.13
CA SER C 112 10.77 50.18 -6.54
C SER C 112 11.98 49.58 -5.86
N THR C 113 11.91 48.31 -5.49
CA THR C 113 13.03 47.69 -4.80
C THR C 113 14.31 47.60 -5.64
N ILE C 114 14.20 47.72 -6.96
CA ILE C 114 15.38 47.63 -7.82
C ILE C 114 16.34 48.80 -7.59
N TYR C 115 15.95 49.77 -6.77
CA TYR C 115 16.81 50.91 -6.50
C TYR C 115 17.19 50.96 -5.03
N TRP C 116 16.77 49.94 -4.29
CA TRP C 116 17.06 49.90 -2.86
C TRP C 116 18.52 49.63 -2.49
N SER C 117 19.04 50.42 -1.55
CA SER C 117 20.41 50.26 -1.09
C SER C 117 20.51 48.92 -0.38
N GLU C 118 21.73 48.44 -0.21
CA GLU C 118 21.93 47.17 0.46
C GLU C 118 21.28 47.17 1.86
N GLU C 119 21.42 48.28 2.58
CA GLU C 119 20.85 48.38 3.92
C GLU C 119 19.34 48.24 3.81
N GLU C 120 18.76 49.11 3.00
CA GLU C 120 17.32 49.10 2.77
C GLU C 120 16.80 47.69 2.46
N LEU C 121 17.50 46.98 1.57
CA LEU C 121 17.09 45.63 1.20
C LEU C 121 17.18 44.67 2.37
N GLN C 122 18.05 44.98 3.32
CA GLN C 122 18.23 44.11 4.48
C GLN C 122 16.92 44.03 5.24
N GLU C 123 16.10 45.06 5.06
CA GLU C 123 14.82 45.15 5.73
C GLU C 123 13.80 44.15 5.19
N LEU C 124 14.14 43.50 4.07
CA LEU C 124 13.28 42.51 3.42
C LEU C 124 13.85 41.12 3.56
N GLN C 125 14.85 41.01 4.43
CA GLN C 125 15.51 39.73 4.68
C GLN C 125 14.51 38.58 4.86
N GLY C 126 14.75 37.49 4.14
CA GLY C 126 13.90 36.32 4.24
C GLY C 126 12.62 36.38 3.43
N SER C 127 12.25 37.57 2.95
CA SER C 127 11.02 37.75 2.18
C SER C 127 11.12 37.31 0.74
N GLN C 128 10.01 36.84 0.20
CA GLN C 128 9.98 36.41 -1.19
C GLN C 128 10.24 37.60 -2.09
N LEU C 129 9.69 38.76 -1.73
CA LEU C 129 9.89 39.95 -2.54
C LEU C 129 11.38 40.20 -2.80
N LEU C 130 12.22 39.87 -1.83
CA LEU C 130 13.65 40.06 -2.01
C LEU C 130 14.20 39.08 -3.04
N LYS C 131 13.93 37.80 -2.84
CA LYS C 131 14.43 36.81 -3.79
C LYS C 131 14.08 37.27 -5.20
N THR C 132 12.81 37.59 -5.41
CA THR C 132 12.34 38.03 -6.72
C THR C 132 13.14 39.21 -7.22
N THR C 133 13.17 40.28 -6.44
CA THR C 133 13.89 41.48 -6.85
C THR C 133 15.34 41.19 -7.18
N VAL C 134 15.97 40.33 -6.38
CA VAL C 134 17.35 39.97 -6.61
C VAL C 134 17.47 39.23 -7.94
N SER C 135 16.59 38.26 -8.14
CA SER C 135 16.59 37.47 -9.36
C SER C 135 16.26 38.34 -10.56
N VAL C 136 15.45 39.36 -10.36
CA VAL C 136 15.10 40.21 -11.47
C VAL C 136 16.25 41.15 -11.82
N LYS C 137 16.84 41.78 -10.80
CA LYS C 137 17.95 42.70 -11.05
C LYS C 137 19.08 42.01 -11.79
N GLU C 138 19.40 40.78 -11.37
CA GLU C 138 20.48 40.02 -11.99
C GLU C 138 20.20 39.78 -13.48
N TYR C 139 19.03 39.26 -13.80
CA TYR C 139 18.64 38.97 -15.17
C TYR C 139 18.69 40.19 -16.07
N VAL C 140 18.19 41.33 -15.58
CA VAL C 140 18.20 42.55 -16.37
C VAL C 140 19.64 42.97 -16.63
N LYS C 141 20.51 42.73 -15.66
CA LYS C 141 21.92 43.08 -15.80
C LYS C 141 22.55 42.24 -16.89
N ASN C 142 22.32 40.93 -16.85
CA ASN C 142 22.91 40.08 -17.87
C ASN C 142 22.41 40.48 -19.24
N GLU C 143 21.09 40.50 -19.41
CA GLU C 143 20.50 40.87 -20.70
C GLU C 143 21.00 42.22 -21.19
N CYS C 144 21.29 43.13 -20.27
CA CYS C 144 21.78 44.45 -20.63
C CYS C 144 23.28 44.51 -20.94
N LEU C 145 24.07 43.64 -20.31
CA LEU C 145 25.52 43.60 -20.56
C LEU C 145 25.74 42.94 -21.92
N LYS C 146 24.80 42.07 -22.27
CA LYS C 146 24.83 41.37 -23.54
C LYS C 146 24.54 42.39 -24.63
N LEU C 147 23.53 43.23 -24.41
CA LEU C 147 23.19 44.26 -25.38
C LEU C 147 24.39 45.16 -25.60
N GLU C 148 25.08 45.49 -24.53
CA GLU C 148 26.23 46.36 -24.60
C GLU C 148 27.26 45.90 -25.63
N GLN C 149 27.56 44.61 -25.64
CA GLN C 149 28.55 44.07 -26.57
C GLN C 149 28.01 43.64 -27.91
N GLU C 150 26.71 43.36 -27.99
CA GLU C 150 26.12 42.93 -29.25
C GLU C 150 25.47 44.04 -30.06
N ILE C 151 25.17 45.17 -29.43
CA ILE C 151 24.54 46.27 -30.16
C ILE C 151 25.15 47.64 -29.87
N ILE C 152 25.37 47.93 -28.59
CA ILE C 152 25.93 49.23 -28.20
C ILE C 152 27.36 49.49 -28.63
N LEU C 153 28.27 48.55 -28.36
CA LEU C 153 29.67 48.73 -28.72
C LEU C 153 29.90 48.61 -30.23
N PRO C 154 29.51 47.47 -30.84
CA PRO C 154 29.71 47.30 -32.28
C PRO C 154 28.98 48.33 -33.15
N ASN C 155 28.44 49.36 -32.53
CA ASN C 155 27.71 50.40 -33.25
C ASN C 155 27.94 51.75 -32.57
N LYS C 156 29.16 52.01 -32.10
CA LYS C 156 29.47 53.25 -31.39
C LYS C 156 28.95 54.49 -32.16
N ARG C 157 28.63 54.31 -33.43
CA ARG C 157 28.13 55.41 -34.25
C ARG C 157 26.75 55.86 -33.75
N LEU C 158 25.86 54.89 -33.56
CA LEU C 158 24.50 55.18 -33.09
C LEU C 158 24.50 55.47 -31.60
N PHE C 159 25.37 54.78 -30.87
CA PHE C 159 25.49 54.98 -29.44
C PHE C 159 26.81 55.64 -29.10
N PRO C 160 26.85 56.98 -29.18
CA PRO C 160 28.04 57.80 -28.90
C PRO C 160 28.60 57.63 -27.48
N ASP C 161 27.88 58.17 -26.51
CA ASP C 161 28.29 58.11 -25.10
C ASP C 161 28.17 56.70 -24.53
N PRO C 162 28.89 56.42 -23.43
CA PRO C 162 28.86 55.10 -22.78
C PRO C 162 27.51 54.81 -22.11
N VAL C 163 27.27 53.55 -21.78
CA VAL C 163 26.02 53.17 -21.14
C VAL C 163 26.31 52.29 -19.94
N THR C 164 25.94 52.79 -18.75
CA THR C 164 26.16 52.07 -17.50
C THR C 164 24.93 51.29 -17.02
N LEU C 165 25.12 50.44 -16.02
CA LEU C 165 24.01 49.67 -15.47
C LEU C 165 22.94 50.64 -15.01
N ASP C 166 23.38 51.73 -14.40
CA ASP C 166 22.48 52.76 -13.91
C ASP C 166 21.55 53.26 -15.01
N ASP C 167 22.09 53.39 -16.22
CA ASP C 167 21.28 53.86 -17.34
C ASP C 167 20.23 52.79 -17.65
N PHE C 168 20.66 51.54 -17.68
CA PHE C 168 19.73 50.45 -17.96
C PHE C 168 18.61 50.37 -16.93
N PHE C 169 18.99 50.32 -15.66
CA PHE C 169 18.01 50.25 -14.57
C PHE C 169 17.11 51.47 -14.55
N TRP C 170 17.61 52.59 -15.03
CA TRP C 170 16.79 53.79 -15.08
C TRP C 170 15.65 53.49 -16.05
N ALA C 171 16.01 53.10 -17.27
CA ALA C 171 15.03 52.81 -18.31
C ALA C 171 14.11 51.65 -17.92
N PHE C 172 14.67 50.60 -17.37
CA PHE C 172 13.85 49.45 -16.97
C PHE C 172 12.76 49.93 -16.01
N GLY C 173 13.15 50.74 -15.05
CA GLY C 173 12.20 51.25 -14.07
C GLY C 173 11.16 52.17 -14.69
N ILE C 174 11.59 52.99 -15.63
CA ILE C 174 10.69 53.91 -16.30
C ILE C 174 9.68 53.15 -17.13
N LEU C 175 10.14 52.05 -17.72
CA LEU C 175 9.30 51.24 -18.56
C LEU C 175 8.32 50.42 -17.72
N ARG C 176 8.82 49.83 -16.65
CA ARG C 176 8.00 49.01 -15.80
C ARG C 176 7.13 49.76 -14.81
N SER C 177 7.39 51.06 -14.63
CA SER C 177 6.57 51.83 -13.70
C SER C 177 5.68 52.83 -14.39
N ARG C 178 5.90 53.05 -15.69
CA ARG C 178 5.12 54.04 -16.43
C ARG C 178 4.32 53.60 -17.66
N ALA C 179 4.87 52.68 -18.45
CA ALA C 179 4.23 52.21 -19.66
C ALA C 179 2.86 51.61 -19.42
N PHE C 180 1.96 51.76 -20.40
CA PHE C 180 0.61 51.17 -20.28
C PHE C 180 0.69 49.80 -20.96
N SER C 181 -0.01 48.80 -20.42
CA SER C 181 0.05 47.47 -21.04
C SER C 181 -1.30 46.89 -21.49
N ARG C 182 -2.36 47.18 -20.74
CA ARG C 182 -3.70 46.68 -21.06
C ARG C 182 -4.28 47.34 -22.32
N LEU C 183 -3.51 47.32 -23.41
CA LEU C 183 -3.94 47.94 -24.66
C LEU C 183 -4.06 46.82 -25.69
N ARG C 184 -4.97 46.97 -26.65
CA ARG C 184 -5.12 45.93 -27.67
C ARG C 184 -3.98 45.98 -28.68
N ASN C 185 -3.32 44.84 -28.88
CA ASN C 185 -2.20 44.71 -29.81
C ASN C 185 -1.06 45.61 -29.39
N GLU C 186 -0.92 45.80 -28.08
CA GLU C 186 0.12 46.65 -27.50
C GLU C 186 0.34 46.33 -26.02
N ASN C 187 1.55 45.88 -25.68
CA ASN C 187 1.88 45.54 -24.30
C ASN C 187 2.83 46.55 -23.66
N LEU C 188 3.50 47.34 -24.48
CA LEU C 188 4.43 48.36 -23.99
C LEU C 188 4.22 49.68 -24.68
N VAL C 189 3.74 50.67 -23.96
CA VAL C 189 3.51 51.99 -24.54
C VAL C 189 3.74 53.08 -23.50
N VAL C 190 4.72 53.94 -23.75
CA VAL C 190 5.03 55.04 -22.85
C VAL C 190 4.36 56.29 -23.43
N VAL C 191 3.55 56.97 -22.63
CA VAL C 191 2.82 58.16 -23.08
C VAL C 191 3.02 59.40 -22.19
N PRO C 192 3.83 60.38 -22.63
CA PRO C 192 4.20 61.66 -22.00
C PRO C 192 3.36 62.39 -20.91
N MET C 193 2.24 62.98 -21.29
CA MET C 193 1.40 63.68 -20.31
C MET C 193 0.37 62.76 -19.67
N ALA C 194 -0.04 61.75 -20.41
CA ALA C 194 -1.02 60.79 -19.91
C ALA C 194 -0.40 59.97 -18.78
N ASP C 195 0.93 59.91 -18.74
CA ASP C 195 1.56 59.11 -17.71
C ASP C 195 1.94 59.90 -16.44
N LEU C 196 1.01 60.72 -15.99
CA LEU C 196 1.23 61.48 -14.77
C LEU C 196 0.14 61.11 -13.76
N ILE C 197 -0.90 60.40 -14.23
CA ILE C 197 -1.99 59.96 -13.34
C ILE C 197 -1.39 59.00 -12.34
N ASN C 198 -1.82 59.14 -11.10
CA ASN C 198 -1.34 58.29 -10.03
C ASN C 198 -2.39 57.26 -9.66
N HIS C 199 -1.99 56.33 -8.81
CA HIS C 199 -2.87 55.27 -8.35
C HIS C 199 -3.65 55.67 -7.10
N SER C 200 -4.86 55.13 -6.98
CA SER C 200 -5.70 55.38 -5.82
C SER C 200 -6.63 54.21 -5.58
N ALA C 201 -6.62 53.68 -4.37
CA ALA C 201 -7.48 52.56 -4.07
C ALA C 201 -8.93 53.02 -4.20
N GLY C 202 -9.12 54.34 -4.25
CA GLY C 202 -10.45 54.88 -4.37
C GLY C 202 -11.10 54.42 -5.65
N VAL C 203 -10.28 53.99 -6.61
CA VAL C 203 -10.81 53.52 -7.90
C VAL C 203 -10.95 52.00 -7.84
N THR C 204 -12.17 51.52 -8.04
CA THR C 204 -12.43 50.09 -7.98
C THR C 204 -12.85 49.53 -9.33
N THR C 205 -12.64 50.33 -10.36
CA THR C 205 -13.00 49.95 -11.70
C THR C 205 -11.84 49.33 -12.48
N GLU C 206 -10.98 50.21 -12.99
CA GLU C 206 -9.82 49.87 -13.83
C GLU C 206 -10.34 49.15 -15.09
N ASP C 207 -11.53 49.57 -15.48
CA ASP C 207 -12.22 49.07 -16.66
C ASP C 207 -11.47 49.72 -17.83
N HIS C 208 -10.18 49.95 -17.63
CA HIS C 208 -9.32 50.61 -18.61
C HIS C 208 -9.83 52.03 -18.78
N ALA C 209 -9.26 52.94 -18.00
CA ALA C 209 -9.66 54.33 -18.08
C ALA C 209 -9.04 54.93 -19.32
N TYR C 210 -8.49 54.08 -20.17
CA TYR C 210 -7.84 54.55 -21.38
C TYR C 210 -7.97 53.58 -22.55
N GLU C 211 -7.93 54.10 -23.76
CA GLU C 211 -7.96 53.27 -24.97
C GLU C 211 -7.65 54.08 -26.21
N VAL C 212 -7.10 53.42 -27.21
CA VAL C 212 -6.73 54.07 -28.45
C VAL C 212 -7.95 54.27 -29.31
N LYS C 213 -8.08 55.47 -29.86
CA LYS C 213 -9.20 55.78 -30.73
C LYS C 213 -8.66 56.54 -31.94
N GLY C 214 -9.18 56.20 -33.11
CA GLY C 214 -8.72 56.86 -34.32
C GLY C 214 -9.57 58.07 -34.66
N ALA C 215 -9.20 58.77 -35.73
CA ALA C 215 -9.92 59.96 -36.18
C ALA C 215 -9.60 60.26 -37.66
N ALA C 216 -10.36 61.17 -38.25
CA ALA C 216 -10.14 61.56 -39.64
C ALA C 216 -10.02 60.37 -40.58
N GLY C 217 -9.03 60.45 -41.47
CA GLY C 217 -8.83 59.40 -42.45
C GLY C 217 -8.45 58.05 -41.89
N LEU C 218 -8.31 57.97 -40.57
CA LEU C 218 -7.93 56.73 -39.89
C LEU C 218 -6.56 56.24 -40.30
N PHE C 219 -5.64 57.18 -40.58
CA PHE C 219 -4.29 56.79 -40.94
C PHE C 219 -3.54 56.54 -39.62
N SER C 220 -2.51 55.70 -39.63
CA SER C 220 -1.80 55.39 -38.38
C SER C 220 -1.55 56.61 -37.48
N TRP C 221 -1.02 57.69 -38.04
CA TRP C 221 -0.73 58.89 -37.29
C TRP C 221 -1.99 59.63 -36.81
N ASP C 222 -3.16 59.19 -37.29
CA ASP C 222 -4.43 59.81 -36.88
C ASP C 222 -4.94 59.17 -35.58
N TYR C 223 -4.29 58.09 -35.16
CA TYR C 223 -4.69 57.39 -33.94
C TYR C 223 -4.09 58.02 -32.71
N LEU C 224 -4.86 58.08 -31.65
CA LEU C 224 -4.34 58.67 -30.42
C LEU C 224 -4.79 58.00 -29.11
N PHE C 225 -3.95 58.18 -28.10
CA PHE C 225 -4.14 57.62 -26.75
C PHE C 225 -5.10 58.50 -25.99
N SER C 226 -6.29 58.00 -25.73
CA SER C 226 -7.28 58.77 -25.00
C SER C 226 -7.39 58.25 -23.56
N LEU C 227 -7.46 59.17 -22.61
CA LEU C 227 -7.55 58.83 -21.20
C LEU C 227 -8.67 59.60 -20.52
N LYS C 228 -9.49 58.90 -19.74
CA LYS C 228 -10.58 59.56 -19.04
C LYS C 228 -10.46 59.33 -17.54
N SER C 229 -11.22 60.07 -16.75
CA SER C 229 -11.21 59.95 -15.30
C SER C 229 -12.34 59.01 -14.88
N PRO C 230 -11.99 57.80 -14.37
CA PRO C 230 -13.01 56.83 -13.95
C PRO C 230 -13.89 57.30 -12.79
N LEU C 231 -13.54 58.42 -12.18
CA LEU C 231 -14.33 58.96 -11.07
C LEU C 231 -14.60 60.43 -11.27
N SER C 232 -15.60 60.94 -10.58
CA SER C 232 -15.92 62.35 -10.66
C SER C 232 -15.01 63.02 -9.66
N VAL C 233 -14.30 64.03 -10.12
CA VAL C 233 -13.39 64.74 -9.25
C VAL C 233 -13.85 66.19 -9.23
N LYS C 234 -13.61 66.87 -8.10
CA LYS C 234 -13.99 68.28 -8.00
C LYS C 234 -12.79 69.15 -8.34
N ALA C 235 -13.07 70.36 -8.78
CA ALA C 235 -12.04 71.30 -9.14
C ALA C 235 -11.01 71.40 -8.02
N GLY C 236 -9.74 71.18 -8.35
CA GLY C 236 -8.70 71.27 -7.32
C GLY C 236 -8.17 69.98 -6.76
N GLU C 237 -8.96 68.91 -6.88
CA GLU C 237 -8.55 67.61 -6.37
C GLU C 237 -7.75 66.84 -7.42
N GLN C 238 -7.15 65.73 -7.01
CA GLN C 238 -6.35 64.92 -7.92
C GLN C 238 -7.21 63.91 -8.71
N VAL C 239 -6.83 63.66 -9.95
CA VAL C 239 -7.53 62.70 -10.79
C VAL C 239 -6.71 61.41 -10.75
N TYR C 240 -7.35 60.30 -10.38
CA TYR C 240 -6.64 59.03 -10.26
C TYR C 240 -7.22 57.92 -11.15
N ILE C 241 -6.54 56.77 -11.12
CA ILE C 241 -6.97 55.56 -11.80
C ILE C 241 -6.46 54.39 -10.98
N GLN C 242 -6.97 53.20 -11.27
CA GLN C 242 -6.54 51.99 -10.57
C GLN C 242 -5.45 51.38 -11.44
N TYR C 243 -4.26 51.20 -10.91
CA TYR C 243 -3.20 50.62 -11.72
C TYR C 243 -3.46 49.15 -12.03
N ASP C 244 -3.82 48.35 -11.04
CA ASP C 244 -4.09 46.93 -11.30
C ASP C 244 -4.75 46.27 -10.09
N LEU C 245 -6.03 45.96 -10.23
CA LEU C 245 -6.77 45.34 -9.15
C LEU C 245 -6.27 43.94 -8.77
N ASN C 246 -5.60 43.26 -9.69
CA ASN C 246 -5.10 41.90 -9.46
C ASN C 246 -3.66 41.72 -8.99
N LYS C 247 -2.87 42.79 -9.03
CA LYS C 247 -1.49 42.71 -8.61
C LYS C 247 -1.39 42.56 -7.11
N SER C 248 -0.40 41.81 -6.65
CA SER C 248 -0.16 41.64 -5.22
C SER C 248 0.64 42.85 -4.73
N ASN C 249 0.75 43.00 -3.41
CA ASN C 249 1.49 44.10 -2.84
C ASN C 249 2.94 44.01 -3.30
N ALA C 250 3.44 42.78 -3.46
CA ALA C 250 4.80 42.55 -3.91
C ALA C 250 4.98 43.13 -5.31
N GLU C 251 4.00 42.88 -6.18
CA GLU C 251 4.09 43.40 -7.53
C GLU C 251 4.03 44.93 -7.50
N LEU C 252 3.12 45.47 -6.70
CA LEU C 252 3.03 46.93 -6.62
C LEU C 252 4.35 47.51 -6.11
N ALA C 253 5.06 46.75 -5.29
CA ALA C 253 6.31 47.20 -4.71
C ALA C 253 7.41 47.18 -5.74
N LEU C 254 7.52 46.08 -6.46
CA LEU C 254 8.56 45.96 -7.47
C LEU C 254 8.29 46.88 -8.66
N ASP C 255 7.10 46.79 -9.24
CA ASP C 255 6.75 47.60 -10.41
C ASP C 255 6.72 49.10 -10.16
N TYR C 256 6.08 49.53 -9.09
CA TYR C 256 6.02 50.96 -8.75
C TYR C 256 6.65 51.10 -7.38
N GLY C 257 6.72 52.30 -6.83
CA GLY C 257 7.34 52.36 -5.51
C GLY C 257 6.38 52.39 -4.35
N PHE C 258 5.35 51.53 -4.36
CA PHE C 258 4.39 51.58 -3.26
C PHE C 258 3.61 50.30 -3.04
N ILE C 259 2.89 50.27 -1.91
CA ILE C 259 2.04 49.15 -1.53
C ILE C 259 0.76 49.66 -0.87
N GLU C 260 -0.21 48.77 -0.64
CA GLU C 260 -1.47 49.15 -0.01
C GLU C 260 -1.67 48.48 1.34
N PRO C 261 -2.42 49.13 2.24
CA PRO C 261 -2.71 48.61 3.58
C PRO C 261 -3.68 47.45 3.50
N ASN C 262 -4.50 47.46 2.46
CA ASN C 262 -5.50 46.41 2.22
C ASN C 262 -4.83 45.04 2.29
N GLU C 263 -5.16 44.27 3.32
CA GLU C 263 -4.56 42.96 3.50
C GLU C 263 -4.87 41.97 2.38
N ASN C 264 -5.87 42.26 1.57
CA ASN C 264 -6.19 41.35 0.48
C ASN C 264 -5.19 41.46 -0.65
N ARG C 265 -4.26 42.39 -0.53
CA ARG C 265 -3.23 42.58 -1.56
C ARG C 265 -2.02 41.69 -1.26
N HIS C 266 -1.93 41.21 -0.02
CA HIS C 266 -0.82 40.34 0.37
C HIS C 266 -0.91 38.96 -0.29
N ALA C 267 0.19 38.54 -0.90
CA ALA C 267 0.21 37.25 -1.54
C ALA C 267 1.57 36.61 -1.38
N TYR C 268 1.62 35.30 -1.63
CA TYR C 268 2.86 34.57 -1.53
C TYR C 268 2.74 33.48 -2.57
N THR C 269 3.72 33.38 -3.46
CA THR C 269 3.64 32.36 -4.50
C THR C 269 4.49 31.12 -4.25
N LEU C 270 3.84 29.96 -4.41
CA LEU C 270 4.51 28.69 -4.23
C LEU C 270 4.92 28.22 -5.61
N THR C 271 6.11 27.64 -5.70
CA THR C 271 6.59 27.12 -6.97
C THR C 271 6.66 25.60 -6.89
N LEU C 272 5.99 24.94 -7.83
CA LEU C 272 5.99 23.49 -7.86
C LEU C 272 6.65 23.03 -9.14
N GLU C 273 7.26 21.85 -9.10
CA GLU C 273 7.88 21.32 -10.30
C GLU C 273 8.13 19.82 -10.25
N ILE C 274 7.84 19.16 -11.36
CA ILE C 274 8.04 17.74 -11.51
C ILE C 274 9.53 17.59 -11.78
N SER C 275 10.28 17.17 -10.77
CA SER C 275 11.72 17.02 -10.93
C SER C 275 12.09 15.87 -11.85
N GLU C 276 13.25 15.98 -12.48
CA GLU C 276 13.71 14.93 -13.39
C GLU C 276 14.24 13.69 -12.66
N SER C 277 14.60 13.86 -11.38
CA SER C 277 15.11 12.75 -10.58
C SER C 277 13.95 11.94 -10.02
N ASP C 278 12.74 12.30 -10.42
CA ASP C 278 11.54 11.60 -9.99
C ASP C 278 11.41 10.37 -10.87
N PRO C 279 11.33 9.18 -10.26
CA PRO C 279 11.20 7.92 -11.00
C PRO C 279 10.03 7.84 -11.97
N PHE C 280 9.15 8.83 -11.94
CA PHE C 280 8.02 8.82 -12.86
C PHE C 280 7.92 10.12 -13.63
N PHE C 281 9.06 10.77 -13.78
CA PHE C 281 9.18 12.04 -14.49
C PHE C 281 8.39 12.09 -15.79
N ASP C 282 8.84 11.32 -16.77
CA ASP C 282 8.20 11.30 -18.07
C ASP C 282 6.70 11.21 -17.99
N ASP C 283 6.18 10.21 -17.27
CA ASP C 283 4.75 10.04 -17.17
C ASP C 283 4.05 11.20 -16.49
N LYS C 284 4.64 11.74 -15.44
CA LYS C 284 4.02 12.86 -14.74
C LYS C 284 3.98 14.10 -15.63
N LEU C 285 5.09 14.37 -16.30
CA LEU C 285 5.20 15.52 -17.18
C LEU C 285 4.13 15.49 -18.26
N ASP C 286 3.97 14.34 -18.89
CA ASP C 286 2.98 14.15 -19.94
C ASP C 286 1.59 14.45 -19.36
N VAL C 287 1.38 14.06 -18.10
CA VAL C 287 0.11 14.28 -17.42
C VAL C 287 -0.14 15.77 -17.27
N ALA C 288 0.81 16.47 -16.66
CA ALA C 288 0.73 17.90 -16.44
C ALA C 288 0.49 18.70 -17.72
N GLU C 289 1.34 18.48 -18.72
CA GLU C 289 1.21 19.22 -19.96
C GLU C 289 -0.13 18.95 -20.61
N SER C 290 -0.59 17.70 -20.55
CA SER C 290 -1.88 17.37 -21.14
C SER C 290 -3.05 18.05 -20.43
N ASN C 291 -2.76 18.76 -19.34
CA ASN C 291 -3.79 19.44 -18.57
C ASN C 291 -3.45 20.89 -18.31
N GLY C 292 -2.65 21.45 -19.20
CA GLY C 292 -2.28 22.85 -19.10
C GLY C 292 -1.25 23.30 -18.08
N PHE C 293 -0.31 22.43 -17.72
CA PHE C 293 0.71 22.84 -16.77
C PHE C 293 2.09 22.49 -17.32
N ALA C 294 3.11 23.16 -16.81
CA ALA C 294 4.47 22.88 -17.28
C ALA C 294 5.27 22.08 -16.28
N GLN C 295 6.50 21.76 -16.66
CA GLN C 295 7.42 21.00 -15.83
C GLN C 295 7.56 21.80 -14.53
N THR C 296 7.29 23.09 -14.61
CA THR C 296 7.32 23.98 -13.44
C THR C 296 6.06 24.81 -13.46
N ALA C 297 5.50 25.11 -12.29
CA ALA C 297 4.27 25.90 -12.22
C ALA C 297 4.30 26.79 -11.00
N TYR C 298 3.78 28.00 -11.13
CA TYR C 298 3.74 28.91 -10.00
C TYR C 298 2.31 29.14 -9.60
N PHE C 299 2.06 29.12 -8.30
CA PHE C 299 0.71 29.35 -7.78
C PHE C 299 0.73 30.48 -6.77
N ASP C 300 -0.02 31.54 -7.07
CA ASP C 300 -0.11 32.69 -6.20
C ASP C 300 -1.22 32.49 -5.19
N ILE C 301 -0.85 32.57 -3.92
CA ILE C 301 -1.80 32.43 -2.83
C ILE C 301 -1.97 33.78 -2.15
N PHE C 302 -3.18 34.33 -2.29
CA PHE C 302 -3.52 35.62 -1.70
C PHE C 302 -4.18 35.43 -0.34
N TYR C 303 -3.90 36.36 0.56
CA TYR C 303 -4.48 36.30 1.89
C TYR C 303 -6.00 36.28 1.83
N ASN C 304 -6.62 35.41 2.63
CA ASN C 304 -8.07 35.31 2.68
C ASN C 304 -8.77 34.80 1.41
N ARG C 305 -8.02 34.28 0.44
CA ARG C 305 -8.64 33.73 -0.77
C ARG C 305 -8.52 32.22 -0.65
N THR C 306 -9.31 31.51 -1.42
CA THR C 306 -9.22 30.06 -1.39
C THR C 306 -8.04 29.67 -2.26
N LEU C 307 -7.43 28.54 -1.96
CA LEU C 307 -6.29 28.06 -2.73
C LEU C 307 -6.63 28.05 -4.21
N PRO C 308 -5.68 28.50 -5.05
CA PRO C 308 -5.94 28.53 -6.49
C PRO C 308 -6.18 27.14 -7.11
N PRO C 309 -7.02 27.07 -8.15
CA PRO C 309 -7.33 25.81 -8.82
C PRO C 309 -6.06 25.22 -9.41
N GLY C 310 -5.88 23.92 -9.27
CA GLY C 310 -4.68 23.29 -9.80
C GLY C 310 -3.56 23.10 -8.79
N LEU C 311 -3.55 23.89 -7.71
CA LEU C 311 -2.50 23.74 -6.70
C LEU C 311 -2.49 22.37 -6.05
N LEU C 312 -3.63 21.97 -5.52
CA LEU C 312 -3.75 20.68 -4.87
C LEU C 312 -3.45 19.53 -5.82
N PRO C 313 -4.12 19.49 -6.98
CA PRO C 313 -3.81 18.37 -7.88
C PRO C 313 -2.34 18.32 -8.26
N TYR C 314 -1.74 19.46 -8.55
CA TYR C 314 -0.33 19.49 -8.92
C TYR C 314 0.56 19.03 -7.75
N LEU C 315 0.14 19.38 -6.52
CA LEU C 315 0.89 18.98 -5.34
C LEU C 315 0.84 17.46 -5.29
N ARG C 316 -0.37 16.93 -5.51
CA ARG C 316 -0.59 15.49 -5.50
C ARG C 316 0.26 14.79 -6.56
N LEU C 317 0.18 15.27 -7.80
CA LEU C 317 0.96 14.69 -8.87
C LEU C 317 2.44 14.63 -8.46
N VAL C 318 2.92 15.68 -7.79
CA VAL C 318 4.30 15.71 -7.37
C VAL C 318 4.60 14.62 -6.35
N ALA C 319 3.85 14.60 -5.26
CA ALA C 319 4.03 13.62 -4.19
C ALA C 319 3.62 12.20 -4.55
N LEU C 320 3.00 12.02 -5.71
CA LEU C 320 2.53 10.72 -6.17
C LEU C 320 3.14 9.48 -5.53
N GLY C 321 4.30 9.04 -6.01
CA GLY C 321 4.91 7.86 -5.40
C GLY C 321 4.48 6.49 -5.93
N GLY C 322 5.30 5.48 -5.62
CA GLY C 322 5.02 4.13 -6.09
C GLY C 322 3.65 3.52 -5.82
N THR C 323 3.12 3.76 -4.63
CA THR C 323 1.82 3.21 -4.27
C THR C 323 0.72 3.53 -5.27
N ASP C 324 0.68 4.79 -5.71
CA ASP C 324 -0.35 5.23 -6.63
C ASP C 324 0.12 5.32 -8.09
N ALA C 325 1.40 5.02 -8.32
CA ALA C 325 1.97 5.08 -9.67
C ALA C 325 1.12 4.33 -10.70
N PHE C 326 0.20 3.51 -10.21
CA PHE C 326 -0.65 2.74 -11.09
C PHE C 326 -1.60 3.65 -11.86
N LEU C 327 -1.83 4.85 -11.35
CA LEU C 327 -2.74 5.79 -12.01
C LEU C 327 -2.12 6.48 -13.22
N LEU C 328 -0.82 6.27 -13.42
CA LEU C 328 -0.12 6.88 -14.54
C LEU C 328 -0.21 6.06 -15.82
N GLU C 329 -0.75 4.85 -15.76
CA GLU C 329 -0.88 4.02 -16.96
C GLU C 329 -1.77 4.71 -17.98
N SER C 330 -1.67 4.29 -19.23
CA SER C 330 -2.49 4.90 -20.29
C SER C 330 -3.97 4.71 -20.08
N LEU C 331 -4.34 3.79 -19.19
CA LEU C 331 -5.74 3.51 -18.89
C LEU C 331 -6.44 4.73 -18.28
N PHE C 332 -5.73 5.42 -17.39
CA PHE C 332 -6.28 6.59 -16.72
C PHE C 332 -5.91 7.94 -17.34
N ARG C 333 -5.16 7.93 -18.43
CA ARG C 333 -4.76 9.18 -19.06
C ARG C 333 -5.91 10.05 -19.53
N ASP C 334 -7.10 9.79 -19.03
CA ASP C 334 -8.25 10.58 -19.41
C ASP C 334 -9.11 10.92 -18.21
N THR C 335 -8.64 10.51 -17.04
CA THR C 335 -9.36 10.77 -15.79
C THR C 335 -8.40 11.00 -14.63
N ILE C 336 -7.11 10.81 -14.88
CA ILE C 336 -6.15 11.00 -13.82
C ILE C 336 -6.22 12.40 -13.23
N TRP C 337 -6.42 13.40 -14.09
CA TRP C 337 -6.48 14.76 -13.56
C TRP C 337 -7.71 14.91 -12.67
N GLY C 338 -8.82 14.31 -13.10
CA GLY C 338 -10.03 14.39 -12.30
C GLY C 338 -9.80 13.71 -10.96
N HIS C 339 -9.04 12.63 -10.98
CA HIS C 339 -8.78 11.93 -9.74
C HIS C 339 -7.87 12.79 -8.89
N LEU C 340 -6.81 13.34 -9.50
CA LEU C 340 -5.90 14.21 -8.78
C LEU C 340 -6.69 15.35 -8.14
N GLU C 341 -7.75 15.77 -8.82
CA GLU C 341 -8.61 16.83 -8.33
C GLU C 341 -9.36 16.44 -7.08
N LEU C 342 -9.85 15.21 -7.05
CA LEU C 342 -10.60 14.71 -5.89
C LEU C 342 -9.70 14.24 -4.72
N SER C 343 -8.58 13.60 -5.06
CA SER C 343 -7.57 13.09 -4.13
C SER C 343 -7.14 11.69 -4.56
N VAL C 344 -5.93 11.30 -4.19
CA VAL C 344 -5.38 10.00 -4.57
C VAL C 344 -5.43 8.95 -3.46
N SER C 345 -4.67 9.18 -2.39
CA SER C 345 -4.64 8.24 -1.29
C SER C 345 -4.23 8.96 -0.01
N ARG C 346 -4.49 8.33 1.13
CA ARG C 346 -4.16 8.95 2.40
C ARG C 346 -2.68 9.25 2.52
N ASP C 347 -1.85 8.36 1.95
CA ASP C 347 -0.39 8.54 2.02
C ASP C 347 0.02 9.72 1.17
N ASN C 348 -0.56 9.78 -0.02
CA ASN C 348 -0.27 10.87 -0.93
C ASN C 348 -0.55 12.18 -0.21
N GLU C 349 -1.81 12.36 0.19
CA GLU C 349 -2.22 13.57 0.87
C GLU C 349 -1.38 13.88 2.10
N GLU C 350 -1.11 12.88 2.93
CA GLU C 350 -0.32 13.10 4.15
C GLU C 350 1.05 13.65 3.83
N LEU C 351 1.67 13.06 2.81
CA LEU C 351 3.00 13.43 2.34
C LEU C 351 3.10 14.90 1.91
N LEU C 352 2.22 15.30 0.98
CA LEU C 352 2.20 16.67 0.48
C LEU C 352 1.90 17.65 1.60
N CYS C 353 1.03 17.25 2.51
CA CYS C 353 0.70 18.14 3.61
C CYS C 353 1.95 18.47 4.40
N LYS C 354 2.71 17.45 4.76
CA LYS C 354 3.92 17.69 5.53
C LYS C 354 4.89 18.54 4.73
N ALA C 355 5.00 18.22 3.44
CA ALA C 355 5.88 18.96 2.57
C ALA C 355 5.58 20.46 2.66
N VAL C 356 4.32 20.81 2.38
CA VAL C 356 3.87 22.21 2.41
C VAL C 356 4.13 22.86 3.76
N ARG C 357 3.74 22.16 4.82
CA ARG C 357 3.92 22.69 6.16
C ARG C 357 5.39 22.88 6.51
N GLU C 358 6.23 21.90 6.20
CA GLU C 358 7.66 22.05 6.49
C GLU C 358 8.20 23.29 5.79
N ALA C 359 7.74 23.48 4.55
CA ALA C 359 8.16 24.61 3.74
C ALA C 359 7.78 25.92 4.40
N CYS C 360 6.54 26.01 4.87
CA CYS C 360 6.10 27.24 5.50
C CYS C 360 6.89 27.60 6.75
N LYS C 361 6.99 26.65 7.66
CA LYS C 361 7.71 26.87 8.90
C LYS C 361 9.14 27.31 8.61
N SER C 362 9.74 26.66 7.63
CA SER C 362 11.09 26.99 7.24
C SER C 362 11.20 28.43 6.76
N ALA C 363 10.28 28.84 5.89
CA ALA C 363 10.32 30.19 5.37
C ALA C 363 10.04 31.20 6.47
N LEU C 364 9.08 30.86 7.34
CA LEU C 364 8.71 31.74 8.45
C LEU C 364 9.90 32.11 9.30
N ALA C 365 10.72 31.11 9.58
CA ALA C 365 11.93 31.30 10.37
C ALA C 365 12.93 32.24 9.71
N GLY C 366 12.87 32.37 8.38
CA GLY C 366 13.80 33.23 7.68
C GLY C 366 13.66 34.73 7.91
N TYR C 367 12.55 35.17 8.49
CA TYR C 367 12.33 36.60 8.73
C TYR C 367 12.99 37.02 10.04
N HIS C 368 13.40 38.29 10.15
CA HIS C 368 14.06 38.76 11.37
C HIS C 368 13.21 39.61 12.28
N THR C 369 11.90 39.60 12.03
CA THR C 369 10.98 40.37 12.85
C THR C 369 9.70 39.58 12.95
N THR C 370 8.96 39.82 14.02
CA THR C 370 7.69 39.12 14.22
C THR C 370 6.58 40.02 13.70
N ILE C 371 5.42 39.44 13.46
CA ILE C 371 4.28 40.20 12.98
C ILE C 371 3.98 41.34 13.95
N GLU C 372 3.99 41.03 15.24
CA GLU C 372 3.71 42.01 16.30
C GLU C 372 4.69 43.18 16.20
N GLN C 373 5.96 42.88 15.93
CA GLN C 373 6.96 43.93 15.84
C GLN C 373 6.68 44.82 14.62
N ASP C 374 6.30 44.18 13.52
CA ASP C 374 5.99 44.88 12.28
C ASP C 374 4.79 45.78 12.51
N ARG C 375 3.77 45.22 13.13
CA ARG C 375 2.56 45.98 13.41
C ARG C 375 2.81 47.16 14.31
N GLU C 376 3.66 47.00 15.31
CA GLU C 376 3.94 48.11 16.20
C GLU C 376 4.72 49.17 15.41
N LEU C 377 5.59 48.71 14.52
CA LEU C 377 6.36 49.63 13.71
C LEU C 377 5.45 50.50 12.89
N LYS C 378 4.45 49.90 12.27
CA LYS C 378 3.52 50.64 11.42
C LYS C 378 2.74 51.71 12.18
N GLU C 379 2.58 51.48 13.47
CA GLU C 379 1.85 52.41 14.30
C GLU C 379 2.56 53.77 14.37
N GLY C 380 3.80 53.80 13.89
CA GLY C 380 4.56 55.04 13.91
C GLY C 380 4.84 55.60 12.53
N ASN C 381 5.63 56.66 12.47
CA ASN C 381 5.99 57.29 11.21
C ASN C 381 7.13 56.53 10.56
N LEU C 382 6.82 55.78 9.52
CA LEU C 382 7.83 55.02 8.81
C LEU C 382 8.20 55.72 7.51
N ASP C 383 9.38 55.41 7.00
CA ASP C 383 9.86 56.02 5.77
C ASP C 383 9.41 55.19 4.58
N SER C 384 9.26 55.83 3.43
CA SER C 384 8.82 55.17 2.22
C SER C 384 9.24 53.72 2.07
N ARG C 385 10.55 53.52 1.96
CA ARG C 385 11.09 52.17 1.78
C ARG C 385 11.00 51.28 3.00
N LEU C 386 11.10 51.88 4.18
CA LEU C 386 11.00 51.07 5.39
C LEU C 386 9.53 50.65 5.48
N ALA C 387 8.66 51.59 5.14
CA ALA C 387 7.24 51.34 5.15
C ALA C 387 6.90 50.17 4.22
N ILE C 388 7.41 50.23 2.99
CA ILE C 388 7.15 49.18 2.03
C ILE C 388 7.60 47.84 2.58
N ALA C 389 8.85 47.78 3.05
CA ALA C 389 9.39 46.53 3.60
C ALA C 389 8.51 45.96 4.72
N VAL C 390 8.24 46.77 5.75
CA VAL C 390 7.44 46.31 6.87
C VAL C 390 6.09 45.74 6.44
N GLY C 391 5.37 46.47 5.60
CA GLY C 391 4.09 45.98 5.13
C GLY C 391 4.23 44.68 4.36
N ILE C 392 5.21 44.62 3.46
CA ILE C 392 5.43 43.43 2.67
C ILE C 392 5.68 42.22 3.54
N ARG C 393 6.70 42.30 4.39
CA ARG C 393 7.05 41.17 5.25
C ARG C 393 5.93 40.78 6.21
N GLU C 394 5.20 41.77 6.72
CA GLU C 394 4.09 41.45 7.60
C GLU C 394 3.12 40.56 6.82
N GLY C 395 2.77 41.02 5.62
CA GLY C 395 1.84 40.29 4.79
C GLY C 395 2.29 38.90 4.41
N GLU C 396 3.54 38.75 3.97
CA GLU C 396 4.04 37.44 3.59
C GLU C 396 3.91 36.48 4.77
N LYS C 397 4.30 36.95 5.95
CA LYS C 397 4.23 36.12 7.14
C LYS C 397 2.78 35.69 7.42
N MET C 398 1.84 36.61 7.20
CA MET C 398 0.42 36.34 7.40
C MET C 398 -0.07 35.24 6.47
N VAL C 399 0.37 35.31 5.21
CA VAL C 399 -0.02 34.35 4.20
C VAL C 399 0.62 33.00 4.49
N LEU C 400 1.91 33.02 4.80
CA LEU C 400 2.63 31.78 5.09
C LEU C 400 1.87 31.07 6.21
N GLN C 401 1.55 31.80 7.27
CA GLN C 401 0.81 31.20 8.38
C GLN C 401 -0.56 30.71 7.93
N GLN C 402 -1.22 31.48 7.09
CA GLN C 402 -2.53 31.07 6.60
C GLN C 402 -2.41 29.73 5.88
N ILE C 403 -1.38 29.59 5.06
CA ILE C 403 -1.15 28.35 4.31
C ILE C 403 -0.93 27.20 5.28
N ASP C 404 -0.09 27.42 6.29
CA ASP C 404 0.21 26.38 7.27
C ASP C 404 -1.08 25.98 7.99
N GLY C 405 -1.88 26.98 8.34
CA GLY C 405 -3.13 26.68 9.02
C GLY C 405 -4.04 25.85 8.13
N ILE C 406 -4.13 26.22 6.86
CA ILE C 406 -4.97 25.49 5.93
C ILE C 406 -4.60 24.00 5.89
N PHE C 407 -3.30 23.73 5.77
CA PHE C 407 -2.81 22.36 5.66
C PHE C 407 -2.77 21.59 6.99
N GLU C 408 -2.66 22.32 8.10
CA GLU C 408 -2.68 21.69 9.40
C GLU C 408 -4.09 21.13 9.57
N GLN C 409 -5.07 21.94 9.17
CA GLN C 409 -6.47 21.55 9.23
C GLN C 409 -6.69 20.33 8.33
N LYS C 410 -6.00 20.31 7.19
CA LYS C 410 -6.12 19.19 6.27
C LYS C 410 -5.53 17.91 6.87
N GLU C 411 -4.53 18.08 7.74
CA GLU C 411 -3.93 16.93 8.37
C GLU C 411 -4.94 16.32 9.33
N LEU C 412 -5.64 17.15 10.06
CA LEU C 412 -6.65 16.63 10.98
C LEU C 412 -7.77 15.91 10.23
N GLU C 413 -8.26 16.51 9.15
CA GLU C 413 -9.36 15.94 8.38
C GLU C 413 -8.87 14.91 7.37
N LEU C 414 -7.66 14.41 7.58
CA LEU C 414 -7.05 13.45 6.69
C LEU C 414 -7.87 12.19 6.40
N ASP C 415 -8.77 11.82 7.30
CA ASP C 415 -9.57 10.62 7.09
C ASP C 415 -10.99 10.87 6.62
N GLN C 416 -11.33 12.15 6.46
CA GLN C 416 -12.65 12.56 6.00
C GLN C 416 -12.68 12.55 4.46
N LEU C 417 -11.50 12.61 3.84
CA LEU C 417 -11.41 12.62 2.38
C LEU C 417 -11.65 11.23 1.79
N GLU C 418 -12.54 11.12 0.82
CA GLU C 418 -12.71 9.80 0.24
C GLU C 418 -11.85 9.72 -1.00
N TYR C 419 -10.72 9.02 -0.86
CA TYR C 419 -9.74 8.86 -1.93
C TYR C 419 -10.18 7.97 -3.09
N TYR C 420 -9.29 7.80 -4.07
CA TYR C 420 -9.58 7.00 -5.26
C TYR C 420 -10.31 5.68 -5.03
N GLN C 421 -9.70 4.80 -4.24
CA GLN C 421 -10.31 3.50 -3.97
C GLN C 421 -11.73 3.62 -3.40
N GLU C 422 -11.87 4.35 -2.31
CA GLU C 422 -13.18 4.50 -1.72
C GLU C 422 -14.22 4.95 -2.75
N ARG C 423 -13.86 5.87 -3.62
CA ARG C 423 -14.80 6.36 -4.63
C ARG C 423 -15.11 5.25 -5.63
N ARG C 424 -14.14 4.36 -5.81
CA ARG C 424 -14.27 3.24 -6.74
C ARG C 424 -15.39 2.31 -6.24
N LEU C 425 -15.51 2.20 -4.92
CA LEU C 425 -16.51 1.35 -4.29
C LEU C 425 -17.58 2.16 -3.57
N LYS C 426 -18.48 2.78 -4.32
CA LYS C 426 -19.55 3.58 -3.71
C LYS C 426 -20.94 3.01 -3.92
N ASP C 427 -21.18 2.54 -5.14
CA ASP C 427 -22.48 1.99 -5.53
C ASP C 427 -22.44 0.46 -5.62
N LEU C 428 -21.98 -0.19 -4.57
CA LEU C 428 -21.89 -1.65 -4.59
C LEU C 428 -23.22 -2.38 -4.72
N GLY C 429 -24.23 -1.92 -3.97
CA GLY C 429 -25.52 -2.56 -4.03
C GLY C 429 -25.45 -3.95 -3.42
N LEU C 430 -24.71 -4.06 -2.32
CA LEU C 430 -24.54 -5.32 -1.61
C LEU C 430 -25.90 -5.75 -1.09
N CYS C 431 -26.62 -4.81 -0.51
CA CYS C 431 -27.95 -5.09 0.02
C CYS C 431 -29.00 -4.87 -1.04
N GLY C 432 -29.18 -5.84 -1.92
CA GLY C 432 -30.17 -5.71 -2.97
C GLY C 432 -31.32 -6.68 -2.71
N GLU C 433 -31.42 -7.69 -3.56
CA GLU C 433 -32.47 -8.70 -3.45
C GLU C 433 -31.81 -10.09 -3.53
N ASN C 434 -32.61 -11.13 -3.33
CA ASN C 434 -32.06 -12.48 -3.41
C ASN C 434 -32.18 -12.93 -4.86
N GLY C 435 -31.41 -12.29 -5.72
CA GLY C 435 -31.44 -12.59 -7.14
C GLY C 435 -31.30 -14.06 -7.47
N ASP C 436 -30.87 -14.85 -6.49
CA ASP C 436 -30.68 -16.28 -6.71
C ASP C 436 -32.00 -16.98 -6.94
N ILE C 437 -33.05 -16.48 -6.32
CA ILE C 437 -34.38 -17.08 -6.47
C ILE C 437 -34.91 -16.88 -7.86
N LEU C 438 -34.46 -15.81 -8.50
CA LEU C 438 -34.86 -15.49 -9.86
C LEU C 438 -34.05 -16.38 -10.80
N GLU C 439 -32.75 -16.44 -10.55
CA GLU C 439 -31.84 -17.25 -11.34
C GLU C 439 -32.43 -18.65 -11.53
N ASN C 440 -32.76 -19.30 -10.42
CA ASN C 440 -33.30 -20.66 -10.47
C ASN C 440 -34.55 -20.85 -11.32
N LEU C 441 -35.11 -19.76 -11.84
CA LEU C 441 -36.29 -19.84 -12.68
C LEU C 441 -35.96 -19.65 -14.15
N TYR C 442 -34.67 -19.76 -14.50
CA TYR C 442 -34.22 -19.60 -15.89
C TYR C 442 -34.00 -20.92 -16.61
N PHE C 443 -33.88 -22.02 -15.88
CA PHE C 443 -33.67 -23.33 -16.48
C PHE C 443 -34.90 -24.25 -16.34
#